data_8J1B
#
_entry.id   8J1B
#
loop_
_entity.id
_entity.type
_entity.pdbx_description
1 polymer 'Transient receptor potential cation channel subfamily V member 4'
2 non-polymer N-[(2S)-1-{4-[N-(2,4-dichlorobenzene-1-sulfonyl)-L-seryl]piperazin-1-yl}-4-methyl-1-oxopentan-2-yl]-1-benzothiophene-2-carboxamide
3 non-polymer 'ruthenium(6+) azanide pentaamino(oxido)ruthenium (1/4/2)'
#
_entity_poly.entity_id   1
_entity_poly.type   'polypeptide(L)'
_entity_poly.pdbx_seq_one_letter_code
;DYKDDDDKWSHPQFEKGGGGSGGSAWSHPQFEKEFAPAPQPPPILKVFNRPILFDIVSRGSTADLDGLLSFLLTHKKRLT
DEEFREPSTGKTCLPKALLNLSNGRNDTIPVLLDIAERTGNMREFINSPFRDIYYRGQTSLHIAIERRCKHYVELLVAQG
ADVHAQARGRFFQPKDEGGYFYFGELPLSLAACTNQPHIVNYLTENPHKKADMRRQDSRGNTVLHALVAIADNTRENTKF
VTKMYDLLLLKCSRLFPDSNLETVLNNDGLSPLMMAAKTGKIGVFQHIIRREVTDEDTRHLSRKFKDWAYGPVYSSLYDL
SSLDTCGEEVSVLEILVYNSKIENRHEMLAVEPINELLRDKWRKFGAVSFYINVVSYLCAMVIFTLTAYYQPLEGTPPYP
YRTTVDYLRLAGEVITLFTGVLFFFTSIKDLFTKKCPGVNSLFVDGSFQLLYFIYSVLVVVSAALYLAGIEAYLAVMVFA
LVLGWMNALYFTRGLKLTGTYSIMIQKILFKDLFRFLLVYLLFMIGYASALVTLLNPCTNMKVCDEDQSNCTVPTYPACR
DSETFSAFLLDLFKLTIGMGDLEMLSSAKYPVVFILLLVTYIILTFVLLLNMLIALMGETVGQVSKESKHIWKLQWATTI
LDIERSFPVFLRKAFRSGEMVTVGKSSDGTPDRRWCFRVDEVNWSHWNQNLGIINEDPGK
;
_entity_poly.pdbx_strand_id   A,B,C,D
#
loop_
_chem_comp.id
_chem_comp.type
_chem_comp.name
_chem_comp.formula
R2R non-polymer 'ruthenium(6+) azanide pentaamino(oxido)ruthenium (1/4/2)' 'H28 N14 O2 Ru3'
XQ3 non-polymer N-[(2S)-1-{4-[N-(2,4-dichlorobenzene-1-sulfonyl)-L-seryl]piperazin-1-yl}-4-methyl-1-oxopentan-2-yl]-1-benzothiophene-2-carboxamide 'C28 H32 Cl2 N4 O6 S2'
#
# COMPACT_ATOMS: atom_id res chain seq x y z
N VAL A 47 49.95 52.33 -1.45
CA VAL A 47 49.95 53.81 -1.49
C VAL A 47 50.04 54.35 -0.07
N PHE A 48 48.92 54.30 0.66
CA PHE A 48 48.88 54.71 2.06
C PHE A 48 48.52 53.58 2.99
N ASN A 49 47.54 52.75 2.64
CA ASN A 49 47.16 51.61 3.46
C ASN A 49 46.30 50.67 2.63
N ARG A 50 46.37 49.38 2.97
CA ARG A 50 45.62 48.37 2.21
C ARG A 50 44.12 48.62 2.22
N PRO A 51 43.47 48.98 3.34
CA PRO A 51 42.01 49.13 3.32
C PRO A 51 41.51 50.10 2.26
N ILE A 52 42.20 51.22 2.03
CA ILE A 52 41.73 52.17 1.02
C ILE A 52 41.87 51.56 -0.37
N LEU A 53 42.93 50.80 -0.61
CA LEU A 53 43.06 50.11 -1.89
C LEU A 53 41.90 49.14 -2.10
N PHE A 54 41.58 48.35 -1.07
CA PHE A 54 40.48 47.39 -1.20
C PHE A 54 39.15 48.11 -1.43
N ASP A 55 38.91 49.20 -0.71
CA ASP A 55 37.67 49.95 -0.90
C ASP A 55 37.60 50.54 -2.30
N ILE A 56 38.72 51.05 -2.80
CA ILE A 56 38.73 51.65 -4.13
C ILE A 56 38.44 50.60 -5.20
N VAL A 57 39.07 49.43 -5.08
CA VAL A 57 38.85 48.39 -6.09
C VAL A 57 37.41 47.88 -6.01
N SER A 58 36.87 47.75 -4.80
CA SER A 58 35.48 47.34 -4.67
C SER A 58 34.54 48.36 -5.31
N ARG A 59 34.81 49.65 -5.09
CA ARG A 59 34.00 50.69 -5.71
C ARG A 59 34.25 50.78 -7.21
N GLY A 60 35.43 50.35 -7.66
CA GLY A 60 35.74 50.40 -9.08
C GLY A 60 36.21 51.74 -9.58
N SER A 61 36.53 52.67 -8.69
CA SER A 61 37.02 53.98 -9.11
C SER A 61 38.40 53.85 -9.73
N THR A 62 38.60 54.50 -10.88
CA THR A 62 39.86 54.46 -11.60
C THR A 62 40.63 55.78 -11.55
N ALA A 63 39.94 56.91 -11.43
CA ALA A 63 40.64 58.20 -11.40
C ALA A 63 41.58 58.28 -10.20
N ASP A 64 41.12 57.83 -9.03
CA ASP A 64 41.97 57.87 -7.84
C ASP A 64 43.21 57.02 -8.01
N LEU A 65 43.05 55.84 -8.63
CA LEU A 65 44.21 54.96 -8.83
C LEU A 65 45.27 55.62 -9.70
N ASP A 66 44.86 56.51 -10.61
CA ASP A 66 45.82 57.18 -11.48
C ASP A 66 46.81 57.98 -10.65
N GLY A 67 48.09 57.90 -11.03
CA GLY A 67 49.14 58.60 -10.33
C GLY A 67 49.71 57.81 -9.17
N LEU A 68 48.87 57.01 -8.52
CA LEU A 68 49.34 56.21 -7.39
C LEU A 68 50.40 55.21 -7.83
N LEU A 69 50.31 54.72 -9.07
CA LEU A 69 51.35 53.85 -9.59
C LEU A 69 52.70 54.55 -9.63
N SER A 70 52.71 55.83 -10.03
CA SER A 70 53.95 56.60 -10.03
C SER A 70 54.49 56.74 -8.61
N PHE A 71 53.61 56.95 -7.63
CA PHE A 71 54.04 57.03 -6.23
C PHE A 71 54.67 55.71 -5.79
N LEU A 72 54.05 54.59 -6.16
CA LEU A 72 54.61 53.29 -5.81
C LEU A 72 55.99 53.10 -6.44
N LEU A 73 56.12 53.47 -7.72
CA LEU A 73 57.41 53.31 -8.39
C LEU A 73 58.47 54.19 -7.74
N THR A 74 58.12 55.43 -7.40
CA THR A 74 59.08 56.33 -6.76
C THR A 74 59.32 55.96 -5.30
N HIS A 75 58.40 55.26 -4.67
CA HIS A 75 58.52 54.86 -3.27
C HIS A 75 59.19 53.50 -3.11
N LYS A 76 59.64 52.88 -4.20
CA LYS A 76 60.29 51.58 -4.15
C LYS A 76 59.36 50.54 -3.53
N LYS A 77 58.16 50.44 -4.10
CA LYS A 77 57.14 49.51 -3.65
C LYS A 77 56.72 48.60 -4.80
N ARG A 78 56.37 47.37 -4.47
CA ARG A 78 55.91 46.38 -5.43
C ARG A 78 54.43 46.09 -5.20
N LEU A 79 53.69 45.89 -6.28
CA LEU A 79 52.27 45.59 -6.17
C LEU A 79 52.03 44.26 -5.45
N THR A 80 53.06 43.42 -5.33
CA THR A 80 52.97 42.15 -4.63
C THR A 80 53.54 42.22 -3.22
N ASP A 81 53.87 43.41 -2.73
CA ASP A 81 54.45 43.53 -1.41
C ASP A 81 53.44 43.10 -0.35
N GLU A 82 53.96 42.66 0.80
CA GLU A 82 53.11 42.10 1.83
C GLU A 82 52.08 43.11 2.33
N GLU A 83 52.49 44.36 2.54
CA GLU A 83 51.59 45.35 3.08
C GLU A 83 50.41 45.61 2.15
N PHE A 84 50.54 45.32 0.86
CA PHE A 84 49.43 45.42 -0.07
C PHE A 84 48.48 44.23 0.02
N ARG A 85 48.87 43.15 0.69
CA ARG A 85 48.08 41.93 0.76
C ARG A 85 47.73 41.64 2.21
N GLU A 86 46.49 41.22 2.43
CA GLU A 86 46.05 40.91 3.78
C GLU A 86 46.92 39.79 4.36
N PRO A 87 47.48 39.95 5.57
CA PRO A 87 48.42 38.95 6.07
C PRO A 87 47.79 37.60 6.37
N SER A 88 46.48 37.54 6.57
CA SER A 88 45.82 36.28 6.91
C SER A 88 45.45 35.48 5.66
N THR A 89 44.63 36.07 4.79
CA THR A 89 44.19 35.40 3.57
C THR A 89 45.12 35.65 2.39
N GLY A 90 46.09 36.55 2.52
CA GLY A 90 46.98 36.85 1.41
C GLY A 90 46.26 37.48 0.24
N LYS A 91 45.03 37.94 0.46
CA LYS A 91 44.25 38.52 -0.62
C LYS A 91 44.97 39.73 -1.21
N THR A 92 44.99 39.80 -2.54
CA THR A 92 45.51 40.95 -3.26
C THR A 92 44.35 41.72 -3.88
N CYS A 93 44.65 42.94 -4.32
CA CYS A 93 43.61 43.78 -4.91
C CYS A 93 42.94 43.10 -6.09
N LEU A 94 43.72 42.42 -6.92
CA LEU A 94 43.15 41.80 -8.12
C LEU A 94 42.08 40.75 -7.78
N PRO A 95 42.35 39.76 -6.92
CA PRO A 95 41.27 38.82 -6.56
C PRO A 95 40.08 39.50 -5.90
N LYS A 96 40.31 40.56 -5.14
CA LYS A 96 39.20 41.30 -4.53
C LYS A 96 38.30 41.89 -5.61
N ALA A 97 38.90 42.49 -6.65
CA ALA A 97 38.11 42.99 -7.76
C ALA A 97 37.42 41.85 -8.50
N LEU A 98 38.12 40.73 -8.69
CA LEU A 98 37.57 39.60 -9.42
C LEU A 98 36.41 38.94 -8.68
N LEU A 99 36.29 39.16 -7.37
CA LEU A 99 35.16 38.65 -6.59
C LEU A 99 34.15 39.74 -6.26
N ASN A 100 34.32 40.95 -6.83
CA ASN A 100 33.38 42.05 -6.65
C ASN A 100 32.84 42.51 -7.99
N LEU A 101 32.61 41.57 -8.91
CA LEU A 101 32.16 41.91 -10.25
C LEU A 101 30.88 42.73 -10.21
N SER A 102 30.90 43.89 -10.88
CA SER A 102 29.71 44.72 -11.05
C SER A 102 29.02 44.29 -12.34
N ASN A 103 28.33 43.15 -12.25
CA ASN A 103 27.75 42.50 -13.42
C ASN A 103 28.83 42.19 -14.47
N GLY A 104 30.02 41.85 -14.01
CA GLY A 104 31.13 41.53 -14.90
C GLY A 104 31.61 42.71 -15.71
N ARG A 105 31.67 43.91 -15.11
CA ARG A 105 32.12 45.10 -15.82
C ARG A 105 33.02 45.96 -14.95
N ASN A 106 33.78 45.35 -14.04
CA ASN A 106 34.77 46.08 -13.24
C ASN A 106 36.04 46.21 -14.08
N ASP A 107 36.14 47.31 -14.81
CA ASP A 107 37.24 47.55 -15.73
C ASP A 107 38.49 48.07 -15.03
N THR A 108 38.56 48.01 -13.71
CA THR A 108 39.75 48.45 -13.01
C THR A 108 40.89 47.44 -13.09
N ILE A 109 40.56 46.14 -13.13
CA ILE A 109 41.60 45.11 -13.08
C ILE A 109 42.63 45.27 -14.18
N PRO A 110 42.29 45.62 -15.42
CA PRO A 110 43.37 45.83 -16.40
C PRO A 110 44.37 46.88 -15.97
N VAL A 111 43.91 47.94 -15.33
CA VAL A 111 44.84 48.95 -14.82
C VAL A 111 45.73 48.35 -13.73
N LEU A 112 45.17 47.49 -12.88
CA LEU A 112 45.97 46.85 -11.85
C LEU A 112 47.05 45.97 -12.48
N LEU A 113 46.70 45.22 -13.53
CA LEU A 113 47.70 44.41 -14.21
C LEU A 113 48.77 45.28 -14.87
N ASP A 114 48.35 46.41 -15.45
CA ASP A 114 49.30 47.36 -16.03
C ASP A 114 50.31 47.82 -14.98
N ILE A 115 49.81 48.21 -13.81
CA ILE A 115 50.71 48.57 -12.71
C ILE A 115 51.58 47.39 -12.34
N ALA A 116 51.01 46.18 -12.40
CA ALA A 116 51.76 44.99 -11.99
C ALA A 116 53.01 44.79 -12.83
N GLU A 117 52.88 44.83 -14.16
CA GLU A 117 54.10 44.65 -14.95
C GLU A 117 54.95 45.91 -14.91
N ARG A 118 54.34 47.08 -14.74
CA ARG A 118 55.13 48.29 -14.56
C ARG A 118 55.99 48.22 -13.31
N THR A 119 55.44 47.68 -12.22
CA THR A 119 56.21 47.53 -10.98
C THR A 119 57.36 46.54 -11.15
N GLY A 120 57.34 45.73 -12.21
CA GLY A 120 58.36 44.75 -12.48
C GLY A 120 57.98 43.34 -12.07
N ASN A 121 56.95 43.18 -11.25
CA ASN A 121 56.47 41.88 -10.80
C ASN A 121 55.03 41.72 -11.27
N MET A 122 54.82 40.87 -12.27
CA MET A 122 53.48 40.58 -12.79
C MET A 122 53.11 39.12 -12.66
N ARG A 123 53.99 38.20 -13.06
CA ARG A 123 53.65 36.79 -13.02
C ARG A 123 53.29 36.35 -11.61
N GLU A 124 54.09 36.75 -10.61
CA GLU A 124 53.75 36.41 -9.24
C GLU A 124 52.54 37.19 -8.76
N PHE A 125 52.29 38.38 -9.32
CA PHE A 125 51.10 39.14 -8.94
C PHE A 125 49.83 38.39 -9.37
N ILE A 126 49.82 37.85 -10.59
CA ILE A 126 48.70 37.02 -11.01
C ILE A 126 48.63 35.75 -10.17
N ASN A 127 49.77 35.13 -9.92
CA ASN A 127 49.85 33.94 -9.07
C ASN A 127 49.96 34.39 -7.62
N SER A 128 48.80 34.71 -7.05
CA SER A 128 48.73 35.21 -5.68
C SER A 128 48.11 34.16 -4.78
N PRO A 129 48.87 33.14 -4.39
CA PRO A 129 48.30 32.07 -3.55
C PRO A 129 47.82 32.61 -2.21
N PHE A 130 46.72 32.05 -1.72
CA PHE A 130 46.23 32.37 -0.39
C PHE A 130 46.94 31.48 0.61
N ARG A 131 47.53 32.08 1.64
CA ARG A 131 48.28 31.35 2.64
C ARG A 131 47.42 30.84 3.79
N ASP A 132 46.16 31.25 3.87
CA ASP A 132 45.30 30.81 4.96
C ASP A 132 45.06 29.30 4.85
N ILE A 133 44.37 28.76 5.86
CA ILE A 133 44.02 27.36 5.89
C ILE A 133 42.62 27.12 5.33
N TYR A 134 41.68 28.03 5.62
CA TYR A 134 40.33 27.88 5.07
C TYR A 134 40.37 27.81 3.55
N TYR A 135 41.13 28.71 2.93
CA TYR A 135 41.39 28.67 1.50
C TYR A 135 42.87 28.35 1.26
N ARG A 136 43.24 28.29 -0.02
CA ARG A 136 44.62 28.07 -0.44
C ARG A 136 44.64 28.19 -1.95
N GLY A 137 45.84 28.32 -2.51
CA GLY A 137 45.95 28.50 -3.94
C GLY A 137 45.07 29.64 -4.38
N GLN A 138 43.97 29.32 -5.05
CA GLN A 138 42.93 30.30 -5.34
C GLN A 138 43.50 31.52 -6.07
N THR A 139 44.34 31.26 -7.06
CA THR A 139 44.92 32.33 -7.84
C THR A 139 43.80 33.07 -8.59
N SER A 140 44.15 34.14 -9.30
CA SER A 140 43.14 34.92 -9.99
C SER A 140 42.33 34.06 -10.95
N LEU A 141 42.95 33.02 -11.52
CA LEU A 141 42.24 32.20 -12.50
C LEU A 141 41.05 31.48 -11.89
N HIS A 142 41.22 30.92 -10.69
CA HIS A 142 40.10 30.25 -10.05
C HIS A 142 38.95 31.23 -9.80
N ILE A 143 39.26 32.43 -9.32
CA ILE A 143 38.22 33.42 -9.05
C ILE A 143 37.49 33.78 -10.35
N ALA A 144 38.26 34.09 -11.40
CA ALA A 144 37.63 34.53 -12.64
C ALA A 144 36.80 33.42 -13.26
N ILE A 145 37.32 32.19 -13.30
CA ILE A 145 36.59 31.08 -13.88
C ILE A 145 35.33 30.80 -13.08
N GLU A 146 35.43 30.84 -11.75
CA GLU A 146 34.29 30.54 -10.90
C GLU A 146 33.19 31.57 -11.05
N ARG A 147 33.54 32.82 -11.36
CA ARG A 147 32.56 33.91 -11.43
C ARG A 147 31.66 33.83 -12.66
N ARG A 148 31.71 32.74 -13.43
CA ARG A 148 30.88 32.61 -14.62
C ARG A 148 31.07 33.79 -15.55
N CYS A 149 32.33 34.21 -15.72
CA CYS A 149 32.68 35.36 -16.54
C CYS A 149 34.00 35.07 -17.25
N LYS A 150 33.95 34.88 -18.56
CA LYS A 150 35.14 34.66 -19.36
C LYS A 150 35.77 35.95 -19.85
N HIS A 151 35.10 37.09 -19.66
CA HIS A 151 35.63 38.36 -20.17
C HIS A 151 36.97 38.68 -19.55
N TYR A 152 37.10 38.51 -18.23
CA TYR A 152 38.37 38.77 -17.58
C TYR A 152 39.32 37.57 -17.66
N VAL A 153 38.78 36.37 -17.83
CA VAL A 153 39.62 35.17 -17.90
C VAL A 153 40.54 35.25 -19.11
N GLU A 154 40.03 35.73 -20.24
CA GLU A 154 40.83 35.79 -21.45
C GLU A 154 42.07 36.65 -21.24
N LEU A 155 41.87 37.87 -20.72
CA LEU A 155 43.02 38.76 -20.51
C LEU A 155 43.90 38.27 -19.37
N LEU A 156 43.32 37.64 -18.35
CA LEU A 156 44.13 37.12 -17.26
C LEU A 156 45.09 36.04 -17.74
N VAL A 157 44.59 35.11 -18.56
CA VAL A 157 45.46 34.07 -19.10
C VAL A 157 46.45 34.67 -20.11
N ALA A 158 45.97 35.56 -20.98
CA ALA A 158 46.81 36.08 -22.04
C ALA A 158 48.03 36.81 -21.48
N GLN A 159 47.83 37.63 -20.45
CA GLN A 159 48.95 38.29 -19.80
C GLN A 159 49.92 37.29 -19.20
N GLY A 160 49.46 36.08 -18.90
CA GLY A 160 50.30 35.05 -18.30
C GLY A 160 49.85 34.72 -16.90
N ALA A 161 49.12 33.62 -16.76
CA ALA A 161 48.62 33.16 -15.46
C ALA A 161 48.77 31.64 -15.40
N ASP A 162 49.25 31.16 -14.25
CA ASP A 162 49.47 29.73 -14.07
C ASP A 162 48.14 28.98 -14.15
N VAL A 163 47.97 28.15 -15.19
CA VAL A 163 46.75 27.39 -15.38
C VAL A 163 46.88 26.05 -14.68
N HIS A 164 47.90 25.90 -13.84
CA HIS A 164 48.12 24.70 -13.05
C HIS A 164 48.17 25.02 -11.57
N ALA A 165 47.49 26.08 -11.15
CA ALA A 165 47.47 26.45 -9.74
C ALA A 165 46.65 25.44 -8.96
N GLN A 166 47.24 24.90 -7.90
CA GLN A 166 46.61 23.87 -7.08
C GLN A 166 45.82 24.56 -5.96
N ALA A 167 44.50 24.43 -6.01
CA ALA A 167 43.62 24.95 -4.96
C ALA A 167 43.57 23.95 -3.79
N ARG A 168 44.72 23.82 -3.13
CA ARG A 168 44.90 22.82 -2.07
C ARG A 168 44.58 23.45 -0.71
N GLY A 169 43.28 23.66 -0.49
CA GLY A 169 42.81 24.26 0.75
C GLY A 169 41.74 23.39 1.39
N ARG A 170 41.50 23.65 2.67
CA ARG A 170 40.49 22.89 3.40
C ARG A 170 39.10 23.10 2.81
N PHE A 171 38.78 24.34 2.46
CA PHE A 171 37.46 24.63 1.90
C PHE A 171 37.22 23.92 0.58
N PHE A 172 38.27 23.52 -0.12
CA PHE A 172 38.14 22.88 -1.43
C PHE A 172 38.08 21.37 -1.35
N GLN A 173 38.32 20.79 -0.18
CA GLN A 173 38.25 19.34 -0.04
C GLN A 173 36.79 18.87 -0.11
N PRO A 174 36.58 17.59 -0.37
CA PRO A 174 35.20 17.08 -0.41
C PRO A 174 34.47 17.37 0.89
N LYS A 175 33.14 17.26 0.83
CA LYS A 175 32.31 17.55 2.00
C LYS A 175 32.71 16.68 3.19
N ASP A 176 33.16 15.45 2.93
CA ASP A 176 33.49 14.54 4.02
C ASP A 176 34.80 14.92 4.70
N GLU A 177 35.82 15.28 3.91
CA GLU A 177 37.15 15.54 4.44
C GLU A 177 37.31 16.92 5.06
N GLY A 178 36.21 17.61 5.34
CA GLY A 178 36.27 18.90 6.00
C GLY A 178 36.10 20.10 5.10
N GLY A 179 35.90 19.90 3.80
CA GLY A 179 35.69 20.98 2.86
C GLY A 179 34.23 21.14 2.50
N TYR A 180 33.98 22.05 1.56
CA TYR A 180 32.63 22.37 1.12
C TYR A 180 32.41 22.15 -0.37
N PHE A 181 33.46 22.24 -1.19
CA PHE A 181 33.33 22.12 -2.64
C PHE A 181 34.61 21.53 -3.20
N TYR A 182 34.51 20.34 -3.77
CA TYR A 182 35.63 19.66 -4.42
C TYR A 182 35.40 19.62 -5.92
N PHE A 183 36.37 20.11 -6.69
CA PHE A 183 36.23 20.22 -8.13
C PHE A 183 37.44 19.72 -8.91
N GLY A 184 38.54 19.34 -8.25
CA GLY A 184 39.73 18.89 -8.94
C GLY A 184 40.96 19.75 -8.68
N GLU A 185 40.84 20.84 -7.94
CA GLU A 185 41.98 21.68 -7.59
C GLU A 185 42.79 22.07 -8.82
N LEU A 186 42.07 22.50 -9.87
CA LEU A 186 42.72 22.95 -11.10
C LEU A 186 41.76 23.86 -11.84
N PRO A 187 42.25 24.94 -12.48
CA PRO A 187 41.31 25.85 -13.16
C PRO A 187 40.48 25.17 -14.24
N LEU A 188 41.07 24.24 -14.98
CA LEU A 188 40.33 23.56 -16.03
C LEU A 188 39.24 22.67 -15.44
N SER A 189 39.59 21.89 -14.42
CA SER A 189 38.58 21.08 -13.73
C SER A 189 37.55 21.97 -13.03
N LEU A 190 37.97 23.17 -12.60
CA LEU A 190 37.01 24.10 -12.02
C LEU A 190 36.00 24.57 -13.07
N ALA A 191 36.48 24.92 -14.26
CA ALA A 191 35.57 25.34 -15.32
C ALA A 191 34.63 24.22 -15.71
N ALA A 192 35.16 23.00 -15.82
CA ALA A 192 34.33 21.87 -16.21
C ALA A 192 33.29 21.55 -15.13
N CYS A 193 33.72 21.47 -13.88
CA CYS A 193 32.82 21.12 -12.79
C CYS A 193 31.78 22.22 -12.57
N THR A 194 32.21 23.48 -12.56
CA THR A 194 31.34 24.61 -12.29
C THR A 194 30.56 25.06 -13.53
N ASN A 195 30.47 24.22 -14.55
CA ASN A 195 29.65 24.47 -15.73
C ASN A 195 30.07 25.76 -16.45
N GLN A 196 31.30 25.73 -16.97
CA GLN A 196 31.81 26.80 -17.82
C GLN A 196 32.45 26.16 -19.06
N PRO A 197 31.66 25.51 -19.91
CA PRO A 197 32.24 24.85 -21.08
C PRO A 197 33.01 25.81 -21.98
N HIS A 198 32.54 27.04 -22.12
CA HIS A 198 33.27 28.02 -22.92
C HIS A 198 34.64 28.30 -22.33
N ILE A 199 34.73 28.37 -21.00
CA ILE A 199 36.02 28.56 -20.36
C ILE A 199 36.92 27.37 -20.66
N VAL A 200 36.38 26.16 -20.65
CA VAL A 200 37.17 24.98 -20.96
C VAL A 200 37.70 25.06 -22.39
N ASN A 201 36.82 25.42 -23.33
CA ASN A 201 37.23 25.52 -24.72
C ASN A 201 38.33 26.55 -24.90
N TYR A 202 38.22 27.68 -24.20
CA TYR A 202 39.23 28.72 -24.37
C TYR A 202 40.55 28.29 -23.71
N LEU A 203 40.48 27.70 -22.52
CA LEU A 203 41.68 27.33 -21.78
C LEU A 203 42.44 26.21 -22.47
N THR A 204 41.73 25.24 -23.03
CA THR A 204 42.36 24.09 -23.67
C THR A 204 42.84 24.39 -25.08
N GLU A 205 42.40 25.50 -25.69
CA GLU A 205 42.78 25.86 -27.04
C GLU A 205 43.12 27.34 -27.16
N ASN A 206 43.72 27.91 -26.12
CA ASN A 206 44.16 29.30 -26.20
C ASN A 206 45.54 29.38 -26.84
N PRO A 207 45.86 30.50 -27.52
CA PRO A 207 47.22 30.67 -28.02
C PRO A 207 48.27 30.64 -26.91
N HIS A 208 47.91 31.08 -25.72
CA HIS A 208 48.82 31.10 -24.58
C HIS A 208 48.85 29.71 -23.94
N LYS A 209 49.40 29.63 -22.72
CA LYS A 209 49.53 28.34 -22.04
C LYS A 209 48.19 27.62 -21.99
N LYS A 210 48.23 26.30 -22.16
CA LYS A 210 47.06 25.46 -22.09
C LYS A 210 47.19 24.50 -20.92
N ALA A 211 46.07 24.17 -20.29
CA ALA A 211 46.04 23.25 -19.17
C ALA A 211 45.89 21.83 -19.70
N ASP A 212 46.95 21.05 -19.61
CA ASP A 212 46.90 19.66 -20.06
C ASP A 212 45.89 18.88 -19.23
N MET A 213 45.01 18.16 -19.92
CA MET A 213 43.95 17.43 -19.22
C MET A 213 44.53 16.32 -18.35
N ARG A 214 45.56 15.63 -18.83
CA ARG A 214 46.10 14.51 -18.08
C ARG A 214 46.66 14.93 -16.73
N ARG A 215 47.01 16.21 -16.56
CA ARG A 215 47.51 16.67 -15.28
C ARG A 215 46.49 16.41 -14.19
N GLN A 216 46.97 15.93 -13.05
CA GLN A 216 46.12 15.54 -11.93
C GLN A 216 46.56 16.27 -10.67
N ASP A 217 45.58 16.55 -9.81
CA ASP A 217 45.83 17.30 -8.58
C ASP A 217 46.52 16.39 -7.57
N SER A 218 46.65 16.87 -6.33
CA SER A 218 47.32 16.10 -5.28
C SER A 218 46.65 14.74 -5.11
N ARG A 219 45.32 14.69 -5.19
CA ARG A 219 44.62 13.43 -5.08
C ARG A 219 44.80 12.55 -6.32
N GLY A 220 45.39 13.07 -7.38
CA GLY A 220 45.57 12.30 -8.59
C GLY A 220 44.30 12.11 -9.40
N ASN A 221 43.41 13.10 -9.40
CA ASN A 221 42.09 12.90 -9.98
C ASN A 221 42.11 13.01 -11.51
N THR A 222 42.54 14.16 -12.03
CA THR A 222 42.30 14.52 -13.43
C THR A 222 40.87 15.02 -13.57
N VAL A 223 40.58 15.72 -14.66
CA VAL A 223 39.30 16.39 -14.79
C VAL A 223 38.15 15.38 -14.74
N LEU A 224 38.33 14.21 -15.35
CA LEU A 224 37.25 13.24 -15.41
C LEU A 224 36.86 12.75 -14.03
N HIS A 225 37.85 12.45 -13.19
CA HIS A 225 37.53 11.96 -11.84
C HIS A 225 36.71 12.99 -11.08
N ALA A 226 37.15 14.25 -11.07
CA ALA A 226 36.43 15.29 -10.35
C ALA A 226 35.04 15.49 -10.94
N LEU A 227 34.93 15.55 -12.27
CA LEU A 227 33.64 15.72 -12.89
C LEU A 227 32.70 14.57 -12.54
N VAL A 228 33.25 13.38 -12.29
CA VAL A 228 32.45 12.30 -11.75
C VAL A 228 32.08 12.58 -10.29
N ALA A 229 33.01 13.17 -9.54
CA ALA A 229 32.79 13.38 -8.11
C ALA A 229 31.58 14.29 -7.88
N ILE A 230 31.54 15.44 -8.55
CA ILE A 230 30.44 16.37 -8.33
C ILE A 230 29.11 15.78 -8.78
N ALA A 231 29.13 14.76 -9.62
CA ALA A 231 27.89 14.22 -10.15
C ALA A 231 27.00 13.70 -9.04
N ASP A 232 25.69 13.84 -9.25
CA ASP A 232 24.69 13.32 -8.33
C ASP A 232 23.75 12.40 -9.10
N ASN A 233 22.65 12.00 -8.47
CA ASN A 233 21.66 11.14 -9.11
C ASN A 233 20.47 11.93 -9.66
N THR A 234 20.60 13.26 -9.76
CA THR A 234 19.52 14.10 -10.27
C THR A 234 19.46 13.98 -11.79
N ARG A 235 18.60 14.78 -12.42
CA ARG A 235 18.44 14.73 -13.87
C ARG A 235 19.34 15.75 -14.58
N GLU A 236 19.15 17.04 -14.27
CA GLU A 236 19.91 18.08 -14.96
C GLU A 236 21.40 17.93 -14.68
N ASN A 237 21.78 17.67 -13.43
CA ASN A 237 23.18 17.54 -13.10
C ASN A 237 23.80 16.34 -13.80
N THR A 238 23.10 15.21 -13.81
CA THR A 238 23.63 14.02 -14.48
C THR A 238 23.78 14.26 -15.98
N LYS A 239 22.77 14.86 -16.60
CA LYS A 239 22.83 15.13 -18.04
C LYS A 239 24.00 16.05 -18.36
N PHE A 240 24.15 17.14 -17.60
CA PHE A 240 25.25 18.05 -17.87
C PHE A 240 26.60 17.38 -17.65
N VAL A 241 26.71 16.59 -16.58
CA VAL A 241 27.99 15.95 -16.29
C VAL A 241 28.36 14.96 -17.39
N THR A 242 27.39 14.17 -17.87
CA THR A 242 27.70 13.25 -18.96
C THR A 242 28.07 14.00 -20.24
N LYS A 243 27.38 15.11 -20.51
CA LYS A 243 27.72 15.88 -21.70
C LYS A 243 29.15 16.41 -21.62
N MET A 244 29.52 17.01 -20.49
CA MET A 244 30.87 17.52 -20.34
C MET A 244 31.89 16.39 -20.33
N TYR A 245 31.53 15.23 -19.78
CA TYR A 245 32.42 14.09 -19.78
C TYR A 245 32.73 13.66 -21.21
N ASP A 246 31.70 13.54 -22.04
CA ASP A 246 31.92 13.18 -23.44
C ASP A 246 32.75 14.24 -24.14
N LEU A 247 32.43 15.52 -23.92
CA LEU A 247 33.19 16.58 -24.56
C LEU A 247 34.67 16.50 -24.20
N LEU A 248 34.97 16.39 -22.91
CA LEU A 248 36.35 16.38 -22.46
C LEU A 248 37.09 15.15 -22.96
N LEU A 249 36.44 13.98 -22.90
CA LEU A 249 37.09 12.76 -23.37
C LEU A 249 37.40 12.85 -24.85
N LEU A 250 36.43 13.34 -25.65
CA LEU A 250 36.68 13.49 -27.08
C LEU A 250 37.81 14.47 -27.35
N LYS A 251 37.84 15.59 -26.63
CA LYS A 251 38.90 16.57 -26.86
C LYS A 251 40.26 15.99 -26.52
N CYS A 252 40.37 15.28 -25.41
CA CYS A 252 41.65 14.69 -25.05
C CYS A 252 42.07 13.63 -26.05
N SER A 253 41.11 12.81 -26.51
CA SER A 253 41.43 11.79 -27.51
C SER A 253 41.95 12.43 -28.79
N ARG A 254 41.28 13.50 -29.25
CA ARG A 254 41.76 14.20 -30.44
C ARG A 254 43.15 14.77 -30.23
N LEU A 255 43.40 15.37 -29.07
CA LEU A 255 44.72 15.90 -28.80
C LEU A 255 45.76 14.80 -28.63
N PHE A 256 45.37 13.65 -28.08
CA PHE A 256 46.27 12.52 -27.88
C PHE A 256 45.51 11.22 -28.10
N PRO A 257 45.46 10.72 -29.33
CA PRO A 257 44.76 9.45 -29.58
C PRO A 257 45.48 8.23 -29.02
N ASP A 258 46.72 8.39 -28.53
CA ASP A 258 47.47 7.23 -28.05
C ASP A 258 46.74 6.55 -26.88
N SER A 259 46.24 7.34 -25.94
CA SER A 259 45.56 6.80 -24.77
C SER A 259 44.44 7.74 -24.35
N ASN A 260 43.25 7.19 -24.16
CA ASN A 260 42.13 7.98 -23.68
C ASN A 260 42.37 8.41 -22.24
N LEU A 261 41.81 9.57 -21.88
CA LEU A 261 42.07 10.14 -20.57
C LEU A 261 41.50 9.28 -19.44
N GLU A 262 40.51 8.46 -19.75
CA GLU A 262 39.86 7.66 -18.71
C GLU A 262 40.83 6.68 -18.05
N THR A 263 41.92 6.31 -18.72
CA THR A 263 42.83 5.31 -18.18
C THR A 263 43.51 5.80 -16.90
N VAL A 264 43.86 7.09 -16.86
CA VAL A 264 44.66 7.60 -15.75
C VAL A 264 44.00 7.26 -14.43
N LEU A 265 44.75 6.61 -13.54
CA LEU A 265 44.27 6.17 -12.25
C LEU A 265 44.67 7.17 -11.17
N ASN A 266 43.82 7.30 -10.16
CA ASN A 266 44.09 8.21 -9.05
C ASN A 266 44.97 7.54 -8.01
N ASN A 267 45.29 8.28 -6.95
CA ASN A 267 46.11 7.73 -5.88
C ASN A 267 45.48 6.48 -5.28
N ASP A 268 44.16 6.45 -5.16
CA ASP A 268 43.45 5.27 -4.71
C ASP A 268 43.30 4.23 -5.81
N GLY A 269 43.66 4.56 -7.04
CA GLY A 269 43.61 3.61 -8.14
C GLY A 269 42.22 3.18 -8.51
N LEU A 270 41.41 4.11 -9.02
CA LEU A 270 40.03 3.80 -9.42
C LEU A 270 39.78 4.07 -10.89
N SER A 271 40.16 5.22 -11.41
CA SER A 271 39.79 5.61 -12.77
C SER A 271 38.31 5.96 -12.80
N PRO A 272 37.88 6.83 -13.71
CA PRO A 272 36.53 7.41 -13.59
C PRO A 272 35.42 6.39 -13.46
N LEU A 273 35.47 5.30 -14.23
CA LEU A 273 34.37 4.33 -14.18
C LEU A 273 34.26 3.70 -12.80
N MET A 274 35.37 3.17 -12.27
CA MET A 274 35.31 2.53 -10.97
C MET A 274 35.03 3.55 -9.87
N MET A 275 35.51 4.78 -10.01
CA MET A 275 35.19 5.80 -9.02
C MET A 275 33.70 6.11 -9.01
N ALA A 276 33.09 6.19 -10.19
CA ALA A 276 31.63 6.41 -10.25
C ALA A 276 30.89 5.23 -9.66
N ALA A 277 31.38 4.01 -9.91
CA ALA A 277 30.75 2.82 -9.33
C ALA A 277 30.85 2.84 -7.81
N LYS A 278 32.01 3.22 -7.27
CA LYS A 278 32.22 3.19 -5.83
C LYS A 278 31.42 4.29 -5.13
N THR A 279 31.48 5.51 -5.66
CA THR A 279 30.85 6.63 -4.98
C THR A 279 29.33 6.54 -4.97
N GLY A 280 28.74 5.64 -5.76
CA GLY A 280 27.31 5.51 -5.83
C GLY A 280 26.65 6.25 -6.96
N LYS A 281 27.42 6.83 -7.87
CA LYS A 281 26.85 7.56 -9.00
C LYS A 281 26.10 6.59 -9.91
N ILE A 282 25.01 7.06 -10.51
CA ILE A 282 24.19 6.28 -11.42
C ILE A 282 24.08 6.95 -12.78
N GLY A 283 23.78 8.26 -12.78
CA GLY A 283 23.62 8.96 -14.05
C GLY A 283 24.89 8.92 -14.88
N VAL A 284 26.03 9.22 -14.26
CA VAL A 284 27.30 9.13 -14.97
C VAL A 284 27.65 7.67 -15.25
N PHE A 285 27.33 6.77 -14.32
CA PHE A 285 27.66 5.36 -14.51
C PHE A 285 26.89 4.76 -15.66
N GLN A 286 25.58 4.99 -15.72
CA GLN A 286 24.77 4.42 -16.79
C GLN A 286 25.29 4.85 -18.15
N HIS A 287 25.86 6.07 -18.24
CA HIS A 287 26.36 6.56 -19.51
C HIS A 287 27.73 5.98 -19.82
N ILE A 288 28.68 6.10 -18.89
CA ILE A 288 30.07 5.75 -19.17
C ILE A 288 30.17 4.29 -19.61
N ILE A 289 29.18 3.45 -19.25
CA ILE A 289 29.20 2.05 -19.64
C ILE A 289 28.50 1.81 -20.97
N ARG A 290 27.87 2.84 -21.54
CA ARG A 290 27.17 2.75 -22.82
C ARG A 290 27.57 3.92 -23.72
N ARG A 291 28.87 4.16 -23.81
CA ARG A 291 29.42 5.28 -24.54
C ARG A 291 29.95 4.82 -25.89
N GLU A 292 29.34 5.31 -26.96
CA GLU A 292 29.76 4.99 -28.32
C GLU A 292 29.98 6.28 -29.10
N VAL A 293 30.99 6.26 -29.96
CA VAL A 293 31.41 7.43 -30.72
C VAL A 293 31.38 7.08 -32.20
N THR A 294 31.06 8.07 -33.03
CA THR A 294 30.81 7.83 -34.45
C THR A 294 32.11 7.73 -35.25
N ASP A 295 32.88 8.82 -35.28
CA ASP A 295 34.06 8.86 -36.14
C ASP A 295 35.11 7.86 -35.66
N GLU A 296 35.75 7.19 -36.62
CA GLU A 296 36.68 6.11 -36.29
C GLU A 296 37.87 6.62 -35.49
N ASP A 297 38.39 7.80 -35.83
CA ASP A 297 39.55 8.33 -35.12
C ASP A 297 39.29 8.46 -33.64
N THR A 298 38.04 8.60 -33.23
CA THR A 298 37.67 8.68 -31.83
C THR A 298 36.61 7.64 -31.45
N ARG A 299 36.46 6.59 -32.27
CA ARG A 299 35.54 5.51 -31.93
C ARG A 299 36.17 4.47 -31.03
N HIS A 300 37.51 4.35 -31.05
CA HIS A 300 38.16 3.31 -30.27
C HIS A 300 37.82 3.40 -28.78
N LEU A 301 37.55 4.60 -28.29
CA LEU A 301 37.19 4.79 -26.89
C LEU A 301 35.71 4.54 -26.61
N SER A 302 35.02 3.86 -27.53
CA SER A 302 33.62 3.52 -27.33
C SER A 302 33.50 2.23 -26.50
N ARG A 303 32.31 2.03 -25.93
CA ARG A 303 32.00 0.81 -25.20
C ARG A 303 30.91 0.00 -25.90
N LYS A 304 29.75 0.60 -26.16
CA LYS A 304 28.59 -0.13 -26.68
C LYS A 304 28.69 -0.21 -28.19
N PHE A 305 29.52 -1.14 -28.66
CA PHE A 305 29.63 -1.39 -30.08
C PHE A 305 28.32 -1.93 -30.63
N LYS A 306 28.27 -2.12 -31.95
CA LYS A 306 27.15 -2.77 -32.61
C LYS A 306 27.70 -3.94 -33.43
N ASP A 307 27.07 -5.11 -33.28
CA ASP A 307 27.54 -6.33 -33.92
C ASP A 307 26.79 -6.63 -35.20
N TRP A 308 25.48 -6.77 -35.12
CA TRP A 308 24.65 -6.97 -36.31
C TRP A 308 23.19 -6.84 -35.89
N ALA A 309 22.32 -6.76 -36.90
CA ALA A 309 20.89 -6.67 -36.67
C ALA A 309 20.18 -7.58 -37.68
N TYR A 310 19.02 -8.08 -37.28
CA TYR A 310 18.19 -8.92 -38.12
C TYR A 310 16.75 -8.41 -38.11
N GLY A 311 16.61 -7.10 -38.29
CA GLY A 311 15.30 -6.47 -38.29
C GLY A 311 14.95 -5.96 -36.90
N PRO A 312 14.07 -6.65 -36.19
CA PRO A 312 13.72 -6.22 -34.83
C PRO A 312 14.58 -6.80 -33.72
N VAL A 313 15.71 -7.44 -34.05
CA VAL A 313 16.65 -7.96 -33.07
C VAL A 313 17.98 -7.24 -33.27
N TYR A 314 18.52 -6.69 -32.20
CA TYR A 314 19.76 -5.93 -32.23
C TYR A 314 20.75 -6.54 -31.24
N SER A 315 21.93 -6.87 -31.72
CA SER A 315 22.98 -7.48 -30.89
C SER A 315 23.98 -6.39 -30.52
N SER A 316 23.77 -5.78 -29.36
CA SER A 316 24.68 -4.75 -28.87
C SER A 316 25.88 -5.41 -28.19
N LEU A 317 27.08 -5.07 -28.68
CA LEU A 317 28.30 -5.73 -28.24
C LEU A 317 29.00 -4.86 -27.19
N TYR A 318 28.51 -4.96 -25.96
CA TYR A 318 29.10 -4.19 -24.86
C TYR A 318 30.56 -4.59 -24.64
N ASP A 319 31.41 -3.59 -24.47
CA ASP A 319 32.85 -3.82 -24.27
C ASP A 319 33.20 -3.73 -22.79
N LEU A 320 32.72 -4.72 -22.03
CA LEU A 320 33.04 -4.81 -20.61
C LEU A 320 34.49 -5.28 -20.47
N SER A 321 35.41 -4.34 -20.69
CA SER A 321 36.83 -4.63 -20.56
C SER A 321 37.32 -4.55 -19.12
N SER A 322 36.54 -3.93 -18.22
CA SER A 322 36.96 -3.81 -16.83
C SER A 322 35.81 -4.06 -15.85
N LEU A 323 34.81 -4.82 -16.25
CA LEU A 323 33.76 -5.25 -15.32
C LEU A 323 34.02 -6.61 -14.72
N ASP A 324 35.11 -7.27 -15.13
CA ASP A 324 35.58 -8.47 -14.44
C ASP A 324 37.00 -8.75 -14.94
N THR A 325 37.95 -8.84 -14.02
CA THR A 325 39.35 -9.05 -14.37
C THR A 325 39.79 -10.49 -14.21
N CYS A 326 38.86 -11.41 -13.97
CA CYS A 326 39.19 -12.81 -13.76
C CYS A 326 40.12 -12.99 -12.55
N GLY A 327 39.97 -12.09 -11.57
CA GLY A 327 40.83 -12.13 -10.39
C GLY A 327 42.20 -11.55 -10.58
N GLU A 328 42.52 -11.03 -11.77
CA GLU A 328 43.86 -10.51 -12.02
C GLU A 328 44.07 -9.17 -11.32
N GLU A 329 43.07 -8.29 -11.37
CA GLU A 329 43.19 -6.96 -10.79
C GLU A 329 41.82 -6.55 -10.25
N VAL A 330 41.67 -5.26 -9.96
CA VAL A 330 40.40 -4.71 -9.48
C VAL A 330 39.43 -4.63 -10.65
N SER A 331 38.15 -4.89 -10.36
CA SER A 331 37.11 -4.91 -11.38
C SER A 331 35.92 -4.11 -10.90
N VAL A 332 35.17 -3.55 -11.86
CA VAL A 332 34.04 -2.70 -11.52
C VAL A 332 32.93 -3.49 -10.85
N LEU A 333 32.77 -4.76 -11.21
CA LEU A 333 31.70 -5.57 -10.63
C LEU A 333 31.99 -5.88 -9.16
N GLU A 334 33.24 -6.27 -8.87
CA GLU A 334 33.61 -6.55 -7.48
C GLU A 334 33.42 -5.32 -6.61
N ILE A 335 33.86 -4.17 -7.08
CA ILE A 335 33.69 -2.93 -6.33
C ILE A 335 32.20 -2.62 -6.16
N LEU A 336 31.43 -2.78 -7.23
CA LEU A 336 30.01 -2.44 -7.18
C LEU A 336 29.28 -3.30 -6.16
N VAL A 337 29.62 -4.58 -6.08
CA VAL A 337 28.86 -5.52 -5.26
C VAL A 337 29.40 -5.58 -3.83
N TYR A 338 30.68 -5.89 -3.64
CA TYR A 338 31.20 -6.10 -2.29
C TYR A 338 31.13 -4.82 -1.46
N ASN A 339 31.46 -3.68 -2.05
CA ASN A 339 31.49 -2.44 -1.31
C ASN A 339 30.15 -2.16 -0.65
N SER A 340 30.19 -1.76 0.61
CA SER A 340 28.98 -1.45 1.38
C SER A 340 28.59 0.01 1.31
N LYS A 341 29.50 0.89 0.90
CA LYS A 341 29.20 2.32 0.83
C LYS A 341 28.23 2.63 -0.31
N ILE A 342 28.04 1.72 -1.25
CA ILE A 342 27.17 1.99 -2.39
C ILE A 342 25.77 2.32 -1.90
N GLU A 343 25.20 3.41 -2.41
CA GLU A 343 23.86 3.83 -2.06
C GLU A 343 22.82 3.47 -3.11
N ASN A 344 23.24 3.31 -4.37
CA ASN A 344 22.33 3.01 -5.47
C ASN A 344 22.66 1.65 -6.10
N ARG A 345 23.16 0.72 -5.28
CA ARG A 345 23.58 -0.57 -5.82
C ARG A 345 22.46 -1.27 -6.58
N HIS A 346 21.21 -1.04 -6.20
CA HIS A 346 20.08 -1.71 -6.84
C HIS A 346 20.10 -1.48 -8.35
N GLU A 347 19.93 -0.23 -8.77
CA GLU A 347 19.90 0.08 -10.19
C GLU A 347 21.28 -0.08 -10.82
N MET A 348 22.34 0.20 -10.08
CA MET A 348 23.69 0.11 -10.65
C MET A 348 24.01 -1.32 -11.06
N LEU A 349 23.54 -2.31 -10.30
CA LEU A 349 23.71 -3.69 -10.72
C LEU A 349 22.95 -3.95 -12.02
N ALA A 350 21.75 -3.39 -12.16
CA ALA A 350 20.90 -3.61 -13.31
C ALA A 350 21.11 -2.59 -14.42
N VAL A 351 22.32 -2.02 -14.52
CA VAL A 351 22.59 -1.08 -15.61
C VAL A 351 22.30 -1.74 -16.96
N GLU A 352 22.76 -2.97 -17.14
CA GLU A 352 22.38 -3.88 -18.23
C GLU A 352 23.51 -4.85 -18.49
N PRO A 353 24.69 -4.41 -18.92
CA PRO A 353 25.79 -5.35 -19.12
C PRO A 353 26.17 -6.08 -17.84
N ILE A 354 26.04 -5.43 -16.68
CA ILE A 354 26.40 -6.08 -15.42
C ILE A 354 25.43 -7.21 -15.11
N ASN A 355 24.13 -6.94 -15.23
CA ASN A 355 23.13 -7.95 -14.91
C ASN A 355 23.24 -9.16 -15.84
N GLU A 356 23.39 -8.91 -17.14
CA GLU A 356 23.50 -10.02 -18.08
C GLU A 356 24.84 -10.73 -17.92
N LEU A 357 25.89 -10.00 -17.53
CA LEU A 357 27.16 -10.65 -17.22
C LEU A 357 27.01 -11.61 -16.05
N LEU A 358 26.29 -11.19 -15.01
CA LEU A 358 26.03 -12.08 -13.89
C LEU A 358 25.20 -13.27 -14.31
N ARG A 359 24.21 -13.04 -15.19
CA ARG A 359 23.43 -14.14 -15.72
C ARG A 359 24.34 -15.16 -16.40
N ASP A 360 25.20 -14.70 -17.30
CA ASP A 360 26.09 -15.60 -18.02
C ASP A 360 27.03 -16.33 -17.06
N LYS A 361 27.56 -15.61 -16.08
CA LYS A 361 28.43 -16.26 -15.09
C LYS A 361 27.66 -17.34 -14.35
N TRP A 362 26.40 -17.10 -14.04
CA TRP A 362 25.57 -18.12 -13.40
C TRP A 362 25.42 -19.34 -14.32
N ARG A 363 25.19 -19.11 -15.60
CA ARG A 363 25.04 -20.21 -16.54
C ARG A 363 26.26 -21.12 -16.52
N LYS A 364 27.42 -20.58 -16.90
CA LYS A 364 28.65 -21.36 -17.01
C LYS A 364 29.45 -21.27 -15.72
N PHE A 365 29.66 -22.40 -15.07
CA PHE A 365 30.53 -22.48 -13.88
C PHE A 365 30.06 -21.53 -12.79
N GLY A 366 28.76 -21.27 -12.72
CA GLY A 366 28.20 -20.44 -11.67
C GLY A 366 27.21 -21.18 -10.80
N ALA A 367 26.49 -22.13 -11.41
CA ALA A 367 25.50 -22.93 -10.70
C ALA A 367 26.00 -24.33 -10.36
N VAL A 368 26.82 -24.93 -11.24
CA VAL A 368 27.38 -26.24 -10.93
C VAL A 368 28.20 -26.16 -9.66
N SER A 369 29.01 -25.11 -9.52
CA SER A 369 29.79 -24.93 -8.31
C SER A 369 28.90 -24.74 -7.10
N PHE A 370 27.81 -23.99 -7.27
CA PHE A 370 26.86 -23.77 -6.18
C PHE A 370 26.29 -25.09 -5.67
N TYR A 371 25.84 -25.94 -6.60
CA TYR A 371 25.21 -27.19 -6.20
C TYR A 371 26.23 -28.18 -5.63
N ILE A 372 27.42 -28.28 -6.23
CA ILE A 372 28.40 -29.18 -5.64
C ILE A 372 28.85 -28.65 -4.30
N ASN A 373 28.86 -27.33 -4.11
CA ASN A 373 29.20 -26.76 -2.82
C ASN A 373 28.20 -27.18 -1.75
N VAL A 374 26.90 -27.10 -2.06
CA VAL A 374 25.92 -27.51 -1.07
C VAL A 374 26.00 -29.01 -0.81
N VAL A 375 26.22 -29.80 -1.85
CA VAL A 375 26.37 -31.24 -1.65
C VAL A 375 27.53 -31.51 -0.72
N SER A 376 28.69 -30.90 -0.99
CA SER A 376 29.88 -31.16 -0.20
C SER A 376 29.70 -30.68 1.24
N TYR A 377 29.05 -29.53 1.43
CA TYR A 377 28.91 -29.00 2.78
C TYR A 377 27.89 -29.79 3.59
N LEU A 378 26.77 -30.17 2.96
CA LEU A 378 25.82 -31.04 3.66
C LEU A 378 26.46 -32.38 4.00
N CYS A 379 27.31 -32.90 3.11
CA CYS A 379 28.02 -34.12 3.42
C CYS A 379 29.00 -33.95 4.58
N ALA A 380 29.78 -32.88 4.57
CA ALA A 380 30.76 -32.63 5.63
C ALA A 380 30.11 -32.20 6.94
N MET A 381 28.82 -31.87 6.91
CA MET A 381 28.06 -31.64 8.14
C MET A 381 27.34 -32.89 8.61
N VAL A 382 26.93 -33.77 7.71
CA VAL A 382 26.37 -35.05 8.13
C VAL A 382 27.46 -35.94 8.71
N ILE A 383 28.65 -35.95 8.11
CA ILE A 383 29.77 -36.71 8.68
C ILE A 383 30.31 -36.08 9.95
N PHE A 384 29.88 -34.87 10.28
CA PHE A 384 30.17 -34.28 11.59
C PHE A 384 29.07 -34.60 12.59
N THR A 385 27.82 -34.55 12.14
CA THR A 385 26.69 -34.92 12.99
C THR A 385 26.82 -36.36 13.47
N LEU A 386 27.10 -37.28 12.55
CA LEU A 386 27.17 -38.70 12.90
C LEU A 386 28.41 -39.02 13.71
N THR A 387 29.48 -38.24 13.57
CA THR A 387 30.63 -38.38 14.45
C THR A 387 30.44 -37.69 15.79
N ALA A 388 29.44 -36.81 15.89
CA ALA A 388 29.11 -36.21 17.18
C ALA A 388 28.21 -37.11 18.00
N TYR A 389 27.12 -37.61 17.42
CA TYR A 389 26.23 -38.47 18.18
C TYR A 389 26.90 -39.81 18.52
N TYR A 390 27.75 -40.33 17.63
CA TYR A 390 28.50 -41.54 17.89
C TYR A 390 29.78 -41.29 18.67
N GLN A 391 29.87 -40.16 19.38
CA GLN A 391 31.06 -39.78 20.14
C GLN A 391 31.66 -40.99 20.85
N PRO A 392 32.99 -41.18 20.78
CA PRO A 392 33.61 -42.30 21.51
C PRO A 392 33.02 -42.55 22.88
N LEU A 393 32.77 -43.83 23.18
CA LEU A 393 32.08 -44.22 24.39
C LEU A 393 33.10 -44.45 25.51
N GLU A 394 32.64 -45.03 26.63
CA GLU A 394 33.52 -45.52 27.68
C GLU A 394 34.15 -44.39 28.51
N GLY A 395 33.94 -43.14 28.11
CA GLY A 395 34.60 -42.04 28.78
C GLY A 395 36.10 -42.14 28.61
N THR A 396 36.83 -41.06 28.93
CA THR A 396 38.27 -41.05 28.71
C THR A 396 38.58 -41.48 27.29
N PRO A 397 38.18 -40.72 26.28
CA PRO A 397 38.52 -41.07 24.89
C PRO A 397 39.75 -40.34 24.40
N PRO A 398 40.96 -40.67 24.88
CA PRO A 398 42.15 -40.05 24.25
C PRO A 398 42.39 -40.58 22.85
N TYR A 399 42.42 -41.91 22.71
CA TYR A 399 42.64 -42.58 21.44
C TYR A 399 41.88 -43.89 21.40
N PRO A 400 40.55 -43.87 21.48
CA PRO A 400 39.77 -45.11 21.54
C PRO A 400 39.46 -45.75 20.20
N TYR A 401 40.01 -45.26 19.10
CA TYR A 401 39.74 -45.83 17.78
C TYR A 401 40.36 -47.22 17.69
N ARG A 402 39.53 -48.25 17.77
CA ARG A 402 40.02 -49.63 17.77
C ARG A 402 39.44 -50.48 16.64
N THR A 403 38.12 -50.47 16.46
CA THR A 403 37.45 -51.45 15.61
C THR A 403 36.99 -50.82 14.31
N THR A 404 36.32 -51.63 13.48
CA THR A 404 35.96 -51.19 12.13
C THR A 404 34.99 -50.02 12.17
N VAL A 405 33.89 -50.15 12.93
CA VAL A 405 32.94 -49.04 13.04
C VAL A 405 33.62 -47.84 13.70
N ASP A 406 34.44 -48.10 14.72
CA ASP A 406 35.16 -47.00 15.36
C ASP A 406 36.21 -46.43 14.42
N TYR A 407 36.77 -47.26 13.54
CA TYR A 407 37.68 -46.74 12.52
C TYR A 407 36.94 -45.82 11.55
N LEU A 408 35.72 -46.18 11.17
CA LEU A 408 34.90 -45.31 10.33
C LEU A 408 34.57 -44.00 11.05
N ARG A 409 34.30 -44.09 12.35
CA ARG A 409 34.09 -42.87 13.14
C ARG A 409 35.34 -42.01 13.16
N LEU A 410 36.51 -42.62 13.29
CA LEU A 410 37.77 -41.87 13.17
C LEU A 410 37.90 -41.24 11.79
N ALA A 411 37.49 -41.95 10.74
CA ALA A 411 37.53 -41.39 9.39
C ALA A 411 36.67 -40.13 9.31
N GLY A 412 35.45 -40.21 9.85
CA GLY A 412 34.60 -39.04 9.89
C GLY A 412 35.21 -37.89 10.68
N GLU A 413 35.79 -38.19 11.84
CA GLU A 413 36.39 -37.15 12.67
C GLU A 413 37.56 -36.49 11.97
N VAL A 414 38.40 -37.28 11.29
CA VAL A 414 39.55 -36.71 10.60
C VAL A 414 39.08 -35.89 9.40
N ILE A 415 38.03 -36.34 8.72
CA ILE A 415 37.46 -35.53 7.64
C ILE A 415 36.99 -34.19 8.19
N THR A 416 36.32 -34.21 9.35
CA THR A 416 35.87 -32.97 9.96
C THR A 416 37.04 -32.05 10.32
N LEU A 417 38.10 -32.62 10.91
CA LEU A 417 39.24 -31.79 11.29
C LEU A 417 39.95 -31.23 10.06
N PHE A 418 40.08 -32.03 9.02
CA PHE A 418 40.69 -31.56 7.77
C PHE A 418 39.88 -30.42 7.18
N THR A 419 38.55 -30.58 7.14
CA THR A 419 37.71 -29.51 6.62
C THR A 419 37.79 -28.28 7.51
N GLY A 420 37.94 -28.46 8.82
CA GLY A 420 38.07 -27.34 9.72
C GLY A 420 39.34 -26.54 9.50
N VAL A 421 40.47 -27.23 9.32
CA VAL A 421 41.72 -26.51 9.07
C VAL A 421 41.70 -25.88 7.68
N LEU A 422 41.12 -26.57 6.69
CA LEU A 422 40.94 -25.97 5.39
C LEU A 422 40.10 -24.72 5.48
N PHE A 423 39.05 -24.75 6.30
CA PHE A 423 38.19 -23.59 6.50
C PHE A 423 38.97 -22.46 7.15
N PHE A 424 39.81 -22.79 8.14
CA PHE A 424 40.69 -21.81 8.75
C PHE A 424 41.52 -21.10 7.68
N PHE A 425 42.20 -21.88 6.85
CA PHE A 425 43.03 -21.28 5.80
C PHE A 425 42.21 -20.41 4.87
N THR A 426 41.07 -20.94 4.39
CA THR A 426 40.23 -20.17 3.47
C THR A 426 39.69 -18.90 4.11
N SER A 427 39.62 -18.85 5.44
CA SER A 427 39.11 -17.69 6.14
C SER A 427 40.18 -16.66 6.48
N ILE A 428 41.43 -17.08 6.68
CA ILE A 428 42.53 -16.17 6.99
C ILE A 428 43.41 -15.91 5.78
N LYS A 429 43.63 -16.94 4.95
CA LYS A 429 44.45 -16.76 3.76
C LYS A 429 43.83 -15.74 2.82
N ASP A 430 42.51 -15.63 2.82
CA ASP A 430 41.81 -14.68 1.97
C ASP A 430 41.53 -13.38 2.73
N PHE A 448 28.81 -13.99 6.29
CA PHE A 448 29.06 -15.25 6.98
C PHE A 448 30.53 -15.61 6.91
N GLN A 449 31.37 -14.73 7.45
CA GLN A 449 32.81 -14.96 7.51
C GLN A 449 33.34 -15.03 8.94
N LEU A 450 32.80 -14.19 9.83
CA LEU A 450 33.22 -14.27 11.23
C LEU A 450 32.66 -15.52 11.90
N LEU A 451 31.37 -15.81 11.66
CA LEU A 451 30.81 -17.07 12.15
C LEU A 451 31.59 -18.26 11.62
N TYR A 452 32.09 -18.15 10.40
CA TYR A 452 32.92 -19.18 9.79
C TYR A 452 34.27 -19.35 10.47
N PHE A 453 34.96 -18.26 10.78
CA PHE A 453 36.18 -18.36 11.55
C PHE A 453 35.90 -18.96 12.93
N ILE A 454 34.76 -18.60 13.53
CA ILE A 454 34.39 -19.18 14.82
C ILE A 454 34.22 -20.67 14.70
N TYR A 455 33.50 -21.12 13.68
CA TYR A 455 33.34 -22.56 13.46
C TYR A 455 34.70 -23.24 13.34
N SER A 456 35.59 -22.68 12.52
CA SER A 456 36.87 -23.33 12.29
C SER A 456 37.68 -23.43 13.58
N VAL A 457 37.75 -22.32 14.35
CA VAL A 457 38.54 -22.33 15.56
C VAL A 457 37.91 -23.27 16.59
N LEU A 458 36.58 -23.33 16.65
CA LEU A 458 35.93 -24.22 17.60
C LEU A 458 36.21 -25.67 17.27
N VAL A 459 36.14 -26.04 15.98
CA VAL A 459 36.45 -27.42 15.61
C VAL A 459 37.91 -27.74 15.90
N VAL A 460 38.81 -26.77 15.68
CA VAL A 460 40.21 -27.00 15.99
C VAL A 460 40.41 -27.24 17.48
N VAL A 461 39.77 -26.41 18.31
CA VAL A 461 39.87 -26.60 19.76
C VAL A 461 39.33 -27.96 20.16
N SER A 462 38.20 -28.35 19.57
CA SER A 462 37.61 -29.64 19.89
C SER A 462 38.54 -30.79 19.52
N ALA A 463 39.15 -30.72 18.35
CA ALA A 463 40.09 -31.77 17.94
C ALA A 463 41.28 -31.82 18.89
N ALA A 464 41.80 -30.65 19.27
CA ALA A 464 42.95 -30.63 20.18
C ALA A 464 42.59 -31.25 21.53
N LEU A 465 41.43 -30.88 22.07
CA LEU A 465 41.02 -31.43 23.36
C LEU A 465 40.77 -32.93 23.26
N TYR A 466 40.19 -33.38 22.14
CA TYR A 466 40.00 -34.82 21.95
C TYR A 466 41.35 -35.54 21.91
N LEU A 467 42.33 -34.98 21.21
CA LEU A 467 43.67 -35.58 21.24
C LEU A 467 44.26 -35.55 22.63
N ALA A 468 43.85 -34.58 23.46
CA ALA A 468 44.24 -34.56 24.86
C ALA A 468 43.39 -35.50 25.71
N GLY A 469 42.27 -36.00 25.18
CA GLY A 469 41.44 -36.95 25.91
C GLY A 469 40.87 -36.40 27.19
N ILE A 470 40.32 -35.18 27.14
CA ILE A 470 39.82 -34.49 28.33
C ILE A 470 38.31 -34.63 28.38
N GLU A 471 37.80 -34.97 29.56
CA GLU A 471 36.38 -35.25 29.72
C GLU A 471 35.55 -33.98 29.62
N ALA A 472 34.27 -34.16 29.27
CA ALA A 472 33.29 -33.08 29.22
C ALA A 472 33.80 -31.88 28.42
N TYR A 473 34.74 -32.11 27.51
CA TYR A 473 35.26 -31.06 26.64
C TYR A 473 35.01 -31.33 25.17
N LEU A 474 34.48 -32.51 24.83
CA LEU A 474 33.88 -32.71 23.51
C LEU A 474 32.44 -32.19 23.56
N ALA A 475 32.27 -30.97 24.06
CA ALA A 475 31.00 -30.28 24.10
C ALA A 475 31.03 -28.94 23.41
N VAL A 476 32.22 -28.38 23.15
CA VAL A 476 32.33 -27.32 22.16
C VAL A 476 32.37 -27.91 20.76
N MET A 477 32.68 -29.20 20.62
CA MET A 477 32.57 -29.84 19.32
C MET A 477 31.14 -29.88 18.83
N VAL A 478 30.20 -30.23 19.72
CA VAL A 478 28.79 -30.21 19.34
C VAL A 478 28.33 -28.78 19.09
N PHE A 479 28.88 -27.80 19.80
CA PHE A 479 28.52 -26.42 19.52
C PHE A 479 29.03 -26.00 18.15
N ALA A 480 30.25 -26.42 17.78
CA ALA A 480 30.73 -26.18 16.43
C ALA A 480 29.85 -26.89 15.41
N LEU A 481 29.33 -28.07 15.75
CA LEU A 481 28.42 -28.77 14.85
C LEU A 481 27.16 -27.96 14.61
N VAL A 482 26.53 -27.49 15.68
CA VAL A 482 25.28 -26.74 15.52
C VAL A 482 25.56 -25.41 14.82
N LEU A 483 26.73 -24.82 15.06
CA LEU A 483 27.13 -23.64 14.29
C LEU A 483 27.26 -23.96 12.81
N GLY A 484 27.97 -25.03 12.47
CA GLY A 484 28.06 -25.47 11.09
C GLY A 484 26.72 -25.77 10.47
N TRP A 485 25.72 -26.09 11.29
CA TRP A 485 24.37 -26.25 10.80
C TRP A 485 23.63 -24.93 10.63
N MET A 486 23.92 -23.91 11.43
CA MET A 486 23.50 -22.55 11.10
C MET A 486 24.51 -21.84 10.21
N ASN A 487 25.68 -22.43 9.98
CA ASN A 487 26.65 -21.90 9.04
C ASN A 487 26.32 -22.26 7.60
N ALA A 488 25.47 -23.26 7.39
CA ALA A 488 25.07 -23.67 6.04
C ALA A 488 24.00 -22.75 5.47
N LEU A 489 23.70 -21.64 6.12
CA LEU A 489 22.78 -20.65 5.58
C LEU A 489 23.46 -19.72 4.59
N TYR A 490 24.79 -19.73 4.51
CA TYR A 490 25.48 -19.01 3.45
C TYR A 490 24.99 -19.47 2.08
N PHE A 491 24.95 -20.78 1.86
CA PHE A 491 24.50 -21.31 0.58
C PHE A 491 23.04 -20.95 0.31
N THR A 492 22.17 -21.09 1.31
CA THR A 492 20.73 -20.94 1.10
C THR A 492 20.37 -19.46 0.96
N ARG A 493 20.89 -18.85 -0.11
CA ARG A 493 20.54 -17.49 -0.49
C ARG A 493 20.22 -17.39 -1.98
N GLY A 494 20.23 -18.50 -2.70
CA GLY A 494 19.95 -18.52 -4.12
C GLY A 494 18.58 -19.08 -4.45
N LEU A 495 18.53 -20.35 -4.83
CA LEU A 495 17.27 -20.96 -5.25
C LEU A 495 16.20 -20.82 -4.16
N LYS A 496 14.95 -20.77 -4.60
CA LYS A 496 13.77 -20.63 -3.75
C LYS A 496 13.68 -19.25 -3.10
N LEU A 497 14.57 -18.33 -3.43
CA LEU A 497 14.57 -16.99 -2.85
C LEU A 497 14.61 -17.05 -1.33
N THR A 498 15.28 -18.08 -0.79
CA THR A 498 15.39 -18.25 0.64
C THR A 498 16.59 -17.46 1.16
N GLY A 499 16.83 -17.56 2.47
CA GLY A 499 17.94 -16.89 3.11
C GLY A 499 17.55 -15.65 3.89
N THR A 500 16.36 -15.09 3.64
CA THR A 500 15.90 -13.95 4.44
C THR A 500 15.78 -14.32 5.91
N TYR A 501 15.64 -15.61 6.22
CA TYR A 501 15.83 -16.05 7.59
C TYR A 501 17.16 -15.54 8.12
N SER A 502 18.18 -15.57 7.27
CA SER A 502 19.48 -15.03 7.66
C SER A 502 19.40 -13.55 7.99
N ILE A 503 18.66 -12.78 7.19
CA ILE A 503 18.55 -11.35 7.44
C ILE A 503 17.86 -11.08 8.78
N MET A 504 16.73 -11.76 9.01
CA MET A 504 16.01 -11.52 10.26
C MET A 504 16.81 -11.97 11.47
N ILE A 505 17.48 -13.12 11.39
CA ILE A 505 18.29 -13.55 12.53
C ILE A 505 19.49 -12.64 12.69
N GLN A 506 20.00 -12.06 11.60
CA GLN A 506 21.06 -11.08 11.69
C GLN A 506 20.59 -9.85 12.47
N LYS A 507 19.37 -9.40 12.20
CA LYS A 507 18.80 -8.34 13.01
C LYS A 507 18.66 -8.76 14.46
N ILE A 508 18.28 -10.01 14.70
CA ILE A 508 18.04 -10.51 16.05
C ILE A 508 19.32 -10.45 16.87
N LEU A 509 20.31 -11.27 16.49
CA LEU A 509 21.56 -11.45 17.22
C LEU A 509 21.59 -10.95 18.67
N PHE A 510 22.80 -10.67 19.16
CA PHE A 510 22.99 -10.14 20.51
C PHE A 510 21.97 -9.08 20.86
N LYS A 511 21.66 -8.17 19.93
CA LYS A 511 20.74 -7.09 20.26
C LYS A 511 19.53 -7.63 21.02
N ASP A 512 18.73 -8.45 20.34
CA ASP A 512 17.52 -8.99 20.97
C ASP A 512 17.88 -9.99 22.07
N LEU A 513 18.91 -10.82 21.84
CA LEU A 513 19.23 -11.85 22.83
C LEU A 513 19.50 -11.23 24.20
N PHE A 514 20.43 -10.27 24.27
CA PHE A 514 20.74 -9.67 25.55
C PHE A 514 19.71 -8.64 25.99
N ARG A 515 18.91 -8.07 25.08
CA ARG A 515 17.79 -7.27 25.53
C ARG A 515 16.84 -8.12 26.37
N PHE A 516 16.44 -9.27 25.83
CA PHE A 516 15.59 -10.19 26.58
C PHE A 516 16.30 -10.67 27.84
N LEU A 517 17.58 -11.02 27.73
CA LEU A 517 18.29 -11.55 28.89
C LEU A 517 18.38 -10.53 30.01
N LEU A 518 18.61 -9.25 29.67
CA LEU A 518 18.72 -8.23 30.70
C LEU A 518 17.36 -7.90 31.32
N VAL A 519 16.30 -7.84 30.51
CA VAL A 519 14.98 -7.64 31.14
C VAL A 519 14.62 -8.85 32.01
N TYR A 520 15.06 -10.04 31.61
CA TYR A 520 14.72 -11.23 32.36
C TYR A 520 15.51 -11.34 33.65
N LEU A 521 16.78 -10.92 33.64
CA LEU A 521 17.52 -10.76 34.90
C LEU A 521 16.90 -9.66 35.76
N LEU A 522 16.46 -8.58 35.13
CA LEU A 522 15.75 -7.53 35.85
C LEU A 522 14.59 -8.10 36.64
N PHE A 523 13.76 -8.91 35.98
CA PHE A 523 12.58 -9.44 36.64
C PHE A 523 12.93 -10.53 37.64
N MET A 524 13.93 -11.36 37.33
CA MET A 524 14.40 -12.34 38.30
C MET A 524 14.87 -11.67 39.58
N ILE A 525 15.68 -10.62 39.45
CA ILE A 525 16.25 -9.98 40.62
C ILE A 525 15.17 -9.25 41.41
N GLY A 526 14.26 -8.55 40.71
CA GLY A 526 13.15 -7.93 41.40
C GLY A 526 12.28 -8.95 42.13
N TYR A 527 12.08 -10.12 41.53
CA TYR A 527 11.20 -11.13 42.12
C TYR A 527 11.84 -11.79 43.33
N ALA A 528 13.14 -12.09 43.25
CA ALA A 528 13.85 -12.58 44.43
C ALA A 528 13.84 -11.52 45.53
N SER A 529 13.93 -10.24 45.16
CA SER A 529 13.81 -9.18 46.14
C SER A 529 12.43 -9.21 46.81
N ALA A 530 11.38 -9.42 46.01
CA ALA A 530 10.04 -9.48 46.56
C ALA A 530 9.92 -10.62 47.55
N LEU A 531 10.46 -11.79 47.21
CA LEU A 531 10.43 -12.91 48.14
C LEU A 531 11.18 -12.59 49.43
N VAL A 532 12.38 -12.03 49.32
CA VAL A 532 13.19 -11.83 50.52
C VAL A 532 12.66 -10.68 51.36
N THR A 533 11.84 -9.80 50.78
CA THR A 533 11.36 -8.63 51.50
C THR A 533 9.95 -8.80 52.03
N LEU A 534 9.14 -9.69 51.45
CA LEU A 534 7.79 -9.94 51.92
C LEU A 534 7.67 -11.22 52.75
N LEU A 535 8.52 -12.21 52.48
CA LEU A 535 8.35 -13.51 53.11
C LEU A 535 9.22 -13.66 54.36
N ASN A 536 10.22 -12.79 54.52
CA ASN A 536 11.15 -12.91 55.65
C ASN A 536 10.49 -12.63 57.00
N PRO A 537 9.40 -11.84 57.07
CA PRO A 537 8.86 -11.64 58.44
C PRO A 537 8.49 -12.77 59.40
N GLN A 548 10.24 -25.52 60.38
CA GLN A 548 11.66 -25.32 60.11
C GLN A 548 11.88 -24.82 58.69
N SER A 549 10.82 -24.82 57.88
CA SER A 549 10.88 -24.32 56.51
C SER A 549 11.74 -25.23 55.64
N ASN A 550 13.04 -25.27 55.93
CA ASN A 550 14.03 -26.09 55.23
C ASN A 550 14.28 -25.61 53.80
N CYS A 551 13.93 -24.37 53.48
CA CYS A 551 14.30 -23.74 52.22
C CYS A 551 13.48 -24.28 51.06
N THR A 552 13.05 -23.38 50.16
CA THR A 552 12.43 -23.76 48.90
C THR A 552 13.47 -23.64 47.79
N VAL A 553 13.36 -24.52 46.79
CA VAL A 553 14.40 -24.58 45.77
C VAL A 553 14.60 -23.24 45.07
N PRO A 554 13.55 -22.56 44.57
CA PRO A 554 13.77 -21.28 43.85
C PRO A 554 13.88 -20.07 44.77
N THR A 555 14.98 -20.02 45.52
CA THR A 555 15.29 -18.89 46.39
C THR A 555 14.26 -18.76 47.50
N TYR A 556 14.65 -18.17 48.62
CA TYR A 556 13.84 -18.24 49.84
C TYR A 556 14.15 -17.03 50.72
N PRO A 557 13.40 -16.80 51.79
CA PRO A 557 13.72 -15.68 52.68
C PRO A 557 15.12 -15.76 53.25
N ALA A 558 15.47 -14.86 54.17
CA ALA A 558 16.86 -14.54 54.46
C ALA A 558 17.38 -15.21 55.73
N CYS A 559 16.66 -15.12 56.84
CA CYS A 559 17.10 -15.74 58.08
C CYS A 559 16.61 -17.17 58.16
N ARG A 560 17.20 -17.92 59.10
CA ARG A 560 17.15 -19.37 59.23
C ARG A 560 18.21 -20.02 58.35
N ASP A 561 19.16 -19.22 57.87
CA ASP A 561 20.18 -19.68 56.92
C ASP A 561 19.56 -19.98 55.56
N SER A 562 18.62 -19.12 55.14
CA SER A 562 17.88 -19.28 53.91
C SER A 562 18.42 -18.43 52.77
N GLU A 563 19.74 -18.20 52.73
CA GLU A 563 20.33 -17.40 51.68
C GLU A 563 19.96 -17.94 50.30
N THR A 564 20.12 -19.25 50.11
CA THR A 564 19.77 -19.89 48.84
C THR A 564 20.54 -19.27 47.69
N PHE A 565 20.11 -19.54 46.46
CA PHE A 565 20.75 -18.98 45.27
C PHE A 565 19.67 -18.46 44.33
N SER A 566 20.06 -17.47 43.52
CA SER A 566 19.13 -16.91 42.55
C SER A 566 18.94 -17.82 41.34
N ALA A 567 19.98 -18.55 40.94
CA ALA A 567 19.95 -19.26 39.66
C ALA A 567 18.76 -20.21 39.56
N PHE A 568 18.31 -20.76 40.68
CA PHE A 568 17.18 -21.66 40.64
C PHE A 568 15.91 -20.92 40.22
N LEU A 569 15.60 -19.81 40.89
CA LEU A 569 14.47 -19.00 40.45
C LEU A 569 14.72 -18.43 39.06
N LEU A 570 15.98 -18.26 38.69
CA LEU A 570 16.31 -17.74 37.37
C LEU A 570 15.84 -18.69 36.29
N ASP A 571 16.22 -19.97 36.40
CA ASP A 571 15.77 -20.94 35.41
C ASP A 571 14.28 -21.22 35.54
N LEU A 572 13.74 -21.13 36.76
CA LEU A 572 12.31 -21.30 36.94
C LEU A 572 11.53 -20.24 36.17
N PHE A 573 11.95 -18.97 36.29
CA PHE A 573 11.29 -17.91 35.54
C PHE A 573 11.53 -18.07 34.06
N LYS A 574 12.73 -18.50 33.66
CA LYS A 574 12.98 -18.73 32.24
C LYS A 574 11.97 -19.71 31.67
N LEU A 575 11.97 -20.94 32.19
CA LEU A 575 11.12 -21.97 31.60
C LEU A 575 9.64 -21.65 31.80
N THR A 576 9.26 -21.12 32.97
CA THR A 576 7.82 -20.83 33.30
C THR A 576 7.29 -19.77 32.34
N ILE A 577 8.06 -18.73 32.04
CA ILE A 577 7.65 -17.71 31.04
C ILE A 577 8.47 -18.01 29.78
N GLY A 578 8.88 -19.27 29.61
CA GLY A 578 9.59 -19.72 28.40
C GLY A 578 8.60 -20.55 27.64
N MET A 579 7.32 -20.49 28.01
CA MET A 579 6.22 -21.27 27.36
C MET A 579 5.66 -22.27 28.38
N GLY A 580 5.29 -21.79 29.58
CA GLY A 580 4.60 -22.66 30.56
C GLY A 580 5.51 -23.66 31.19
N ASP A 581 5.16 -24.95 31.06
CA ASP A 581 5.92 -26.07 31.68
C ASP A 581 6.41 -25.58 33.04
N LEU A 582 5.51 -25.07 33.89
CA LEU A 582 5.89 -24.46 35.20
C LEU A 582 5.06 -25.00 36.37
N GLU A 583 5.35 -24.54 37.59
CA GLU A 583 4.57 -24.90 38.80
C GLU A 583 3.96 -23.63 39.39
N MET A 584 4.35 -22.46 38.89
CA MET A 584 3.81 -21.16 39.33
C MET A 584 3.99 -21.01 40.84
N LEU A 585 5.24 -21.06 41.33
CA LEU A 585 5.57 -20.88 42.77
C LEU A 585 4.44 -20.14 43.50
N SER A 586 3.76 -20.79 44.45
CA SER A 586 2.73 -20.15 45.26
C SER A 586 3.36 -19.41 46.44
N SER A 587 4.06 -18.33 46.11
CA SER A 587 4.75 -17.53 47.12
C SER A 587 5.74 -18.38 47.90
N ILE A 595 1.60 -11.46 47.44
CA ILE A 595 0.81 -12.11 46.40
C ILE A 595 0.27 -11.07 45.42
N LEU A 596 -0.32 -10.00 45.96
CA LEU A 596 -0.84 -8.94 45.10
C LEU A 596 0.29 -8.32 44.28
N LEU A 597 1.32 -7.81 44.95
CA LEU A 597 2.48 -7.29 44.23
C LEU A 597 3.09 -8.35 43.33
N LEU A 598 3.29 -9.55 43.85
CA LEU A 598 3.95 -10.59 43.08
C LEU A 598 3.14 -10.97 41.85
N VAL A 599 1.82 -11.14 42.00
CA VAL A 599 1.00 -11.54 40.87
C VAL A 599 0.91 -10.42 39.84
N THR A 600 0.72 -9.18 40.29
CA THR A 600 0.72 -8.07 39.35
C THR A 600 2.06 -7.96 38.64
N TYR A 601 3.14 -8.32 39.33
CA TYR A 601 4.49 -8.23 38.77
C TYR A 601 4.69 -9.30 37.70
N ILE A 602 4.20 -10.51 37.95
CA ILE A 602 4.24 -11.57 36.95
C ILE A 602 3.38 -11.19 35.74
N ILE A 603 2.21 -10.61 35.99
CA ILE A 603 1.37 -10.14 34.88
C ILE A 603 2.11 -9.07 34.09
N LEU A 604 2.83 -8.19 34.79
CA LEU A 604 3.56 -7.12 34.12
C LEU A 604 4.65 -7.70 33.22
N THR A 605 5.36 -8.72 33.68
CA THR A 605 6.36 -9.33 32.82
C THR A 605 5.70 -10.07 31.65
N PHE A 606 4.53 -10.67 31.86
CA PHE A 606 3.79 -11.23 30.73
C PHE A 606 3.58 -10.17 29.66
N VAL A 607 3.02 -9.02 30.06
CA VAL A 607 2.73 -7.98 29.08
C VAL A 607 4.01 -7.50 28.43
N LEU A 608 5.08 -7.31 29.21
CA LEU A 608 6.31 -6.77 28.67
C LEU A 608 6.94 -7.72 27.66
N LEU A 609 6.97 -9.02 27.97
CA LEU A 609 7.58 -9.97 27.05
C LEU A 609 6.73 -10.20 25.82
N LEU A 610 5.40 -10.24 25.99
CA LEU A 610 4.53 -10.33 24.82
C LEU A 610 4.74 -9.13 23.91
N ASN A 611 4.83 -7.93 24.49
CA ASN A 611 5.16 -6.75 23.72
C ASN A 611 6.46 -7.02 22.98
N MET A 612 7.56 -7.16 23.72
CA MET A 612 8.85 -7.39 23.09
C MET A 612 8.76 -8.33 21.88
N LEU A 613 8.18 -9.51 22.08
CA LEU A 613 8.18 -10.51 21.02
C LEU A 613 7.37 -10.08 19.81
N ILE A 614 6.10 -9.71 20.02
CA ILE A 614 5.26 -9.38 18.87
C ILE A 614 5.71 -8.06 18.22
N ALA A 615 6.19 -7.10 19.01
CA ALA A 615 6.75 -5.89 18.43
C ALA A 615 7.94 -6.20 17.55
N LEU A 616 8.85 -7.08 18.02
CA LEU A 616 9.99 -7.46 17.21
C LEU A 616 9.55 -8.14 15.92
N MET A 617 8.56 -9.04 16.02
CA MET A 617 7.97 -9.60 14.81
C MET A 617 7.43 -8.49 13.91
N GLY A 618 6.89 -7.43 14.51
CA GLY A 618 6.35 -6.33 13.73
C GLY A 618 7.42 -5.61 12.94
N GLU A 619 8.56 -5.30 13.58
CA GLU A 619 9.64 -4.68 12.81
C GLU A 619 10.17 -5.63 11.74
N THR A 620 10.31 -6.91 12.07
CA THR A 620 10.86 -7.85 11.09
C THR A 620 9.96 -7.96 9.86
N VAL A 621 8.65 -8.08 10.06
CA VAL A 621 7.74 -8.18 8.92
C VAL A 621 7.62 -6.85 8.20
N GLY A 622 7.58 -5.74 8.95
CA GLY A 622 7.48 -4.44 8.32
C GLY A 622 8.64 -4.13 7.41
N GLN A 623 9.85 -4.53 7.81
CA GLN A 623 11.02 -4.42 6.96
C GLN A 623 10.97 -5.56 5.94
N VAL A 624 12.07 -5.78 5.22
CA VAL A 624 12.21 -6.80 4.17
C VAL A 624 11.14 -6.61 3.11
N SER A 625 9.87 -6.50 3.50
CA SER A 625 8.78 -6.17 2.58
C SER A 625 8.69 -7.21 1.46
N LYS A 626 8.34 -8.43 1.88
CA LYS A 626 8.28 -9.61 1.01
C LYS A 626 9.65 -10.00 0.48
N GLU A 627 10.71 -9.67 1.23
CA GLU A 627 12.07 -10.07 0.95
C GLU A 627 12.69 -9.29 -0.21
N SER A 628 11.88 -8.48 -0.90
CA SER A 628 12.40 -7.60 -1.95
C SER A 628 13.08 -8.40 -3.05
N LYS A 629 13.38 -7.74 -4.17
CA LYS A 629 14.11 -8.35 -5.27
C LYS A 629 15.57 -7.94 -5.31
N HIS A 630 15.85 -6.67 -4.95
CA HIS A 630 17.23 -6.22 -4.82
C HIS A 630 18.03 -7.15 -3.90
N ILE A 631 17.42 -7.58 -2.80
CA ILE A 631 18.11 -8.45 -1.84
C ILE A 631 18.57 -9.72 -2.54
N TRP A 632 17.60 -10.51 -3.04
CA TRP A 632 17.94 -11.78 -3.67
C TRP A 632 18.96 -11.59 -4.79
N LYS A 633 18.79 -10.54 -5.60
CA LYS A 633 19.77 -10.28 -6.65
C LYS A 633 21.16 -10.08 -6.06
N LEU A 634 21.25 -9.33 -4.97
CA LEU A 634 22.56 -9.01 -4.40
C LEU A 634 23.23 -10.25 -3.82
N GLN A 635 22.52 -11.05 -3.02
CA GLN A 635 23.15 -12.27 -2.53
C GLN A 635 23.45 -13.26 -3.65
N TRP A 636 22.62 -13.32 -4.69
CA TRP A 636 22.93 -14.21 -5.81
C TRP A 636 24.24 -13.78 -6.47
N ALA A 637 24.41 -12.48 -6.69
CA ALA A 637 25.66 -11.97 -7.25
C ALA A 637 26.84 -12.24 -6.33
N THR A 638 26.63 -12.08 -5.02
CA THR A 638 27.71 -12.33 -4.07
C THR A 638 28.14 -13.79 -4.12
N THR A 639 27.18 -14.71 -4.17
CA THR A 639 27.51 -16.13 -4.28
C THR A 639 28.27 -16.41 -5.57
N ILE A 640 27.82 -15.83 -6.69
CA ILE A 640 28.56 -15.99 -7.94
C ILE A 640 30.01 -15.58 -7.75
N LEU A 641 30.23 -14.31 -7.38
CA LEU A 641 31.58 -13.77 -7.33
C LEU A 641 32.44 -14.51 -6.33
N ASP A 642 31.86 -14.95 -5.21
CA ASP A 642 32.62 -15.79 -4.29
C ASP A 642 33.04 -17.09 -4.97
N ILE A 643 32.15 -17.69 -5.73
CA ILE A 643 32.49 -18.91 -6.46
C ILE A 643 33.67 -18.66 -7.38
N GLU A 644 33.61 -17.60 -8.19
CA GLU A 644 34.71 -17.35 -9.13
C GLU A 644 36.01 -17.04 -8.39
N ARG A 645 35.95 -16.21 -7.34
CA ARG A 645 37.15 -15.94 -6.57
C ARG A 645 37.67 -17.17 -5.86
N SER A 646 36.85 -18.22 -5.75
CA SER A 646 37.29 -19.46 -5.11
C SER A 646 38.47 -20.06 -5.85
N PHE A 647 38.35 -20.24 -7.16
CA PHE A 647 39.36 -20.86 -7.99
C PHE A 647 39.96 -19.86 -8.96
N PRO A 648 41.12 -20.17 -9.54
CA PRO A 648 41.71 -19.22 -10.50
C PRO A 648 40.82 -19.01 -11.72
N VAL A 649 40.30 -17.79 -11.85
CA VAL A 649 39.35 -17.49 -12.93
C VAL A 649 40.07 -17.32 -14.26
N PHE A 650 41.31 -16.86 -14.24
CA PHE A 650 42.06 -16.58 -15.46
C PHE A 650 42.11 -17.79 -16.40
N LEU A 651 41.76 -18.97 -15.88
CA LEU A 651 41.68 -20.16 -16.71
C LEU A 651 40.60 -19.97 -17.77
N ARG A 652 40.43 -21.00 -18.61
CA ARG A 652 39.54 -20.91 -19.75
C ARG A 652 38.07 -20.96 -19.31
N LYS A 653 37.68 -20.03 -18.45
CA LYS A 653 36.31 -19.95 -17.96
C LYS A 653 35.84 -18.50 -17.84
N ALA A 654 36.38 -17.62 -18.68
CA ALA A 654 36.15 -16.19 -18.55
C ALA A 654 35.02 -15.74 -19.46
N PHE A 655 34.77 -14.43 -19.45
CA PHE A 655 33.73 -13.84 -20.27
C PHE A 655 34.12 -13.84 -21.75
N ARG A 656 33.11 -13.80 -22.61
CA ARG A 656 33.33 -13.97 -24.03
C ARG A 656 34.21 -12.86 -24.60
N SER A 657 35.01 -13.21 -25.60
CA SER A 657 35.87 -12.25 -26.28
C SER A 657 35.19 -11.75 -27.54
N GLY A 658 35.90 -10.98 -28.35
CA GLY A 658 35.31 -10.35 -29.52
C GLY A 658 36.32 -10.02 -30.60
N GLU A 659 36.09 -8.89 -31.26
CA GLU A 659 36.86 -8.54 -32.46
C GLU A 659 38.33 -8.36 -32.12
N MET A 660 39.19 -8.67 -33.10
CA MET A 660 40.64 -8.69 -32.86
C MET A 660 41.22 -7.27 -32.88
N VAL A 661 41.13 -6.59 -34.03
CA VAL A 661 41.83 -5.32 -34.24
C VAL A 661 40.87 -4.33 -34.88
N THR A 662 41.31 -3.07 -34.94
CA THR A 662 40.51 -1.98 -35.47
C THR A 662 39.38 -1.65 -34.50
N VAL A 663 38.37 -2.53 -34.42
CA VAL A 663 37.35 -2.38 -33.40
C VAL A 663 37.96 -2.61 -32.02
N GLY A 664 38.82 -3.62 -31.89
CA GLY A 664 39.46 -3.92 -30.64
C GLY A 664 40.92 -3.48 -30.61
N ARG A 673 42.41 -7.44 -27.89
CA ARG A 673 41.23 -7.97 -28.55
C ARG A 673 39.95 -7.34 -28.02
N ARG A 674 40.06 -6.59 -26.92
CA ARG A 674 38.93 -5.87 -26.35
C ARG A 674 37.76 -6.84 -26.09
N TRP A 675 37.99 -7.77 -25.18
CA TRP A 675 36.97 -8.77 -24.84
C TRP A 675 35.62 -8.09 -24.66
N CYS A 676 34.62 -8.58 -25.40
CA CYS A 676 33.31 -7.97 -25.44
C CYS A 676 32.25 -8.97 -25.01
N PHE A 677 31.17 -8.44 -24.43
CA PHE A 677 30.01 -9.21 -24.02
C PHE A 677 28.81 -8.82 -24.88
N ARG A 678 28.24 -9.79 -25.58
CA ARG A 678 27.20 -9.54 -26.55
C ARG A 678 25.83 -9.74 -25.91
N VAL A 679 25.02 -8.69 -25.91
CA VAL A 679 23.66 -8.75 -25.39
C VAL A 679 22.70 -8.48 -26.55
N ASP A 680 21.70 -9.34 -26.71
CA ASP A 680 20.73 -9.23 -27.78
C ASP A 680 19.45 -8.64 -27.24
N GLU A 681 19.04 -7.49 -27.79
CA GLU A 681 17.80 -6.83 -27.42
C GLU A 681 16.97 -6.61 -28.68
N VAL A 682 15.67 -6.85 -28.56
CA VAL A 682 14.75 -6.75 -29.69
C VAL A 682 13.95 -5.46 -29.55
N ASN A 683 13.96 -4.65 -30.61
CA ASN A 683 13.23 -3.40 -30.65
C ASN A 683 12.44 -3.31 -31.94
N TRP A 684 11.35 -2.56 -31.91
CA TRP A 684 10.43 -2.43 -33.04
C TRP A 684 10.52 -1.03 -33.65
N SER A 685 11.73 -0.49 -33.72
CA SER A 685 11.95 0.82 -34.34
C SER A 685 11.77 0.73 -35.85
N VAL B 47 36.60 -14.30 -60.75
CA VAL B 47 37.64 -13.62 -61.56
C VAL B 47 39.00 -14.10 -61.13
N PHE B 48 39.47 -13.60 -59.99
CA PHE B 48 40.74 -14.02 -59.40
C PHE B 48 40.58 -14.68 -58.05
N ASN B 49 39.74 -14.13 -57.18
CA ASN B 49 39.50 -14.73 -55.87
C ASN B 49 38.24 -14.11 -55.28
N ARG B 50 37.56 -14.89 -54.45
CA ARG B 50 36.31 -14.42 -53.84
C ARG B 50 36.48 -13.16 -53.01
N PRO B 51 37.52 -13.02 -52.17
CA PRO B 51 37.61 -11.82 -51.34
C PRO B 51 37.57 -10.51 -52.11
N ILE B 52 38.21 -10.45 -53.28
CA ILE B 52 38.18 -9.20 -54.04
C ILE B 52 36.79 -8.93 -54.57
N LEU B 53 36.07 -9.98 -54.98
CA LEU B 53 34.68 -9.80 -55.40
C LEU B 53 33.83 -9.24 -54.25
N PHE B 54 33.99 -9.82 -53.06
CA PHE B 54 33.21 -9.35 -51.92
C PHE B 54 33.55 -7.90 -51.57
N ASP B 55 34.84 -7.56 -51.60
CA ASP B 55 35.25 -6.19 -51.31
C ASP B 55 34.69 -5.23 -52.36
N ILE B 56 34.71 -5.63 -53.63
CA ILE B 56 34.21 -4.76 -54.69
C ILE B 56 32.73 -4.51 -54.52
N VAL B 57 31.96 -5.58 -54.25
CA VAL B 57 30.52 -5.41 -54.10
C VAL B 57 30.20 -4.57 -52.87
N SER B 58 30.95 -4.77 -51.78
CA SER B 58 30.74 -3.94 -50.59
C SER B 58 31.03 -2.48 -50.89
N ARG B 59 32.11 -2.20 -51.63
CA ARG B 59 32.42 -0.83 -52.01
C ARG B 59 31.44 -0.30 -53.04
N GLY B 60 30.82 -1.18 -53.83
CA GLY B 60 29.87 -0.76 -54.83
C GLY B 60 30.47 -0.29 -56.13
N SER B 61 31.77 -0.52 -56.34
CA SER B 61 32.41 -0.11 -57.59
C SER B 61 31.89 -0.95 -58.75
N THR B 62 31.56 -0.28 -59.85
CA THR B 62 31.04 -0.95 -61.03
C THR B 62 32.01 -0.98 -62.20
N ALA B 63 32.91 0.01 -62.30
CA ALA B 63 33.85 0.03 -63.42
C ALA B 63 34.75 -1.20 -63.40
N ASP B 64 35.24 -1.59 -62.23
CA ASP B 64 36.10 -2.75 -62.14
C ASP B 64 35.37 -4.02 -62.57
N LEU B 65 34.10 -4.16 -62.18
CA LEU B 65 33.33 -5.33 -62.55
C LEU B 65 33.19 -5.46 -64.07
N ASP B 66 33.21 -4.33 -64.78
CA ASP B 66 33.07 -4.37 -66.23
C ASP B 66 34.23 -5.16 -66.84
N GLY B 67 33.90 -5.99 -67.82
CA GLY B 67 34.90 -6.81 -68.49
C GLY B 67 35.15 -8.13 -67.79
N LEU B 68 35.02 -8.14 -66.46
CA LEU B 68 35.23 -9.38 -65.71
C LEU B 68 34.21 -10.44 -66.10
N LEU B 69 33.00 -10.02 -66.47
CA LEU B 69 32.00 -10.97 -66.96
C LEU B 69 32.49 -11.67 -68.22
N SER B 70 33.14 -10.93 -69.13
CA SER B 70 33.68 -11.53 -70.32
C SER B 70 34.78 -12.54 -69.97
N PHE B 71 35.61 -12.21 -68.97
CA PHE B 71 36.63 -13.15 -68.53
C PHE B 71 36.00 -14.42 -67.98
N LEU B 72 34.94 -14.28 -67.18
CA LEU B 72 34.25 -15.46 -66.65
C LEU B 72 33.69 -16.31 -67.78
N LEU B 73 33.05 -15.66 -68.77
CA LEU B 73 32.47 -16.41 -69.88
C LEU B 73 33.56 -17.13 -70.67
N THR B 74 34.68 -16.47 -70.92
CA THR B 74 35.78 -17.09 -71.66
C THR B 74 36.53 -18.12 -70.82
N HIS B 75 36.46 -18.01 -69.50
CA HIS B 75 37.16 -18.92 -68.60
C HIS B 75 36.29 -20.11 -68.21
N LYS B 76 35.10 -20.24 -68.77
CA LYS B 76 34.19 -21.35 -68.47
C LYS B 76 33.87 -21.38 -66.97
N LYS B 77 33.41 -20.24 -66.46
CA LYS B 77 33.05 -20.08 -65.06
C LYS B 77 31.60 -19.64 -64.95
N ARG B 78 30.95 -20.07 -63.87
CA ARG B 78 29.56 -19.72 -63.58
C ARG B 78 29.52 -18.82 -62.36
N LEU B 79 28.62 -17.83 -62.38
CA LEU B 79 28.48 -16.94 -61.24
C LEU B 79 28.02 -17.67 -59.98
N THR B 80 27.50 -18.90 -60.13
CA THR B 80 27.08 -19.72 -59.00
C THR B 80 28.11 -20.77 -58.62
N ASP B 81 29.32 -20.71 -59.20
CA ASP B 81 30.33 -21.71 -58.91
C ASP B 81 30.75 -21.61 -57.45
N GLU B 82 31.23 -22.74 -56.91
CA GLU B 82 31.54 -22.81 -55.49
C GLU B 82 32.61 -21.79 -55.10
N GLU B 83 33.66 -21.65 -55.92
CA GLU B 83 34.75 -20.75 -55.57
C GLU B 83 34.29 -19.31 -55.47
N PHE B 84 33.17 -18.95 -56.12
CA PHE B 84 32.60 -17.63 -55.96
C PHE B 84 31.81 -17.47 -54.67
N ARG B 85 31.50 -18.56 -53.98
CA ARG B 85 30.67 -18.53 -52.78
C ARG B 85 31.47 -19.06 -51.60
N GLU B 86 31.33 -18.39 -50.46
CA GLU B 86 32.05 -18.81 -49.26
C GLU B 86 31.65 -20.24 -48.90
N PRO B 87 32.60 -21.15 -48.69
CA PRO B 87 32.23 -22.56 -48.48
C PRO B 87 31.47 -22.82 -47.19
N SER B 88 31.56 -21.91 -46.21
CA SER B 88 30.91 -22.14 -44.92
C SER B 88 29.46 -21.64 -44.95
N THR B 89 29.27 -20.35 -45.21
CA THR B 89 27.94 -19.76 -45.25
C THR B 89 27.29 -19.81 -46.62
N GLY B 90 28.04 -20.21 -47.65
CA GLY B 90 27.49 -20.25 -49.00
C GLY B 90 27.11 -18.88 -49.52
N LYS B 91 27.59 -17.84 -48.86
CA LYS B 91 27.26 -16.48 -49.26
C LYS B 91 27.72 -16.22 -50.70
N THR B 92 26.84 -15.60 -51.48
CA THR B 92 27.16 -15.15 -52.83
C THR B 92 27.29 -13.63 -52.84
N CYS B 93 27.85 -13.12 -53.93
CA CYS B 93 28.05 -11.66 -54.03
C CYS B 93 26.73 -10.91 -53.89
N LEU B 94 25.66 -11.44 -54.49
CA LEU B 94 24.38 -10.73 -54.44
C LEU B 94 23.87 -10.54 -53.02
N PRO B 95 23.76 -11.58 -52.18
CA PRO B 95 23.33 -11.33 -50.80
C PRO B 95 24.27 -10.41 -50.04
N LYS B 96 25.57 -10.47 -50.32
CA LYS B 96 26.52 -9.56 -49.68
C LYS B 96 26.19 -8.11 -50.01
N ALA B 97 25.89 -7.84 -51.28
CA ALA B 97 25.47 -6.49 -51.66
C ALA B 97 24.14 -6.14 -51.02
N LEU B 98 23.22 -7.09 -50.97
CA LEU B 98 21.89 -6.84 -50.42
C LEU B 98 21.93 -6.58 -48.91
N LEU B 99 23.00 -6.98 -48.23
CA LEU B 99 23.18 -6.70 -46.81
C LEU B 99 24.19 -5.59 -46.57
N ASN B 100 24.66 -4.92 -47.62
CA ASN B 100 25.57 -3.79 -47.52
C ASN B 100 24.96 -2.55 -48.17
N LEU B 101 23.65 -2.37 -48.02
CA LEU B 101 22.95 -1.26 -48.66
C LEU B 101 23.57 0.07 -48.24
N SER B 102 23.94 0.87 -49.25
CA SER B 102 24.41 2.23 -49.02
C SER B 102 23.20 3.16 -49.06
N ASN B 103 22.44 3.14 -47.96
CA ASN B 103 21.15 3.84 -47.90
C ASN B 103 20.21 3.35 -48.99
N GLY B 104 20.30 2.07 -49.32
CA GLY B 104 19.45 1.48 -50.35
C GLY B 104 19.73 2.01 -51.74
N ARG B 105 20.99 2.23 -52.08
CA ARG B 105 21.36 2.74 -53.40
C ARG B 105 22.59 2.04 -53.96
N ASN B 106 22.79 0.77 -53.62
CA ASN B 106 23.86 -0.04 -54.20
C ASN B 106 23.38 -0.57 -55.54
N ASP B 107 23.66 0.19 -56.60
CA ASP B 107 23.19 -0.13 -57.94
C ASP B 107 24.06 -1.18 -58.64
N THR B 108 24.93 -1.87 -57.91
CA THR B 108 25.75 -2.91 -58.53
C THR B 108 24.96 -4.20 -58.76
N ILE B 109 24.00 -4.50 -57.88
CA ILE B 109 23.31 -5.79 -57.96
C ILE B 109 22.64 -6.01 -59.31
N PRO B 110 22.03 -5.02 -59.97
CA PRO B 110 21.49 -5.30 -61.31
C PRO B 110 22.55 -5.81 -62.28
N VAL B 111 23.77 -5.27 -62.20
CA VAL B 111 24.85 -5.77 -63.05
C VAL B 111 25.18 -7.22 -62.70
N LEU B 112 25.15 -7.55 -61.41
CA LEU B 112 25.40 -8.93 -61.01
C LEU B 112 24.34 -9.87 -61.58
N LEU B 113 23.07 -9.45 -61.53
CA LEU B 113 22.02 -10.28 -62.13
C LEU B 113 22.19 -10.40 -63.63
N ASP B 114 22.59 -9.31 -64.29
CA ASP B 114 22.87 -9.34 -65.72
C ASP B 114 23.93 -10.39 -66.03
N ILE B 115 25.03 -10.37 -65.28
CA ILE B 115 26.05 -11.40 -65.43
C ILE B 115 25.46 -12.78 -65.16
N ALA B 116 24.55 -12.86 -64.19
CA ALA B 116 23.99 -14.14 -63.79
C ALA B 116 23.27 -14.80 -64.96
N GLU B 117 22.36 -14.08 -65.63
CA GLU B 117 21.69 -14.74 -66.75
C GLU B 117 22.61 -14.85 -67.96
N ARG B 118 23.59 -13.93 -68.09
CA ARG B 118 24.57 -14.08 -69.14
C ARG B 118 25.39 -15.35 -68.97
N THR B 119 25.77 -15.66 -67.72
CA THR B 119 26.51 -16.88 -67.46
C THR B 119 25.69 -18.13 -67.75
N GLY B 120 24.37 -18.00 -67.90
CA GLY B 120 23.49 -19.11 -68.17
C GLY B 120 22.75 -19.63 -66.95
N ASN B 121 23.22 -19.28 -65.75
CA ASN B 121 22.58 -19.70 -64.50
C ASN B 121 22.15 -18.44 -63.76
N MET B 122 20.84 -18.21 -63.71
CA MET B 122 20.28 -17.07 -63.00
C MET B 122 19.31 -17.50 -61.89
N ARG B 123 18.38 -18.41 -62.19
CA ARG B 123 17.39 -18.79 -61.19
C ARG B 123 18.05 -19.36 -59.95
N GLU B 124 19.04 -20.25 -60.13
CA GLU B 124 19.77 -20.77 -58.98
C GLU B 124 20.65 -19.70 -58.35
N PHE B 125 21.11 -18.73 -59.14
CA PHE B 125 21.91 -17.65 -58.57
C PHE B 125 21.07 -16.82 -57.59
N ILE B 126 19.84 -16.49 -57.97
CA ILE B 126 18.95 -15.80 -57.04
C ILE B 126 18.64 -16.70 -55.85
N ASN B 127 18.36 -17.98 -56.12
CA ASN B 127 18.09 -18.96 -55.06
C ASN B 127 19.43 -19.50 -54.57
N SER B 128 20.05 -18.74 -53.69
CA SER B 128 21.37 -19.09 -53.15
C SER B 128 21.24 -19.50 -51.70
N PRO B 129 20.78 -20.71 -51.42
CA PRO B 129 20.60 -21.14 -50.03
C PRO B 129 21.92 -21.15 -49.27
N PHE B 130 21.86 -20.76 -48.00
CA PHE B 130 23.01 -20.86 -47.11
C PHE B 130 23.08 -22.26 -46.53
N ARG B 131 24.23 -22.90 -46.68
CA ARG B 131 24.40 -24.28 -46.21
C ARG B 131 24.83 -24.37 -44.76
N ASP B 132 25.18 -23.26 -44.12
CA ASP B 132 25.62 -23.29 -42.74
C ASP B 132 24.47 -23.73 -41.83
N ILE B 133 24.77 -23.90 -40.56
CA ILE B 133 23.79 -24.28 -39.55
C ILE B 133 23.23 -23.05 -38.84
N TYR B 134 24.08 -22.06 -38.57
CA TYR B 134 23.59 -20.84 -37.93
C TYR B 134 22.48 -20.20 -38.76
N TYR B 135 22.69 -20.10 -40.06
CA TYR B 135 21.67 -19.66 -41.00
C TYR B 135 21.28 -20.83 -41.91
N ARG B 136 20.34 -20.56 -42.82
CA ARG B 136 19.90 -21.53 -43.81
C ARG B 136 18.93 -20.79 -44.72
N GLY B 137 18.63 -21.40 -45.87
CA GLY B 137 17.76 -20.74 -46.82
C GLY B 137 18.28 -19.36 -47.11
N GLN B 138 17.57 -18.34 -46.62
CA GLN B 138 18.07 -16.98 -46.63
C GLN B 138 18.44 -16.54 -48.04
N THR B 139 17.56 -16.85 -48.99
CA THR B 139 17.79 -16.44 -50.37
C THR B 139 17.79 -14.92 -50.46
N SER B 140 18.07 -14.39 -51.65
CA SER B 140 18.14 -12.94 -51.81
C SER B 140 16.86 -12.27 -51.35
N LEU B 141 15.71 -12.95 -51.49
CA LEU B 141 14.45 -12.33 -51.15
C LEU B 141 14.36 -12.01 -49.68
N HIS B 142 14.79 -12.94 -48.81
CA HIS B 142 14.75 -12.67 -47.38
C HIS B 142 15.62 -11.46 -47.03
N ILE B 143 16.82 -11.39 -47.62
CA ILE B 143 17.71 -10.27 -47.33
C ILE B 143 17.08 -8.96 -47.77
N ALA B 144 16.56 -8.92 -49.00
CA ALA B 144 16.01 -7.67 -49.53
C ALA B 144 14.78 -7.24 -48.74
N ILE B 145 13.88 -8.18 -48.45
CA ILE B 145 12.67 -7.85 -47.69
C ILE B 145 13.03 -7.36 -46.30
N GLU B 146 13.98 -8.04 -45.66
CA GLU B 146 14.36 -7.68 -44.30
C GLU B 146 14.99 -6.30 -44.22
N ARG B 147 15.67 -5.88 -45.29
CA ARG B 147 16.40 -4.61 -45.27
C ARG B 147 15.49 -3.39 -45.33
N ARG B 148 14.17 -3.57 -45.22
CA ARG B 148 13.24 -2.44 -45.27
C ARG B 148 13.44 -1.63 -46.55
N CYS B 149 13.63 -2.33 -47.66
CA CYS B 149 13.87 -1.71 -48.95
C CYS B 149 13.18 -2.53 -50.02
N LYS B 150 12.12 -1.97 -50.61
CA LYS B 150 11.42 -2.62 -51.71
C LYS B 150 12.00 -2.30 -53.07
N HIS B 151 12.96 -1.37 -53.15
CA HIS B 151 13.50 -0.97 -54.44
C HIS B 151 14.17 -2.15 -55.14
N TYR B 152 14.95 -2.92 -54.40
CA TYR B 152 15.61 -4.09 -54.98
C TYR B 152 14.69 -5.31 -55.00
N VAL B 153 13.71 -5.35 -54.10
CA VAL B 153 12.81 -6.51 -54.04
C VAL B 153 12.02 -6.63 -55.34
N GLU B 154 11.57 -5.50 -55.89
CA GLU B 154 10.78 -5.54 -57.11
C GLU B 154 11.55 -6.20 -58.25
N LEU B 155 12.78 -5.73 -58.49
CA LEU B 155 13.56 -6.31 -59.57
C LEU B 155 14.02 -7.73 -59.26
N LEU B 156 14.26 -8.04 -57.97
CA LEU B 156 14.66 -9.39 -57.62
C LEU B 156 13.55 -10.38 -57.92
N VAL B 157 12.31 -10.05 -57.56
CA VAL B 157 11.19 -10.93 -57.86
C VAL B 157 10.92 -10.97 -59.36
N ALA B 158 10.95 -9.80 -60.01
CA ALA B 158 10.59 -9.72 -61.42
C ALA B 158 11.51 -10.59 -62.27
N GLN B 159 12.80 -10.53 -62.02
CA GLN B 159 13.73 -11.40 -62.74
C GLN B 159 13.44 -12.88 -62.49
N GLY B 160 12.77 -13.19 -61.38
CA GLY B 160 12.47 -14.57 -61.04
C GLY B 160 13.20 -15.02 -59.79
N ALA B 161 12.50 -15.02 -58.66
CA ALA B 161 13.07 -15.43 -57.39
C ALA B 161 12.03 -16.26 -56.63
N ASP B 162 12.49 -17.37 -56.05
CA ASP B 162 11.58 -18.25 -55.33
C ASP B 162 10.99 -17.54 -54.12
N VAL B 163 9.67 -17.31 -54.15
CA VAL B 163 8.99 -16.61 -53.06
C VAL B 163 8.52 -17.63 -52.03
N HIS B 164 9.00 -18.87 -52.15
CA HIS B 164 8.68 -19.94 -51.20
C HIS B 164 9.95 -20.51 -50.59
N ALA B 165 11.00 -19.71 -50.50
CA ALA B 165 12.25 -20.17 -49.91
C ALA B 165 12.08 -20.36 -48.40
N GLN B 166 12.43 -21.54 -47.91
CA GLN B 166 12.26 -21.88 -46.51
C GLN B 166 13.53 -21.49 -45.75
N ALA B 167 13.40 -20.50 -44.86
CA ALA B 167 14.50 -20.09 -44.00
C ALA B 167 14.61 -21.02 -42.80
N ARG B 168 14.97 -22.27 -43.09
CA ARG B 168 15.00 -23.33 -42.09
C ARG B 168 16.39 -23.43 -41.47
N GLY B 169 16.70 -22.44 -40.63
CA GLY B 169 17.98 -22.38 -39.96
C GLY B 169 17.81 -22.23 -38.47
N ARG B 170 18.89 -22.52 -37.74
CA ARG B 170 18.85 -22.43 -36.29
C ARG B 170 18.58 -21.00 -35.84
N PHE B 171 19.23 -20.02 -36.48
CA PHE B 171 19.05 -18.62 -36.11
C PHE B 171 17.62 -18.15 -36.30
N PHE B 172 16.84 -18.82 -37.15
CA PHE B 172 15.48 -18.42 -37.45
C PHE B 172 14.44 -19.07 -36.54
N GLN B 173 14.84 -20.06 -35.74
CA GLN B 173 13.90 -20.72 -34.84
C GLN B 173 13.51 -19.78 -33.71
N PRO B 174 12.41 -20.06 -33.02
CA PRO B 174 12.01 -19.21 -31.88
C PRO B 174 13.13 -19.11 -30.86
N LYS B 175 13.00 -18.12 -29.98
CA LYS B 175 14.02 -17.89 -28.97
C LYS B 175 14.24 -19.12 -28.11
N ASP B 176 13.18 -19.91 -27.87
CA ASP B 176 13.28 -21.07 -26.99
C ASP B 176 14.03 -22.21 -27.67
N GLU B 177 13.74 -22.46 -28.95
CA GLU B 177 14.29 -23.63 -29.65
C GLU B 177 15.72 -23.40 -30.14
N GLY B 178 16.41 -22.39 -29.65
CA GLY B 178 17.80 -22.16 -30.01
C GLY B 178 18.03 -21.08 -31.04
N GLY B 179 16.97 -20.42 -31.53
CA GLY B 179 17.09 -19.35 -32.48
C GLY B 179 16.96 -17.98 -31.84
N TYR B 180 16.96 -16.96 -32.68
CA TYR B 180 16.87 -15.58 -32.23
C TYR B 180 15.68 -14.82 -32.80
N PHE B 181 15.18 -15.20 -33.97
CA PHE B 181 14.07 -14.50 -34.62
C PHE B 181 13.26 -15.50 -35.43
N TYR B 182 12.00 -15.69 -35.05
CA TYR B 182 11.08 -16.55 -35.77
C TYR B 182 9.99 -15.72 -36.41
N PHE B 183 9.82 -15.88 -37.73
CA PHE B 183 8.89 -15.07 -38.49
C PHE B 183 7.98 -15.86 -39.43
N GLY B 184 8.18 -17.16 -39.56
CA GLY B 184 7.38 -17.98 -40.46
C GLY B 184 8.16 -18.65 -41.57
N GLU B 185 9.48 -18.41 -41.67
CA GLU B 185 10.33 -19.08 -42.66
C GLU B 185 9.74 -18.95 -44.07
N LEU B 186 9.31 -17.74 -44.41
CA LEU B 186 8.79 -17.47 -45.74
C LEU B 186 8.92 -15.99 -46.03
N PRO B 187 9.25 -15.58 -47.26
CA PRO B 187 9.43 -14.14 -47.52
C PRO B 187 8.19 -13.32 -47.23
N LEU B 188 7.00 -13.85 -47.51
CA LEU B 188 5.78 -13.09 -47.25
C LEU B 188 5.56 -12.92 -45.75
N SER B 189 5.71 -14.01 -45.00
CA SER B 189 5.61 -13.91 -43.55
C SER B 189 6.73 -13.06 -42.97
N LEU B 190 7.88 -13.03 -43.65
CA LEU B 190 8.96 -12.14 -43.21
C LEU B 190 8.57 -10.68 -43.39
N ALA B 191 8.00 -10.34 -44.55
CA ALA B 191 7.55 -8.97 -44.77
C ALA B 191 6.46 -8.57 -43.79
N ALA B 192 5.52 -9.48 -43.54
CA ALA B 192 4.43 -9.16 -42.60
C ALA B 192 4.95 -9.00 -41.18
N CYS B 193 5.77 -9.95 -40.73
CA CYS B 193 6.29 -9.90 -39.36
C CYS B 193 7.22 -8.71 -39.16
N THR B 194 8.13 -8.49 -40.11
CA THR B 194 9.12 -7.43 -40.00
C THR B 194 8.59 -6.07 -40.44
N ASN B 195 7.27 -5.91 -40.48
CA ASN B 195 6.63 -4.62 -40.74
C ASN B 195 7.05 -4.04 -42.09
N GLN B 196 6.67 -4.75 -43.15
CA GLN B 196 6.84 -4.28 -44.53
C GLN B 196 5.53 -4.50 -45.28
N PRO B 197 4.47 -3.79 -44.88
CA PRO B 197 3.18 -3.99 -45.56
C PRO B 197 3.23 -3.74 -47.05
N HIS B 198 4.03 -2.76 -47.50
CA HIS B 198 4.16 -2.53 -48.92
C HIS B 198 4.77 -3.73 -49.62
N ILE B 199 5.76 -4.36 -48.99
CA ILE B 199 6.34 -5.57 -49.56
C ILE B 199 5.28 -6.66 -49.68
N VAL B 200 4.42 -6.78 -48.66
CA VAL B 200 3.36 -7.78 -48.71
C VAL B 200 2.42 -7.49 -49.87
N ASN B 201 2.02 -6.23 -50.04
CA ASN B 201 1.12 -5.87 -51.11
C ASN B 201 1.74 -6.16 -52.47
N TYR B 202 3.04 -5.89 -52.62
CA TYR B 202 3.67 -6.13 -53.91
C TYR B 202 3.82 -7.62 -54.17
N LEU B 203 4.23 -8.38 -53.14
CA LEU B 203 4.48 -9.81 -53.31
C LEU B 203 3.20 -10.59 -53.59
N THR B 204 2.11 -10.22 -52.91
CA THR B 204 0.85 -10.92 -53.06
C THR B 204 0.07 -10.51 -54.31
N GLU B 205 0.45 -9.40 -54.94
CA GLU B 205 -0.24 -8.90 -56.14
C GLU B 205 0.74 -8.44 -57.20
N ASN B 206 1.88 -9.13 -57.33
CA ASN B 206 2.82 -8.81 -58.39
C ASN B 206 2.43 -9.54 -59.68
N PRO B 207 2.76 -8.98 -60.84
CA PRO B 207 2.54 -9.72 -62.09
C PRO B 207 3.29 -11.04 -62.13
N HIS B 208 4.44 -11.12 -61.48
CA HIS B 208 5.25 -12.33 -61.44
C HIS B 208 4.69 -13.27 -60.36
N LYS B 209 5.48 -14.28 -60.00
CA LYS B 209 5.04 -15.27 -59.02
C LYS B 209 4.56 -14.59 -57.76
N LYS B 210 3.49 -15.13 -57.17
CA LYS B 210 2.93 -14.64 -55.92
C LYS B 210 3.06 -15.72 -54.84
N ALA B 211 3.26 -15.28 -53.61
CA ALA B 211 3.39 -16.19 -52.48
C ALA B 211 2.00 -16.46 -51.92
N ASP B 212 1.50 -17.67 -52.12
CA ASP B 212 0.20 -18.04 -51.60
C ASP B 212 0.21 -18.00 -50.09
N MET B 213 -0.79 -17.33 -49.51
CA MET B 213 -0.83 -17.16 -48.06
C MET B 213 -1.01 -18.50 -47.35
N ARG B 214 -1.84 -19.38 -47.91
CA ARG B 214 -2.12 -20.65 -47.25
C ARG B 214 -0.88 -21.50 -47.08
N ARG B 215 0.16 -21.27 -47.90
CA ARG B 215 1.39 -22.03 -47.76
C ARG B 215 1.94 -21.87 -46.36
N GLN B 216 2.40 -22.98 -45.78
CA GLN B 216 2.90 -23.01 -44.42
C GLN B 216 4.30 -23.61 -44.38
N ASP B 217 5.10 -23.12 -43.45
CA ASP B 217 6.50 -23.54 -43.32
C ASP B 217 6.56 -24.94 -42.71
N SER B 218 7.77 -25.39 -42.39
CA SER B 218 7.94 -26.73 -41.82
C SER B 218 7.08 -26.90 -40.56
N ARG B 219 6.99 -25.87 -39.73
CA ARG B 219 6.16 -25.94 -38.54
C ARG B 219 4.67 -25.91 -38.87
N GLY B 220 4.31 -25.63 -40.12
CA GLY B 220 2.90 -25.57 -40.49
C GLY B 220 2.21 -24.31 -40.02
N ASN B 221 2.91 -23.18 -39.97
CA ASN B 221 2.36 -21.98 -39.35
C ASN B 221 1.38 -21.26 -40.27
N THR B 222 1.84 -20.83 -41.44
CA THR B 222 1.12 -19.85 -42.25
C THR B 222 1.38 -18.47 -41.68
N VAL B 223 1.12 -17.43 -42.47
CA VAL B 223 1.50 -16.07 -42.08
C VAL B 223 0.82 -15.68 -40.78
N LEU B 224 -0.45 -16.05 -40.61
CA LEU B 224 -1.19 -15.62 -39.43
C LEU B 224 -0.59 -16.18 -38.15
N HIS B 225 -0.20 -17.46 -38.16
CA HIS B 225 0.39 -18.05 -36.96
C HIS B 225 1.65 -17.31 -36.56
N ALA B 226 2.56 -17.10 -37.52
CA ALA B 226 3.81 -16.41 -37.20
C ALA B 226 3.54 -14.99 -36.74
N LEU B 227 2.66 -14.27 -37.44
CA LEU B 227 2.34 -12.90 -37.05
C LEU B 227 1.75 -12.85 -35.65
N VAL B 228 1.09 -13.93 -35.22
CA VAL B 228 0.68 -14.05 -33.83
C VAL B 228 1.90 -14.30 -32.95
N ALA B 229 2.85 -15.09 -33.44
CA ALA B 229 3.99 -15.48 -32.62
C ALA B 229 4.81 -14.26 -32.20
N ILE B 230 5.16 -13.41 -33.16
CA ILE B 230 5.98 -12.24 -32.84
C ILE B 230 5.26 -11.29 -31.91
N ALA B 231 3.93 -11.37 -31.85
CA ALA B 231 3.16 -10.42 -31.07
C ALA B 231 3.57 -10.47 -29.59
N ASP B 232 3.51 -9.31 -28.95
CA ASP B 232 3.77 -9.20 -27.52
C ASP B 232 2.58 -8.52 -26.85
N ASN B 233 2.73 -8.15 -25.59
CA ASN B 233 1.68 -7.47 -24.85
C ASN B 233 1.85 -5.96 -24.81
N THR B 234 2.73 -5.42 -25.66
CA THR B 234 2.98 -3.99 -25.69
C THR B 234 1.83 -3.30 -26.44
N ARG B 235 1.97 -1.98 -26.66
CA ARG B 235 0.92 -1.22 -27.34
C ARG B 235 1.16 -1.13 -28.84
N GLU B 236 2.30 -0.55 -29.24
CA GLU B 236 2.56 -0.36 -30.66
C GLU B 236 2.66 -1.69 -31.39
N ASN B 237 3.34 -2.67 -30.80
CA ASN B 237 3.48 -3.97 -31.45
C ASN B 237 2.13 -4.65 -31.59
N THR B 238 1.31 -4.62 -30.54
CA THR B 238 -0.01 -5.25 -30.61
C THR B 238 -0.87 -4.57 -31.66
N LYS B 239 -0.88 -3.24 -31.68
CA LYS B 239 -1.69 -2.51 -32.66
C LYS B 239 -1.25 -2.85 -34.08
N PHE B 240 0.06 -2.83 -34.33
CA PHE B 240 0.53 -3.14 -35.67
C PHE B 240 0.20 -4.57 -36.05
N VAL B 241 0.37 -5.50 -35.11
CA VAL B 241 0.12 -6.91 -35.42
C VAL B 241 -1.35 -7.12 -35.75
N THR B 242 -2.25 -6.52 -34.97
CA THR B 242 -3.67 -6.67 -35.28
C THR B 242 -4.02 -6.03 -36.61
N LYS B 243 -3.43 -4.87 -36.92
CA LYS B 243 -3.69 -4.24 -38.21
C LYS B 243 -3.26 -5.15 -39.36
N MET B 244 -2.04 -5.68 -39.28
CA MET B 244 -1.57 -6.57 -40.35
C MET B 244 -2.37 -7.86 -40.39
N TYR B 245 -2.81 -8.34 -39.23
CA TYR B 245 -3.64 -9.54 -39.20
C TYR B 245 -4.94 -9.32 -39.96
N ASP B 246 -5.61 -8.20 -39.68
CA ASP B 246 -6.84 -7.88 -40.41
C ASP B 246 -6.57 -7.73 -41.90
N LEU B 247 -5.50 -7.01 -42.25
CA LEU B 247 -5.17 -6.82 -43.67
C LEU B 247 -4.99 -8.16 -44.37
N LEU B 248 -4.17 -9.03 -43.78
CA LEU B 248 -3.85 -10.30 -44.42
C LEU B 248 -5.08 -11.20 -44.51
N LEU B 249 -5.88 -11.25 -43.44
CA LEU B 249 -7.07 -12.08 -43.46
C LEU B 249 -8.05 -11.59 -44.53
N LEU B 250 -8.26 -10.27 -44.61
CA LEU B 250 -9.14 -9.73 -45.63
C LEU B 250 -8.63 -10.04 -47.03
N LYS B 251 -7.32 -9.89 -47.25
CA LYS B 251 -6.77 -10.16 -48.58
C LYS B 251 -6.96 -11.62 -48.96
N CYS B 252 -6.68 -12.54 -48.02
CA CYS B 252 -6.86 -13.96 -48.33
C CYS B 252 -8.33 -14.28 -48.59
N SER B 253 -9.23 -13.71 -47.78
CA SER B 253 -10.65 -13.95 -48.01
C SER B 253 -11.08 -13.47 -49.38
N ARG B 254 -10.63 -12.28 -49.77
CA ARG B 254 -10.96 -11.78 -51.11
C ARG B 254 -10.42 -12.69 -52.19
N LEU B 255 -9.17 -13.15 -52.03
CA LEU B 255 -8.59 -14.05 -53.01
C LEU B 255 -9.27 -15.42 -53.00
N PHE B 256 -9.71 -15.87 -51.84
CA PHE B 256 -10.38 -17.17 -51.71
C PHE B 256 -11.46 -17.06 -50.64
N PRO B 257 -12.68 -16.69 -51.02
CA PRO B 257 -13.77 -16.62 -50.03
C PRO B 257 -14.26 -17.96 -49.53
N ASP B 258 -13.79 -19.06 -50.13
CA ASP B 258 -14.28 -20.38 -49.72
C ASP B 258 -13.95 -20.66 -48.27
N SER B 259 -12.73 -20.36 -47.84
CA SER B 259 -12.32 -20.61 -46.47
C SER B 259 -11.35 -19.52 -46.03
N ASN B 260 -11.62 -18.94 -44.87
CA ASN B 260 -10.71 -17.95 -44.31
C ASN B 260 -9.40 -18.60 -43.89
N LEU B 261 -8.33 -17.82 -43.96
CA LEU B 261 -6.99 -18.36 -43.70
C LEU B 261 -6.83 -18.83 -42.26
N GLU B 262 -7.63 -18.28 -41.33
CA GLU B 262 -7.49 -18.63 -39.93
C GLU B 262 -7.73 -20.11 -39.66
N THR B 263 -8.46 -20.80 -40.54
CA THR B 263 -8.80 -22.20 -40.29
C THR B 263 -7.56 -23.08 -40.29
N VAL B 264 -6.59 -22.80 -41.17
CA VAL B 264 -5.46 -23.69 -41.35
C VAL B 264 -4.77 -23.94 -40.02
N LEU B 265 -4.63 -25.21 -39.66
CA LEU B 265 -4.04 -25.63 -38.39
C LEU B 265 -2.57 -26.00 -38.59
N ASN B 266 -1.77 -25.74 -37.55
CA ASN B 266 -0.35 -26.05 -37.60
C ASN B 266 -0.11 -27.51 -37.23
N ASN B 267 1.17 -27.91 -37.26
CA ASN B 267 1.52 -29.27 -36.90
C ASN B 267 1.04 -29.62 -35.50
N ASP B 268 1.11 -28.67 -34.57
CA ASP B 268 0.57 -28.86 -33.23
C ASP B 268 -0.95 -28.71 -33.18
N GLY B 269 -1.57 -28.27 -34.28
CA GLY B 269 -3.01 -28.16 -34.34
C GLY B 269 -3.59 -27.11 -33.42
N LEU B 270 -3.28 -25.84 -33.68
CA LEU B 270 -3.77 -24.73 -32.86
C LEU B 270 -4.62 -23.75 -33.64
N SER B 271 -4.15 -23.29 -34.80
CA SER B 271 -4.82 -22.21 -35.52
C SER B 271 -4.59 -20.90 -34.77
N PRO B 272 -4.60 -19.76 -35.47
CA PRO B 272 -4.10 -18.52 -34.85
C PRO B 272 -4.75 -18.17 -33.52
N LEU B 273 -6.06 -18.36 -33.38
CA LEU B 273 -6.73 -17.97 -32.14
C LEU B 273 -6.22 -18.80 -30.96
N MET B 274 -6.22 -20.12 -31.11
CA MET B 274 -5.77 -20.98 -30.01
C MET B 274 -4.29 -20.80 -29.76
N MET B 275 -3.50 -20.55 -30.81
CA MET B 275 -2.08 -20.31 -30.60
C MET B 275 -1.85 -19.03 -29.81
N ALA B 276 -2.61 -17.97 -30.11
CA ALA B 276 -2.50 -16.74 -29.34
C ALA B 276 -2.94 -16.97 -27.89
N ALA B 277 -3.98 -17.78 -27.70
CA ALA B 277 -4.43 -18.09 -26.35
C ALA B 277 -3.36 -18.86 -25.57
N LYS B 278 -2.72 -19.81 -26.22
CA LYS B 278 -1.73 -20.65 -25.54
C LYS B 278 -0.46 -19.87 -25.23
N THR B 279 0.05 -19.12 -26.22
CA THR B 279 1.33 -18.45 -26.05
C THR B 279 1.27 -17.32 -25.02
N GLY B 280 0.08 -16.92 -24.60
CA GLY B 280 -0.07 -15.84 -23.63
C GLY B 280 -0.33 -14.48 -24.24
N LYS B 281 -0.55 -14.40 -25.55
CA LYS B 281 -0.82 -13.12 -26.19
C LYS B 281 -2.15 -12.56 -25.70
N ILE B 282 -2.22 -11.24 -25.58
CA ILE B 282 -3.42 -10.55 -25.15
C ILE B 282 -3.88 -9.53 -26.19
N GLY B 283 -2.95 -8.71 -26.69
CA GLY B 283 -3.33 -7.71 -27.67
C GLY B 283 -3.94 -8.31 -28.91
N VAL B 284 -3.28 -9.34 -29.46
CA VAL B 284 -3.85 -10.04 -30.61
C VAL B 284 -5.08 -10.82 -30.22
N PHE B 285 -5.08 -11.40 -29.01
CA PHE B 285 -6.22 -12.21 -28.58
C PHE B 285 -7.47 -11.35 -28.40
N GLN B 286 -7.34 -10.22 -27.70
CA GLN B 286 -8.50 -9.36 -27.49
C GLN B 286 -9.13 -8.94 -28.80
N HIS B 287 -8.33 -8.80 -29.85
CA HIS B 287 -8.86 -8.38 -31.14
C HIS B 287 -9.48 -9.55 -31.89
N ILE B 288 -8.75 -10.65 -32.05
CA ILE B 288 -9.20 -11.75 -32.89
C ILE B 288 -10.55 -12.27 -32.42
N ILE B 289 -10.90 -12.05 -31.15
CA ILE B 289 -12.18 -12.52 -30.63
C ILE B 289 -13.27 -11.47 -30.79
N ARG B 290 -12.94 -10.27 -31.24
CA ARG B 290 -13.90 -9.18 -31.46
C ARG B 290 -13.69 -8.56 -32.82
N ARG B 291 -13.57 -9.41 -33.84
CA ARG B 291 -13.26 -8.99 -35.20
C ARG B 291 -14.54 -8.99 -36.03
N GLU B 292 -14.95 -7.80 -36.49
CA GLU B 292 -16.12 -7.65 -37.34
C GLU B 292 -15.73 -6.89 -38.60
N VAL B 293 -16.35 -7.28 -39.72
CA VAL B 293 -16.03 -6.73 -41.03
C VAL B 293 -17.32 -6.18 -41.64
N THR B 294 -17.19 -5.11 -42.42
CA THR B 294 -18.35 -4.38 -42.91
C THR B 294 -18.97 -5.05 -44.13
N ASP B 295 -18.22 -5.15 -45.23
CA ASP B 295 -18.79 -5.65 -46.48
C ASP B 295 -19.17 -7.11 -46.36
N GLU B 296 -20.32 -7.47 -46.94
CA GLU B 296 -20.85 -8.82 -46.77
C GLU B 296 -19.93 -9.87 -47.36
N ASP B 297 -19.32 -9.58 -48.51
CA ASP B 297 -18.45 -10.56 -49.15
C ASP B 297 -17.32 -11.00 -48.23
N THR B 298 -16.94 -10.15 -47.28
CA THR B 298 -15.89 -10.47 -46.30
C THR B 298 -16.39 -10.30 -44.87
N ARG B 299 -17.70 -10.27 -44.66
CA ARG B 299 -18.25 -10.20 -43.31
C ARG B 299 -18.37 -11.57 -42.67
N HIS B 300 -18.45 -12.64 -43.46
CA HIS B 300 -18.67 -13.97 -42.90
C HIS B 300 -17.57 -14.34 -41.91
N LEU B 301 -16.35 -13.82 -42.10
CA LEU B 301 -15.25 -14.10 -41.21
C LEU B 301 -15.24 -13.21 -39.97
N SER B 302 -16.37 -12.56 -39.66
CA SER B 302 -16.48 -11.74 -38.47
C SER B 302 -16.81 -12.59 -37.26
N ARG B 303 -16.57 -12.03 -36.08
CA ARG B 303 -16.94 -12.67 -34.82
C ARG B 303 -18.00 -11.88 -34.08
N LYS B 304 -17.76 -10.60 -33.80
CA LYS B 304 -18.64 -9.80 -32.95
C LYS B 304 -19.76 -9.22 -33.81
N PHE B 305 -20.75 -10.05 -34.09
CA PHE B 305 -21.92 -9.60 -34.82
C PHE B 305 -22.69 -8.58 -33.99
N LYS B 306 -23.74 -8.02 -34.59
CA LYS B 306 -24.68 -7.15 -33.89
C LYS B 306 -26.08 -7.72 -34.07
N ASP B 307 -26.81 -7.83 -32.96
CA ASP B 307 -28.14 -8.45 -32.96
C ASP B 307 -29.25 -7.42 -33.03
N TRP B 308 -29.29 -6.50 -32.06
CA TRP B 308 -30.26 -5.41 -32.08
C TRP B 308 -29.89 -4.43 -30.99
N ALA B 309 -30.53 -3.26 -31.03
CA ALA B 309 -30.32 -2.23 -30.03
C ALA B 309 -31.66 -1.63 -29.65
N TYR B 310 -31.75 -1.15 -28.42
CA TYR B 310 -32.94 -0.49 -27.90
C TYR B 310 -32.57 0.83 -27.26
N GLY B 311 -31.76 1.61 -27.95
CA GLY B 311 -31.31 2.90 -27.45
C GLY B 311 -29.98 2.77 -26.75
N PRO B 312 -29.97 2.80 -25.41
CA PRO B 312 -28.72 2.64 -24.66
C PRO B 312 -28.37 1.20 -24.31
N VAL B 313 -29.06 0.21 -24.87
CA VAL B 313 -28.74 -1.20 -24.65
C VAL B 313 -28.36 -1.81 -25.99
N TYR B 314 -27.21 -2.46 -26.04
CA TYR B 314 -26.69 -3.07 -27.26
C TYR B 314 -26.43 -4.55 -27.01
N SER B 315 -27.01 -5.39 -27.87
CA SER B 315 -26.87 -6.85 -27.76
C SER B 315 -25.82 -7.30 -28.77
N SER B 316 -24.57 -7.39 -28.32
CA SER B 316 -23.49 -7.86 -29.19
C SER B 316 -23.49 -9.38 -29.23
N LEU B 317 -23.58 -9.93 -30.44
CA LEU B 317 -23.76 -11.37 -30.64
C LEU B 317 -22.39 -12.00 -30.97
N TYR B 318 -21.60 -12.22 -29.92
CA TYR B 318 -20.29 -12.84 -30.11
C TYR B 318 -20.42 -14.24 -30.69
N ASP B 319 -19.58 -14.52 -31.69
CA ASP B 319 -19.60 -15.82 -32.37
C ASP B 319 -18.51 -16.74 -31.82
N LEU B 320 -18.69 -17.16 -30.58
CA LEU B 320 -17.76 -18.09 -29.96
C LEU B 320 -18.00 -19.48 -30.55
N SER B 321 -17.48 -19.66 -31.76
CA SER B 321 -17.59 -20.95 -32.45
C SER B 321 -16.54 -21.94 -32.00
N SER B 322 -15.46 -21.48 -31.34
CA SER B 322 -14.40 -22.38 -30.91
C SER B 322 -13.90 -22.06 -29.50
N LEU B 323 -14.73 -21.46 -28.66
CA LEU B 323 -14.40 -21.25 -27.26
C LEU B 323 -14.95 -22.35 -26.37
N ASP B 324 -15.70 -23.29 -26.94
CA ASP B 324 -16.09 -24.51 -26.22
C ASP B 324 -16.63 -25.49 -27.25
N THR B 325 -16.06 -26.68 -27.30
CA THR B 325 -16.44 -27.69 -28.29
C THR B 325 -17.37 -28.74 -27.71
N CYS B 326 -17.86 -28.55 -26.49
CA CYS B 326 -18.72 -29.53 -25.82
C CYS B 326 -17.99 -30.87 -25.65
N GLY B 327 -16.67 -30.82 -25.51
CA GLY B 327 -15.87 -32.01 -25.38
C GLY B 327 -15.59 -32.74 -26.69
N GLU B 328 -16.05 -32.20 -27.82
CA GLU B 328 -15.84 -32.89 -29.09
C GLU B 328 -14.40 -32.77 -29.56
N GLU B 329 -13.80 -31.59 -29.42
CA GLU B 329 -12.44 -31.34 -29.88
C GLU B 329 -11.78 -30.35 -28.93
N VAL B 330 -10.65 -29.80 -29.37
CA VAL B 330 -9.92 -28.81 -28.58
C VAL B 330 -10.68 -27.49 -28.64
N SER B 331 -10.67 -26.74 -27.53
CA SER B 331 -11.39 -25.49 -27.42
C SER B 331 -10.49 -24.43 -26.80
N VAL B 332 -10.76 -23.17 -27.15
CA VAL B 332 -9.91 -22.08 -26.71
C VAL B 332 -10.01 -21.89 -25.20
N LEU B 333 -11.18 -22.16 -24.62
CA LEU B 333 -11.35 -21.98 -23.18
C LEU B 333 -10.56 -23.01 -22.38
N GLU B 334 -10.62 -24.27 -22.80
CA GLU B 334 -9.87 -25.31 -22.14
C GLU B 334 -8.37 -25.02 -22.19
N ILE B 335 -7.87 -24.63 -23.37
CA ILE B 335 -6.46 -24.29 -23.49
C ILE B 335 -6.12 -23.09 -22.62
N LEU B 336 -6.99 -22.08 -22.62
CA LEU B 336 -6.71 -20.86 -21.87
C LEU B 336 -6.62 -21.14 -20.38
N VAL B 337 -7.47 -22.02 -19.88
CA VAL B 337 -7.58 -22.24 -18.43
C VAL B 337 -6.63 -23.33 -17.95
N TYR B 338 -6.71 -24.53 -18.50
CA TYR B 338 -5.92 -25.65 -17.98
C TYR B 338 -4.43 -25.40 -18.16
N ASN B 339 -4.02 -24.87 -19.30
CA ASN B 339 -2.61 -24.69 -19.59
C ASN B 339 -1.95 -23.82 -18.51
N SER B 340 -0.79 -24.25 -18.05
CA SER B 340 -0.04 -23.54 -17.02
C SER B 340 0.97 -22.56 -17.58
N LYS B 341 1.31 -22.68 -18.87
CA LYS B 341 2.28 -21.77 -19.48
C LYS B 341 1.72 -20.36 -19.65
N ILE B 342 0.40 -20.19 -19.56
CA ILE B 342 -0.21 -18.88 -19.78
C ILE B 342 0.37 -17.89 -18.78
N GLU B 343 0.80 -16.73 -19.30
CA GLU B 343 1.35 -15.68 -18.45
C GLU B 343 0.35 -14.55 -18.19
N ASN B 344 -0.64 -14.37 -19.06
CA ASN B 344 -1.62 -13.30 -18.93
C ASN B 344 -3.03 -13.87 -18.75
N ARG B 345 -3.14 -15.04 -18.12
CA ARG B 345 -4.44 -15.70 -18.00
C ARG B 345 -5.46 -14.81 -17.32
N HIS B 346 -5.03 -13.91 -16.44
CA HIS B 346 -5.97 -13.06 -15.72
C HIS B 346 -6.85 -12.28 -16.68
N GLU B 347 -6.25 -11.39 -17.47
CA GLU B 347 -7.02 -10.59 -18.41
C GLU B 347 -7.58 -11.42 -19.55
N MET B 348 -6.85 -12.46 -19.97
CA MET B 348 -7.31 -13.27 -21.09
C MET B 348 -8.62 -13.97 -20.77
N LEU B 349 -8.80 -14.40 -19.52
CA LEU B 349 -10.09 -14.94 -19.12
C LEU B 349 -11.18 -13.88 -19.21
N ALA B 350 -10.87 -12.66 -18.82
CA ALA B 350 -11.84 -11.57 -18.79
C ALA B 350 -11.88 -10.78 -20.09
N VAL B 351 -11.54 -11.39 -21.22
CA VAL B 351 -11.63 -10.68 -22.50
C VAL B 351 -13.03 -10.14 -22.70
N GLU B 352 -14.05 -10.95 -22.43
CA GLU B 352 -15.45 -10.57 -22.31
C GLU B 352 -16.34 -11.75 -22.65
N PRO B 353 -16.31 -12.27 -23.89
CA PRO B 353 -17.12 -13.46 -24.19
C PRO B 353 -16.76 -14.65 -23.35
N ILE B 354 -15.49 -14.80 -22.98
CA ILE B 354 -15.06 -15.93 -22.16
C ILE B 354 -15.67 -15.83 -20.76
N ASN B 355 -15.56 -14.65 -20.14
CA ASN B 355 -16.06 -14.50 -18.78
C ASN B 355 -17.57 -14.69 -18.72
N GLU B 356 -18.30 -14.10 -19.67
CA GLU B 356 -19.74 -14.25 -19.66
C GLU B 356 -20.14 -15.67 -20.05
N LEU B 357 -19.35 -16.34 -20.89
CA LEU B 357 -19.60 -17.73 -21.19
C LEU B 357 -19.47 -18.59 -19.94
N LEU B 358 -18.44 -18.33 -19.13
CA LEU B 358 -18.30 -19.05 -17.86
C LEU B 358 -19.46 -18.73 -16.93
N ARG B 359 -19.90 -17.47 -16.90
CA ARG B 359 -21.07 -17.12 -16.11
C ARG B 359 -22.28 -17.96 -16.52
N ASP B 360 -22.56 -18.01 -17.82
CA ASP B 360 -23.72 -18.76 -18.30
C ASP B 360 -23.56 -20.24 -17.98
N LYS B 361 -22.36 -20.79 -18.17
CA LYS B 361 -22.13 -22.19 -17.83
C LYS B 361 -22.40 -22.44 -16.36
N TRP B 362 -22.01 -21.49 -15.50
CA TRP B 362 -22.30 -21.61 -14.08
C TRP B 362 -23.80 -21.62 -13.83
N ARG B 363 -24.54 -20.75 -14.52
CA ARG B 363 -25.98 -20.70 -14.35
C ARG B 363 -26.62 -22.06 -14.64
N LYS B 364 -26.49 -22.53 -15.88
CA LYS B 364 -27.13 -23.76 -16.30
C LYS B 364 -26.16 -24.93 -16.16
N PHE B 365 -26.52 -25.90 -15.33
CA PHE B 365 -25.75 -27.14 -15.18
C PHE B 365 -24.30 -26.86 -14.79
N GLY B 366 -24.07 -25.77 -14.06
CA GLY B 366 -22.75 -25.46 -13.57
C GLY B 366 -22.68 -25.43 -12.06
N ALA B 367 -23.78 -25.02 -11.42
CA ALA B 367 -23.86 -24.94 -9.97
C ALA B 367 -24.64 -26.11 -9.36
N VAL B 368 -25.67 -26.60 -10.04
CA VAL B 368 -26.40 -27.76 -9.54
C VAL B 368 -25.46 -28.94 -9.40
N SER B 369 -24.60 -29.15 -10.40
CA SER B 369 -23.63 -30.24 -10.33
C SER B 369 -22.65 -30.00 -9.19
N PHE B 370 -22.22 -28.76 -8.99
CA PHE B 370 -21.31 -28.43 -7.90
C PHE B 370 -21.91 -28.83 -6.55
N TYR B 371 -23.17 -28.43 -6.32
CA TYR B 371 -23.79 -28.69 -5.03
C TYR B 371 -24.09 -30.17 -4.84
N ILE B 372 -24.57 -30.86 -5.87
CA ILE B 372 -24.82 -32.29 -5.70
C ILE B 372 -23.50 -33.01 -5.53
N ASN B 373 -22.42 -32.51 -6.13
CA ASN B 373 -21.11 -33.11 -5.95
C ASN B 373 -20.68 -33.01 -4.49
N VAL B 374 -20.83 -31.84 -3.87
CA VAL B 374 -20.43 -31.72 -2.47
C VAL B 374 -21.33 -32.57 -1.58
N VAL B 375 -22.63 -32.62 -1.88
CA VAL B 375 -23.51 -33.47 -1.10
C VAL B 375 -23.06 -34.92 -1.18
N SER B 376 -22.81 -35.40 -2.40
CA SER B 376 -22.43 -36.80 -2.58
C SER B 376 -21.09 -37.10 -1.93
N TYR B 377 -20.13 -36.18 -2.03
CA TYR B 377 -18.82 -36.45 -1.47
C TYR B 377 -18.83 -36.39 0.05
N LEU B 378 -19.53 -35.41 0.63
CA LEU B 378 -19.66 -35.39 2.09
C LEU B 378 -20.39 -36.63 2.58
N CYS B 379 -21.37 -37.12 1.82
CA CYS B 379 -22.05 -38.35 2.19
C CYS B 379 -21.12 -39.56 2.11
N ALA B 380 -20.34 -39.68 1.04
CA ALA B 380 -19.43 -40.80 0.86
C ALA B 380 -18.21 -40.71 1.76
N MET B 381 -17.99 -39.55 2.40
CA MET B 381 -16.98 -39.43 3.44
C MET B 381 -17.54 -39.66 4.82
N VAL B 382 -18.81 -39.32 5.06
CA VAL B 382 -19.44 -39.66 6.34
C VAL B 382 -19.66 -41.17 6.45
N ILE B 383 -20.08 -41.82 5.36
CA ILE B 383 -20.24 -43.26 5.36
C ILE B 383 -18.89 -43.99 5.37
N PHE B 384 -17.79 -43.26 5.19
CA PHE B 384 -16.47 -43.82 5.40
C PHE B 384 -16.00 -43.58 6.83
N THR B 385 -16.27 -42.39 7.36
CA THR B 385 -15.95 -42.08 8.75
C THR B 385 -16.65 -43.04 9.70
N LEU B 386 -17.95 -43.24 9.51
CA LEU B 386 -18.72 -44.09 10.42
C LEU B 386 -18.39 -45.56 10.24
N THR B 387 -17.91 -45.97 9.06
CA THR B 387 -17.41 -47.31 8.87
C THR B 387 -15.98 -47.47 9.37
N ALA B 388 -15.27 -46.36 9.60
CA ALA B 388 -13.94 -46.42 10.20
C ALA B 388 -14.02 -46.51 11.71
N TYR B 389 -14.79 -45.64 12.35
CA TYR B 389 -14.88 -45.69 13.80
C TYR B 389 -15.59 -46.95 14.28
N TYR B 390 -16.58 -47.43 13.52
CA TYR B 390 -17.28 -48.67 13.83
C TYR B 390 -16.55 -49.90 13.31
N GLN B 391 -15.25 -49.79 13.04
CA GLN B 391 -14.45 -50.87 12.49
C GLN B 391 -14.82 -52.21 13.14
N PRO B 392 -14.99 -53.29 12.37
CA PRO B 392 -15.28 -54.59 12.95
C PRO B 392 -14.51 -54.88 14.23
N LEU B 393 -15.22 -55.39 15.24
CA LEU B 393 -14.66 -55.59 16.56
C LEU B 393 -14.05 -57.00 16.65
N GLU B 394 -13.68 -57.41 17.86
CA GLU B 394 -13.29 -58.79 18.14
C GLU B 394 -11.92 -59.15 17.59
N GLY B 395 -11.28 -58.24 16.84
CA GLY B 395 -10.03 -58.57 16.20
C GLY B 395 -10.22 -59.68 15.19
N THR B 396 -9.23 -59.91 14.33
CA THR B 396 -9.36 -60.91 13.29
C THR B 396 -10.66 -60.69 12.53
N PRO B 397 -10.82 -59.58 11.82
CA PRO B 397 -12.04 -59.36 11.03
C PRO B 397 -11.85 -59.75 9.57
N PRO B 398 -11.76 -61.05 9.24
CA PRO B 398 -11.75 -61.41 7.81
C PRO B 398 -13.11 -61.18 7.17
N TYR B 399 -14.15 -61.73 7.77
CA TYR B 399 -15.52 -61.62 7.28
C TYR B 399 -16.50 -61.60 8.46
N PRO B 400 -16.42 -60.60 9.34
CA PRO B 400 -17.26 -60.59 10.53
C PRO B 400 -18.67 -60.03 10.34
N TYR B 401 -19.07 -59.73 9.10
CA TYR B 401 -20.40 -59.17 8.87
C TYR B 401 -21.47 -60.23 9.15
N ARG B 402 -22.16 -60.10 10.29
CA ARG B 402 -23.14 -61.08 10.71
C ARG B 402 -24.53 -60.51 10.92
N THR B 403 -24.65 -59.40 11.66
CA THR B 403 -25.95 -58.94 12.14
C THR B 403 -26.42 -57.70 11.38
N THR B 404 -27.57 -57.17 11.78
CA THR B 404 -28.20 -56.07 11.03
C THR B 404 -27.33 -54.82 11.06
N VAL B 405 -26.89 -54.39 12.24
CA VAL B 405 -26.03 -53.22 12.32
C VAL B 405 -24.71 -53.50 11.61
N ASP B 406 -24.18 -54.71 11.79
CA ASP B 406 -22.94 -55.07 11.10
C ASP B 406 -23.18 -55.19 9.60
N TYR B 407 -24.39 -55.58 9.19
CA TYR B 407 -24.73 -55.58 7.77
C TYR B 407 -24.75 -54.16 7.22
N LEU B 408 -25.27 -53.20 7.99
CA LEU B 408 -25.23 -51.81 7.57
C LEU B 408 -23.80 -51.30 7.48
N ARG B 409 -22.95 -51.73 8.42
CA ARG B 409 -21.54 -51.39 8.34
C ARG B 409 -20.90 -51.96 7.09
N LEU B 410 -21.25 -53.20 6.73
CA LEU B 410 -20.79 -53.77 5.47
C LEU B 410 -21.29 -52.96 4.29
N ALA B 411 -22.54 -52.48 4.35
CA ALA B 411 -23.07 -51.65 3.28
C ALA B 411 -22.23 -50.39 3.12
N GLY B 412 -21.91 -49.74 4.23
CA GLY B 412 -21.04 -48.57 4.17
C GLY B 412 -19.67 -48.89 3.61
N GLU B 413 -19.08 -50.00 4.04
CA GLU B 413 -17.75 -50.37 3.56
C GLU B 413 -17.76 -50.66 2.06
N VAL B 414 -18.80 -51.35 1.57
CA VAL B 414 -18.87 -51.65 0.15
C VAL B 414 -19.13 -50.39 -0.65
N ILE B 415 -19.93 -49.46 -0.11
CA ILE B 415 -20.09 -48.17 -0.78
C ILE B 415 -18.74 -47.46 -0.89
N THR B 416 -17.96 -47.49 0.19
CA THR B 416 -16.65 -46.86 0.15
C THR B 416 -15.74 -47.52 -0.88
N LEU B 417 -15.72 -48.85 -0.93
CA LEU B 417 -14.86 -49.53 -1.89
C LEU B 417 -15.31 -49.27 -3.33
N PHE B 418 -16.62 -49.25 -3.56
CA PHE B 418 -17.14 -48.94 -4.89
C PHE B 418 -16.75 -47.53 -5.31
N THR B 419 -16.89 -46.57 -4.39
CA THR B 419 -16.49 -45.20 -4.70
C THR B 419 -14.99 -45.11 -4.93
N GLY B 420 -14.21 -45.91 -4.21
CA GLY B 420 -12.77 -45.93 -4.38
C GLY B 420 -12.35 -46.44 -5.75
N VAL B 421 -12.97 -47.54 -6.21
CA VAL B 421 -12.63 -48.06 -7.53
C VAL B 421 -13.13 -47.13 -8.62
N LEU B 422 -14.32 -46.55 -8.43
CA LEU B 422 -14.81 -45.53 -9.36
C LEU B 422 -13.84 -44.36 -9.43
N PHE B 423 -13.30 -43.95 -8.29
CA PHE B 423 -12.33 -42.86 -8.26
C PHE B 423 -11.06 -43.26 -9.00
N PHE B 424 -10.61 -44.50 -8.81
CA PHE B 424 -9.48 -45.01 -9.57
C PHE B 424 -9.71 -44.85 -11.06
N PHE B 425 -10.85 -45.34 -11.55
CA PHE B 425 -11.15 -45.24 -12.97
C PHE B 425 -11.18 -43.78 -13.42
N THR B 426 -11.89 -42.93 -12.69
CA THR B 426 -11.98 -41.52 -13.07
C THR B 426 -10.63 -40.83 -13.04
N SER B 427 -9.66 -41.36 -12.29
CA SER B 427 -8.34 -40.77 -12.20
C SER B 427 -7.37 -41.29 -13.24
N ILE B 428 -7.53 -42.52 -13.71
CA ILE B 428 -6.66 -43.10 -14.73
C ILE B 428 -7.32 -43.10 -16.10
N LYS B 429 -8.62 -43.36 -16.14
CA LYS B 429 -9.33 -43.36 -17.42
C LYS B 429 -9.26 -42.00 -18.09
N ASP B 430 -9.17 -40.94 -17.30
CA ASP B 430 -9.09 -39.59 -17.84
C ASP B 430 -7.64 -39.14 -17.92
N PHE B 448 -5.60 -31.26 -7.50
CA PHE B 448 -6.02 -32.34 -6.60
C PHE B 448 -6.33 -33.59 -7.39
N GLN B 449 -5.33 -34.10 -8.10
CA GLN B 449 -5.44 -35.33 -8.87
C GLN B 449 -4.50 -36.42 -8.38
N LEU B 450 -3.27 -36.06 -7.99
CA LEU B 450 -2.35 -37.04 -7.45
C LEU B 450 -2.79 -37.48 -6.05
N LEU B 451 -3.16 -36.52 -5.19
CA LEU B 451 -3.72 -36.86 -3.90
C LEU B 451 -4.95 -37.76 -4.05
N TYR B 452 -5.72 -37.53 -5.11
CA TYR B 452 -6.88 -38.35 -5.42
C TYR B 452 -6.53 -39.77 -5.82
N PHE B 453 -5.52 -39.95 -6.67
CA PHE B 453 -5.06 -41.31 -6.97
C PHE B 453 -4.53 -41.98 -5.72
N ILE B 454 -3.85 -41.23 -4.86
CA ILE B 454 -3.37 -41.78 -3.59
C ILE B 454 -4.52 -42.27 -2.74
N TYR B 455 -5.56 -41.44 -2.61
CA TYR B 455 -6.75 -41.87 -1.87
C TYR B 455 -7.32 -43.16 -2.43
N SER B 456 -7.48 -43.21 -3.76
CA SER B 456 -8.10 -44.40 -4.35
C SER B 456 -7.27 -45.64 -4.11
N VAL B 457 -5.95 -45.55 -4.32
CA VAL B 457 -5.10 -46.73 -4.15
C VAL B 457 -5.06 -47.13 -2.68
N LEU B 458 -5.07 -46.17 -1.77
CA LEU B 458 -5.05 -46.50 -0.35
C LEU B 458 -6.32 -47.21 0.07
N VAL B 459 -7.47 -46.74 -0.40
CA VAL B 459 -8.72 -47.42 -0.06
C VAL B 459 -8.75 -48.81 -0.67
N VAL B 460 -8.21 -48.97 -1.88
CA VAL B 460 -8.15 -50.29 -2.49
C VAL B 460 -7.28 -51.23 -1.67
N VAL B 461 -6.12 -50.76 -1.23
CA VAL B 461 -5.24 -51.58 -0.41
C VAL B 461 -5.94 -51.95 0.89
N SER B 462 -6.63 -50.99 1.50
CA SER B 462 -7.33 -51.26 2.75
C SER B 462 -8.41 -52.32 2.56
N ALA B 463 -9.18 -52.22 1.48
CA ALA B 463 -10.21 -53.22 1.22
C ALA B 463 -9.59 -54.59 1.00
N ALA B 464 -8.48 -54.66 0.25
CA ALA B 464 -7.83 -55.93 0.01
C ALA B 464 -7.34 -56.55 1.31
N LEU B 465 -6.69 -55.75 2.15
CA LEU B 465 -6.19 -56.26 3.43
C LEU B 465 -7.33 -56.70 4.33
N TYR B 466 -8.44 -55.95 4.34
CA TYR B 466 -9.60 -56.36 5.10
C TYR B 466 -10.15 -57.69 4.62
N LEU B 467 -10.23 -57.88 3.31
CA LEU B 467 -10.64 -59.19 2.78
C LEU B 467 -9.65 -60.27 3.15
N ALA B 468 -8.37 -59.90 3.35
CA ALA B 468 -7.39 -60.83 3.87
C ALA B 468 -7.47 -60.99 5.38
N GLY B 469 -8.20 -60.11 6.07
CA GLY B 469 -8.37 -60.22 7.51
C GLY B 469 -7.08 -60.13 8.29
N ILE B 470 -6.24 -59.14 7.96
CA ILE B 470 -4.92 -58.99 8.57
C ILE B 470 -4.99 -57.92 9.63
N GLU B 471 -4.41 -58.22 10.80
CA GLU B 471 -4.50 -57.34 11.95
C GLU B 471 -3.67 -56.07 11.74
N ALA B 472 -4.04 -55.02 12.47
CA ALA B 472 -3.31 -53.75 12.49
C ALA B 472 -3.01 -53.24 11.09
N TYR B 473 -3.80 -53.66 10.10
CA TYR B 473 -3.65 -53.18 8.73
C TYR B 473 -4.88 -52.45 8.22
N LEU B 474 -5.96 -52.40 9.00
CA LEU B 474 -7.01 -51.43 8.77
C LEU B 474 -6.61 -50.11 9.45
N ALA B 475 -5.38 -49.66 9.17
CA ALA B 475 -4.87 -48.40 9.65
C ALA B 475 -4.39 -47.50 8.52
N VAL B 476 -4.17 -48.04 7.32
CA VAL B 476 -4.10 -47.22 6.13
C VAL B 476 -5.49 -46.85 5.65
N MET B 477 -6.52 -47.60 6.06
CA MET B 477 -7.89 -47.22 5.75
C MET B 477 -8.25 -45.91 6.43
N VAL B 478 -7.88 -45.75 7.70
CA VAL B 478 -8.14 -44.49 8.38
C VAL B 478 -7.29 -43.37 7.78
N PHE B 479 -6.09 -43.69 7.30
CA PHE B 479 -5.29 -42.67 6.63
C PHE B 479 -5.95 -42.24 5.32
N ALA B 480 -6.51 -43.19 4.58
CA ALA B 480 -7.28 -42.85 3.39
C ALA B 480 -8.50 -42.02 3.76
N LEU B 481 -9.10 -42.30 4.91
CA LEU B 481 -10.24 -41.50 5.38
C LEU B 481 -9.83 -40.06 5.62
N VAL B 482 -8.74 -39.85 6.36
CA VAL B 482 -8.31 -38.49 6.67
C VAL B 482 -7.86 -37.78 5.40
N LEU B 483 -7.27 -38.54 4.46
CA LEU B 483 -6.95 -37.96 3.15
C LEU B 483 -8.21 -37.52 2.42
N GLY B 484 -9.22 -38.39 2.35
CA GLY B 484 -10.49 -38.02 1.77
C GLY B 484 -11.14 -36.85 2.45
N TRP B 485 -10.81 -36.60 3.71
CA TRP B 485 -11.26 -35.40 4.39
C TRP B 485 -10.43 -34.17 4.07
N MET B 486 -9.14 -34.30 3.77
CA MET B 486 -8.40 -33.22 3.13
C MET B 486 -8.50 -33.27 1.61
N ASN B 487 -9.09 -34.33 1.06
CA ASN B 487 -9.36 -34.40 -0.37
C ASN B 487 -10.62 -33.65 -0.76
N ALA B 488 -11.50 -33.35 0.20
CA ALA B 488 -12.72 -32.61 -0.06
C ALA B 488 -12.48 -31.12 -0.19
N LEU B 489 -11.22 -30.69 -0.23
CA LEU B 489 -10.88 -29.29 -0.47
C LEU B 489 -10.91 -28.94 -1.94
N TYR B 490 -10.98 -29.93 -2.84
CA TYR B 490 -11.19 -29.66 -4.25
C TYR B 490 -12.47 -28.85 -4.44
N PHE B 491 -13.57 -29.33 -3.84
CA PHE B 491 -14.83 -28.62 -3.97
C PHE B 491 -14.76 -27.22 -3.38
N THR B 492 -14.19 -27.06 -2.20
CA THR B 492 -14.22 -25.80 -1.47
C THR B 492 -13.25 -24.78 -2.11
N ARG B 493 -13.57 -24.43 -3.36
CA ARG B 493 -12.86 -23.38 -4.07
C ARG B 493 -13.82 -22.40 -4.74
N GLY B 494 -15.13 -22.58 -4.54
CA GLY B 494 -16.13 -21.72 -5.14
C GLY B 494 -16.75 -20.76 -4.15
N LEU B 495 -17.93 -21.12 -3.64
CA LEU B 495 -18.67 -20.23 -2.74
C LEU B 495 -17.82 -19.85 -1.54
N LYS B 496 -18.08 -18.66 -1.00
CA LYS B 496 -17.38 -18.08 0.14
C LYS B 496 -15.95 -17.69 -0.18
N LEU B 497 -15.52 -17.82 -1.43
CA LEU B 497 -14.15 -17.49 -1.82
C LEU B 497 -13.14 -18.24 -0.97
N THR B 498 -13.49 -19.45 -0.55
CA THR B 498 -12.62 -20.28 0.26
C THR B 498 -11.69 -21.09 -0.65
N GLY B 499 -10.85 -21.92 -0.02
CA GLY B 499 -9.91 -22.76 -0.74
C GLY B 499 -8.48 -22.26 -0.72
N THR B 500 -8.26 -20.98 -0.40
CA THR B 500 -6.89 -20.49 -0.28
C THR B 500 -6.13 -21.23 0.81
N TYR B 501 -6.83 -21.84 1.76
CA TYR B 501 -6.20 -22.81 2.63
C TYR B 501 -5.46 -23.86 1.80
N SER B 502 -6.07 -24.26 0.69
CA SER B 502 -5.42 -25.20 -0.22
C SER B 502 -4.12 -24.63 -0.77
N ILE B 503 -4.13 -23.34 -1.14
CA ILE B 503 -2.92 -22.73 -1.71
C ILE B 503 -1.81 -22.70 -0.67
N MET B 504 -2.13 -22.25 0.55
CA MET B 504 -1.09 -22.15 1.57
C MET B 504 -0.56 -23.52 1.96
N ILE B 505 -1.44 -24.52 2.12
CA ILE B 505 -0.96 -25.85 2.46
C ILE B 505 -0.19 -26.45 1.28
N GLN B 506 -0.54 -26.07 0.04
CA GLN B 506 0.24 -26.49 -1.12
C GLN B 506 1.66 -25.94 -1.04
N LYS B 507 1.79 -24.68 -0.64
CA LYS B 507 3.12 -24.13 -0.40
C LYS B 507 3.82 -24.88 0.71
N ILE B 508 3.08 -25.26 1.76
CA ILE B 508 3.68 -25.91 2.92
C ILE B 508 4.30 -27.24 2.52
N LEU B 509 3.44 -28.20 2.12
CA LEU B 509 3.82 -29.59 1.82
C LEU B 509 5.19 -30.04 2.34
N PHE B 510 5.74 -31.06 1.67
CA PHE B 510 7.06 -31.59 2.02
C PHE B 510 8.05 -30.49 2.31
N LYS B 511 8.06 -29.43 1.50
CA LYS B 511 9.07 -28.39 1.69
C LYS B 511 9.21 -28.05 3.17
N ASP B 512 8.14 -27.48 3.75
CA ASP B 512 8.19 -27.10 5.16
C ASP B 512 8.24 -28.31 6.07
N LEU B 513 7.50 -29.38 5.72
CA LEU B 513 7.44 -30.53 6.62
C LEU B 513 8.84 -31.09 6.86
N PHE B 514 9.58 -31.41 5.81
CA PHE B 514 10.91 -31.97 5.98
C PHE B 514 11.94 -30.91 6.34
N ARG B 515 11.70 -29.62 6.04
CA ARG B 515 12.61 -28.61 6.58
C ARG B 515 12.58 -28.64 8.10
N PHE B 516 11.38 -28.60 8.69
CA PHE B 516 11.24 -28.71 10.14
C PHE B 516 11.77 -30.04 10.63
N LEU B 517 11.45 -31.14 9.93
CA LEU B 517 11.88 -32.45 10.40
C LEU B 517 13.39 -32.57 10.41
N LEU B 518 14.07 -32.02 9.40
CA LEU B 518 15.52 -32.12 9.35
C LEU B 518 16.18 -31.22 10.39
N VAL B 519 15.67 -30.01 10.60
CA VAL B 519 16.24 -29.20 11.67
C VAL B 519 15.98 -29.85 13.02
N TYR B 520 14.85 -30.54 13.16
CA TYR B 520 14.51 -31.16 14.43
C TYR B 520 15.35 -32.41 14.70
N LEU B 521 15.64 -33.19 13.65
CA LEU B 521 16.63 -34.26 13.79
C LEU B 521 18.01 -33.69 14.06
N LEU B 522 18.36 -32.57 13.43
CA LEU B 522 19.61 -31.88 13.71
C LEU B 522 19.74 -31.61 15.20
N PHE B 523 18.69 -31.04 15.79
CA PHE B 523 18.79 -30.67 17.20
C PHE B 523 18.70 -31.89 18.11
N MET B 524 17.89 -32.89 17.75
CA MET B 524 17.85 -34.13 18.50
C MET B 524 19.23 -34.78 18.55
N ILE B 525 19.90 -34.87 17.40
CA ILE B 525 21.18 -35.56 17.34
C ILE B 525 22.25 -34.76 18.08
N GLY B 526 22.26 -33.44 17.90
CA GLY B 526 23.18 -32.61 18.66
C GLY B 526 22.96 -32.74 20.17
N TYR B 527 21.70 -32.84 20.58
CA TYR B 527 21.39 -32.87 22.01
C TYR B 527 21.76 -34.22 22.62
N ALA B 528 21.49 -35.32 21.90
CA ALA B 528 21.96 -36.62 22.37
C ALA B 528 23.49 -36.65 22.42
N SER B 529 24.14 -35.98 21.47
CA SER B 529 25.59 -35.86 21.53
C SER B 529 26.04 -35.11 22.78
N ALA B 530 25.33 -34.04 23.13
CA ALA B 530 25.67 -33.28 24.33
C ALA B 530 25.54 -34.16 25.56
N LEU B 531 24.47 -34.94 25.64
CA LEU B 531 24.30 -35.85 26.78
C LEU B 531 25.43 -36.86 26.85
N VAL B 532 25.77 -37.48 25.71
CA VAL B 532 26.74 -38.58 25.75
C VAL B 532 28.16 -38.03 25.93
N THR B 533 28.37 -36.74 25.66
CA THR B 533 29.72 -36.18 25.75
C THR B 533 29.97 -35.41 27.04
N LEU B 534 28.92 -34.94 27.71
CA LEU B 534 29.06 -34.22 28.96
C LEU B 534 28.72 -35.08 30.18
N LEU B 535 27.84 -36.06 30.02
CA LEU B 535 27.33 -36.80 31.17
C LEU B 535 28.11 -38.09 31.39
N ASN B 536 28.85 -38.56 30.38
CA ASN B 536 29.53 -39.84 30.47
C ASN B 536 30.69 -39.82 31.48
N PRO B 537 31.30 -38.66 31.80
CA PRO B 537 32.39 -38.79 32.77
C PRO B 537 32.26 -39.45 34.15
N GLN B 548 23.80 -46.93 40.40
CA GLN B 548 23.76 -47.82 39.24
C GLN B 548 23.13 -47.11 38.04
N SER B 549 22.55 -45.93 38.28
CA SER B 549 21.96 -45.13 37.22
C SER B 549 20.70 -45.80 36.66
N ASN B 550 20.88 -46.96 36.02
CA ASN B 550 19.80 -47.75 35.43
C ASN B 550 19.16 -47.08 34.23
N CYS B 551 19.83 -46.10 33.61
CA CYS B 551 19.39 -45.53 32.34
C CYS B 551 18.19 -44.60 32.52
N THR B 552 18.21 -43.48 31.81
CA THR B 552 17.07 -42.58 31.72
C THR B 552 16.37 -42.81 30.38
N VAL B 553 15.05 -42.66 30.36
CA VAL B 553 14.29 -43.02 29.16
C VAL B 553 14.77 -42.24 27.94
N PRO B 554 14.90 -40.91 27.98
CA PRO B 554 15.32 -40.19 26.75
C PRO B 554 16.83 -40.15 26.54
N THR B 555 17.39 -41.32 26.23
CA THR B 555 18.81 -41.44 25.90
C THR B 555 19.67 -41.11 27.11
N TYR B 556 20.89 -41.66 27.16
CA TYR B 556 21.68 -41.63 28.38
C TYR B 556 23.15 -41.72 28.02
N PRO B 557 24.07 -41.54 28.98
CA PRO B 557 25.50 -41.69 28.66
C PRO B 557 25.84 -43.07 28.11
N ALA B 558 27.12 -43.35 27.93
CA ALA B 558 27.55 -44.40 27.03
C ALA B 558 27.96 -45.69 27.74
N CYS B 559 28.79 -45.59 28.77
CA CYS B 559 29.21 -46.78 29.50
C CYS B 559 28.24 -47.09 30.63
N ARG B 560 28.36 -48.31 31.17
CA ARG B 560 27.41 -48.97 32.06
C ARG B 560 26.34 -49.67 31.23
N ASP B 561 26.57 -49.82 29.92
CA ASP B 561 25.59 -50.38 29.00
C ASP B 561 24.42 -49.41 28.81
N SER B 562 24.75 -48.13 28.72
CA SER B 562 23.77 -47.05 28.60
C SER B 562 23.59 -46.57 27.16
N GLU B 563 23.73 -47.47 26.18
CA GLU B 563 23.57 -47.07 24.79
C GLU B 563 22.23 -46.40 24.55
N THR B 564 21.15 -47.02 25.05
CA THR B 564 19.81 -46.46 24.92
C THR B 564 19.46 -46.24 23.46
N PHE B 565 18.40 -45.47 23.20
CA PHE B 565 17.97 -45.17 21.84
C PHE B 565 17.69 -43.67 21.73
N SER B 566 17.83 -43.16 20.51
CA SER B 566 17.56 -41.75 20.26
C SER B 566 16.06 -41.46 20.20
N ALA B 567 15.25 -42.41 19.70
CA ALA B 567 13.86 -42.12 19.41
C ALA B 567 13.11 -41.56 20.61
N PHE B 568 13.48 -42.00 21.82
CA PHE B 568 12.82 -41.51 23.01
C PHE B 568 13.05 -40.01 23.19
N LEU B 569 14.32 -39.57 23.16
CA LEU B 569 14.59 -38.15 23.21
C LEU B 569 14.03 -37.45 21.98
N LEU B 570 13.90 -38.17 20.87
CA LEU B 570 13.35 -37.59 19.66
C LEU B 570 11.91 -37.15 19.87
N ASP B 571 11.07 -38.07 20.37
CA ASP B 571 9.68 -37.71 20.63
C ASP B 571 9.57 -36.74 21.81
N LEU B 572 10.49 -36.85 22.77
CA LEU B 572 10.49 -35.90 23.88
C LEU B 572 10.71 -34.48 23.38
N PHE B 573 11.71 -34.29 22.51
CA PHE B 573 11.94 -32.97 21.95
C PHE B 573 10.79 -32.54 21.06
N LYS B 574 10.21 -33.47 20.31
CA LYS B 574 9.06 -33.12 19.49
C LYS B 574 7.95 -32.52 20.34
N LEU B 575 7.42 -33.31 21.29
CA LEU B 575 6.28 -32.84 22.06
C LEU B 575 6.64 -31.66 22.95
N THR B 576 7.84 -31.66 23.55
CA THR B 576 8.27 -30.58 24.49
C THR B 576 8.37 -29.25 23.74
N ILE B 577 8.91 -29.24 22.53
CA ILE B 577 8.94 -28.01 21.69
C ILE B 577 7.85 -28.21 20.63
N GLY B 578 6.83 -29.01 20.94
CA GLY B 578 5.67 -29.20 20.07
C GLY B 578 4.54 -28.45 20.73
N MET B 579 4.83 -27.62 21.72
CA MET B 579 3.82 -26.84 22.49
C MET B 579 3.82 -27.31 23.95
N GLY B 580 5.00 -27.36 24.57
CA GLY B 580 5.06 -27.67 26.02
C GLY B 580 4.78 -29.10 26.33
N ASP B 581 3.75 -29.35 27.16
CA ASP B 581 3.39 -30.72 27.62
C ASP B 581 4.69 -31.50 27.81
N LEU B 582 5.64 -30.98 28.58
CA LEU B 582 6.99 -31.59 28.72
C LEU B 582 7.42 -31.73 30.18
N GLU B 583 8.60 -32.31 30.43
CA GLU B 583 9.19 -32.44 31.80
C GLU B 583 10.51 -31.66 31.83
N MET B 584 11.00 -31.21 30.68
CA MET B 584 12.25 -30.40 30.57
C MET B 584 13.40 -31.19 31.21
N LEU B 585 13.70 -32.39 30.71
CA LEU B 585 14.84 -33.22 31.19
C LEU B 585 15.87 -32.35 31.92
N SER B 586 16.07 -32.54 33.23
CA SER B 586 17.09 -31.83 33.99
C SER B 586 18.44 -32.54 33.84
N SER B 587 18.99 -32.45 32.64
CA SER B 587 20.27 -33.07 32.32
C SER B 587 20.21 -34.58 32.58
N ILE B 595 24.84 -28.08 31.28
CA ILE B 595 23.65 -27.29 31.56
C ILE B 595 23.71 -25.97 30.80
N LEU B 596 24.85 -25.28 30.90
CA LEU B 596 25.02 -24.02 30.20
C LEU B 596 24.89 -24.22 28.69
N LEU B 597 25.72 -25.11 28.13
CA LEU B 597 25.60 -25.42 26.71
C LEU B 597 24.22 -25.96 26.38
N LEU B 598 23.71 -26.89 27.20
CA LEU B 598 22.42 -27.51 26.89
C LEU B 598 21.29 -26.49 26.94
N VAL B 599 21.29 -25.62 27.95
CA VAL B 599 20.19 -24.65 28.07
C VAL B 599 20.28 -23.61 26.97
N THR B 600 21.49 -23.12 26.68
CA THR B 600 21.64 -22.19 25.56
C THR B 600 21.22 -22.85 24.26
N TYR B 601 21.44 -24.16 24.13
CA TYR B 601 21.12 -24.89 22.92
C TYR B 601 19.60 -25.03 22.77
N ILE B 602 18.92 -25.31 23.87
CA ILE B 602 17.45 -25.36 23.86
C ILE B 602 16.88 -23.98 23.54
N ILE B 603 17.47 -22.92 24.11
CA ILE B 603 17.04 -21.57 23.79
C ILE B 603 17.25 -21.30 22.30
N LEU B 604 18.37 -21.78 21.76
CA LEU B 604 18.67 -21.56 20.35
C LEU B 604 17.63 -22.22 19.47
N THR B 605 17.22 -23.45 19.81
CA THR B 605 16.18 -24.10 19.02
C THR B 605 14.84 -23.38 19.19
N PHE B 606 14.55 -22.85 20.38
CA PHE B 606 13.36 -22.02 20.53
C PHE B 606 13.37 -20.89 19.52
N VAL B 607 14.47 -20.13 19.47
CA VAL B 607 14.55 -18.98 18.56
C VAL B 607 14.43 -19.47 17.12
N LEU B 608 15.13 -20.55 16.78
CA LEU B 608 15.14 -21.01 15.40
C LEU B 608 13.75 -21.46 14.94
N LEU B 609 13.03 -22.20 15.78
CA LEU B 609 11.71 -22.69 15.40
C LEU B 609 10.69 -21.55 15.39
N LEU B 610 10.78 -20.63 16.36
CA LEU B 610 9.90 -19.47 16.32
C LEU B 610 10.13 -18.68 15.04
N ASN B 611 11.39 -18.48 14.65
CA ASN B 611 11.69 -17.85 13.39
C ASN B 611 10.99 -18.63 12.30
N MET B 612 11.39 -19.87 12.07
CA MET B 612 10.80 -20.69 11.02
C MET B 612 9.29 -20.47 10.92
N LEU B 613 8.58 -20.65 12.03
CA LEU B 613 7.11 -20.62 11.98
C LEU B 613 6.58 -19.24 11.60
N ILE B 614 7.00 -18.19 12.33
CA ILE B 614 6.42 -16.88 12.05
C ILE B 614 6.92 -16.34 10.71
N ALA B 615 8.16 -16.64 10.32
CA ALA B 615 8.63 -16.26 8.99
C ALA B 615 7.78 -16.91 7.91
N LEU B 616 7.50 -18.21 8.06
CA LEU B 616 6.65 -18.91 7.09
C LEU B 616 5.26 -18.27 7.02
N MET B 617 4.70 -17.95 8.19
CA MET B 617 3.44 -17.20 8.20
C MET B 617 3.61 -15.87 7.46
N GLY B 618 4.78 -15.27 7.57
CA GLY B 618 5.03 -14.01 6.89
C GLY B 618 5.01 -14.14 5.38
N GLU B 619 5.66 -15.16 4.84
CA GLU B 619 5.58 -15.36 3.40
C GLU B 619 4.15 -15.70 2.98
N THR B 620 3.46 -16.54 3.76
CA THR B 620 2.11 -16.93 3.36
C THR B 620 1.17 -15.73 3.31
N VAL B 621 1.22 -14.87 4.33
CA VAL B 621 0.36 -13.70 4.34
C VAL B 621 0.82 -12.68 3.31
N GLY B 622 2.12 -12.50 3.14
CA GLY B 622 2.63 -11.54 2.17
C GLY B 622 2.20 -11.88 0.76
N GLN B 623 2.21 -13.17 0.42
CA GLN B 623 1.68 -13.63 -0.86
C GLN B 623 0.16 -13.64 -0.78
N VAL B 624 -0.49 -14.25 -1.76
CA VAL B 624 -1.95 -14.33 -1.88
C VAL B 624 -2.57 -12.93 -1.88
N SER B 625 -2.21 -12.09 -0.91
CA SER B 625 -2.62 -10.69 -0.90
C SER B 625 -4.15 -10.58 -0.90
N LYS B 626 -4.73 -11.04 0.20
CA LYS B 626 -6.17 -11.12 0.39
C LYS B 626 -6.82 -12.11 -0.57
N GLU B 627 -6.06 -13.11 -1.00
CA GLU B 627 -6.55 -14.22 -1.82
C GLU B 627 -6.79 -13.80 -3.27
N SER B 628 -6.69 -12.50 -3.57
CA SER B 628 -6.79 -12.03 -4.95
C SER B 628 -8.13 -12.42 -5.58
N LYS B 629 -8.44 -11.83 -6.73
CA LYS B 629 -9.65 -12.16 -7.47
C LYS B 629 -9.36 -13.08 -8.65
N HIS B 630 -8.22 -12.90 -9.32
CA HIS B 630 -7.80 -13.81 -10.36
C HIS B 630 -7.83 -15.26 -9.88
N ILE B 631 -7.36 -15.49 -8.65
CA ILE B 631 -7.32 -16.84 -8.09
C ILE B 631 -8.72 -17.44 -8.09
N TRP B 632 -9.62 -16.83 -7.33
CA TRP B 632 -10.98 -17.36 -7.20
C TRP B 632 -11.62 -17.55 -8.58
N LYS B 633 -11.43 -16.58 -9.48
CA LYS B 633 -11.98 -16.73 -10.83
C LYS B 633 -11.43 -17.99 -11.50
N LEU B 634 -10.12 -18.22 -11.36
CA LEU B 634 -9.49 -19.34 -12.05
C LEU B 634 -9.97 -20.69 -11.50
N GLN B 635 -10.00 -20.85 -10.18
CA GLN B 635 -10.53 -22.11 -9.66
C GLN B 635 -12.02 -22.27 -9.94
N TRP B 636 -12.78 -21.19 -9.95
CA TRP B 636 -14.20 -21.31 -10.29
C TRP B 636 -14.36 -21.82 -11.72
N ALA B 637 -13.57 -21.27 -12.65
CA ALA B 637 -13.60 -21.74 -14.03
C ALA B 637 -13.15 -23.19 -14.12
N THR B 638 -12.12 -23.56 -13.36
CA THR B 638 -11.64 -24.93 -13.39
C THR B 638 -12.72 -25.90 -12.91
N THR B 639 -13.41 -25.55 -11.84
CA THR B 639 -14.50 -26.39 -11.36
C THR B 639 -15.60 -26.51 -12.40
N ILE B 640 -15.97 -25.38 -13.04
CA ILE B 640 -16.95 -25.46 -14.12
C ILE B 640 -16.52 -26.47 -15.16
N LEU B 641 -15.36 -26.23 -15.77
CA LEU B 641 -14.94 -27.05 -16.90
C LEU B 641 -14.77 -28.51 -16.51
N ASP B 642 -14.31 -28.78 -15.28
CA ASP B 642 -14.26 -30.16 -14.81
C ASP B 642 -15.66 -30.75 -14.76
N ILE B 643 -16.64 -29.97 -14.28
CA ILE B 643 -18.01 -30.46 -14.26
C ILE B 643 -18.47 -30.84 -15.65
N GLU B 644 -18.28 -29.94 -16.63
CA GLU B 644 -18.75 -30.24 -17.99
C GLU B 644 -18.01 -31.44 -18.58
N ARG B 645 -16.69 -31.51 -18.40
CA ARG B 645 -15.94 -32.66 -18.89
C ARG B 645 -16.34 -33.94 -18.16
N SER B 646 -17.01 -33.82 -17.02
CA SER B 646 -17.46 -35.01 -16.30
C SER B 646 -18.40 -35.85 -17.14
N PHE B 647 -19.44 -35.22 -17.68
CA PHE B 647 -20.47 -35.90 -18.44
C PHE B 647 -20.42 -35.47 -19.90
N PRO B 648 -21.05 -36.23 -20.81
CA PRO B 648 -21.04 -35.82 -22.22
C PRO B 648 -21.73 -34.49 -22.44
N VAL B 649 -20.95 -33.48 -22.83
CA VAL B 649 -21.49 -32.13 -22.97
C VAL B 649 -22.29 -31.99 -24.26
N PHE B 650 -21.95 -32.75 -25.29
CA PHE B 650 -22.60 -32.64 -26.59
C PHE B 650 -24.11 -32.79 -26.49
N LEU B 651 -24.60 -33.29 -25.36
CA LEU B 651 -26.04 -33.38 -25.13
C LEU B 651 -26.64 -31.98 -25.12
N ARG B 652 -27.97 -31.93 -24.92
CA ARG B 652 -28.70 -30.67 -25.03
C ARG B 652 -28.43 -29.78 -23.83
N LYS B 653 -27.16 -29.44 -23.59
CA LYS B 653 -26.76 -28.58 -22.49
C LYS B 653 -25.65 -27.63 -22.90
N ALA B 654 -25.60 -27.27 -24.18
CA ALA B 654 -24.48 -26.51 -24.73
C ALA B 654 -24.80 -25.02 -24.74
N PHE B 655 -23.85 -24.25 -25.28
CA PHE B 655 -24.00 -22.81 -25.38
C PHE B 655 -25.03 -22.43 -26.44
N ARG B 656 -25.60 -21.24 -26.29
CA ARG B 656 -26.72 -20.84 -27.12
C ARG B 656 -26.31 -20.76 -28.59
N SER B 657 -27.26 -21.07 -29.48
CA SER B 657 -27.04 -21.00 -30.91
C SER B 657 -27.57 -19.67 -31.44
N GLY B 658 -27.58 -19.50 -32.75
CA GLY B 658 -27.94 -18.23 -33.36
C GLY B 658 -28.46 -18.36 -34.77
N GLU B 659 -28.11 -17.38 -35.60
CA GLU B 659 -28.69 -17.26 -36.93
C GLU B 659 -28.32 -18.47 -37.80
N MET B 660 -29.23 -18.82 -38.72
CA MET B 660 -29.06 -20.04 -39.49
C MET B 660 -28.06 -19.85 -40.64
N VAL B 661 -28.37 -18.96 -41.58
CA VAL B 661 -27.62 -18.82 -42.82
C VAL B 661 -27.35 -17.35 -43.09
N THR B 662 -26.49 -17.10 -44.08
CA THR B 662 -26.07 -15.75 -44.43
C THR B 662 -25.17 -15.19 -43.36
N VAL B 663 -25.74 -14.84 -42.20
CA VAL B 663 -24.92 -14.45 -41.06
C VAL B 663 -24.13 -15.66 -40.56
N GLY B 664 -24.77 -16.82 -40.51
CA GLY B 664 -24.10 -18.04 -40.08
C GLY B 664 -23.76 -18.97 -41.23
N ARG B 673 -24.71 -23.13 -38.56
CA ARG B 673 -25.55 -22.16 -37.88
C ARG B 673 -24.73 -21.14 -37.11
N ARG B 674 -23.43 -21.39 -36.97
CA ARG B 674 -22.52 -20.46 -36.32
C ARG B 674 -23.03 -20.11 -34.91
N TRP B 675 -23.07 -21.12 -34.06
CA TRP B 675 -23.54 -20.94 -32.68
C TRP B 675 -22.93 -19.68 -32.08
N CYS B 676 -23.80 -18.80 -31.58
CA CYS B 676 -23.39 -17.50 -31.09
C CYS B 676 -23.81 -17.33 -29.65
N PHE B 677 -23.03 -16.52 -28.92
CA PHE B 677 -23.31 -16.17 -27.54
C PHE B 677 -23.62 -14.68 -27.45
N ARG B 678 -24.80 -14.35 -26.96
CA ARG B 678 -25.31 -12.99 -26.96
C ARG B 678 -25.00 -12.33 -25.62
N VAL B 679 -24.25 -11.23 -25.66
CA VAL B 679 -23.94 -10.45 -24.47
C VAL B 679 -24.55 -9.07 -24.65
N ASP B 680 -25.28 -8.61 -23.63
CA ASP B 680 -25.96 -7.32 -23.66
C ASP B 680 -25.15 -6.32 -22.86
N GLU B 681 -24.71 -5.25 -23.52
CA GLU B 681 -23.98 -4.16 -22.87
C GLU B 681 -24.71 -2.85 -23.15
N VAL B 682 -24.80 -2.02 -22.12
CA VAL B 682 -25.51 -0.75 -22.21
C VAL B 682 -24.50 0.38 -22.31
N ASN B 683 -24.65 1.23 -23.33
CA ASN B 683 -23.78 2.36 -23.56
C ASN B 683 -24.63 3.60 -23.81
N TRP B 684 -24.07 4.76 -23.50
CA TRP B 684 -24.75 6.04 -23.61
C TRP B 684 -24.18 6.87 -24.75
N SER B 685 -23.84 6.22 -25.85
CA SER B 685 -23.33 6.92 -27.03
C SER B 685 -24.46 7.71 -27.70
N VAL C 47 -52.55 -6.66 -49.28
CA VAL C 47 -52.63 -6.78 -50.75
C VAL C 47 -52.67 -8.25 -51.13
N PHE C 48 -51.51 -8.91 -51.07
CA PHE C 48 -51.40 -10.34 -51.34
C PHE C 48 -50.94 -11.13 -50.14
N ASN C 49 -49.93 -10.64 -49.41
CA ASN C 49 -49.45 -11.32 -48.22
C ASN C 49 -48.60 -10.35 -47.42
N ARG C 50 -48.58 -10.55 -46.10
CA ARG C 50 -47.82 -9.66 -45.22
C ARG C 50 -46.34 -9.61 -45.55
N PRO C 51 -45.65 -10.73 -45.82
CA PRO C 51 -44.20 -10.64 -46.06
C PRO C 51 -43.81 -9.68 -47.17
N ILE C 52 -44.58 -9.60 -48.26
CA ILE C 52 -44.21 -8.67 -49.33
C ILE C 52 -44.40 -7.24 -48.86
N LEU C 53 -45.43 -6.97 -48.07
CA LEU C 53 -45.59 -5.63 -47.51
C LEU C 53 -44.40 -5.26 -46.63
N PHE C 54 -43.98 -6.18 -45.77
CA PHE C 54 -42.85 -5.90 -44.89
C PHE C 54 -41.57 -5.67 -45.69
N ASP C 55 -41.34 -6.49 -46.72
CA ASP C 55 -40.16 -6.33 -47.56
C ASP C 55 -40.20 -4.99 -48.29
N ILE C 56 -41.37 -4.60 -48.78
CA ILE C 56 -41.49 -3.34 -49.52
C ILE C 56 -41.20 -2.17 -48.60
N VAL C 57 -41.77 -2.18 -47.39
CA VAL C 57 -41.55 -1.07 -46.48
C VAL C 57 -40.09 -1.01 -46.04
N SER C 58 -39.47 -2.18 -45.82
CA SER C 58 -38.05 -2.18 -45.47
C SER C 58 -37.21 -1.62 -46.60
N ARG C 59 -37.53 -1.98 -47.85
CA ARG C 59 -36.81 -1.44 -48.99
C ARG C 59 -37.15 0.03 -49.22
N GLY C 60 -38.33 0.47 -48.78
CA GLY C 60 -38.73 1.85 -48.95
C GLY C 60 -39.29 2.19 -50.30
N SER C 61 -39.60 1.19 -51.12
CA SER C 61 -40.18 1.44 -52.44
C SER C 61 -41.59 2.00 -52.30
N THR C 62 -41.88 3.07 -53.06
CA THR C 62 -43.18 3.71 -53.02
C THR C 62 -44.01 3.48 -54.27
N ALA C 63 -43.38 3.28 -55.43
CA ALA C 63 -44.14 3.08 -56.65
C ALA C 63 -45.00 1.83 -56.57
N ASP C 64 -44.46 0.74 -56.02
CA ASP C 64 -45.24 -0.48 -55.90
C ASP C 64 -46.45 -0.29 -54.99
N LEU C 65 -46.28 0.45 -53.89
CA LEU C 65 -47.38 0.68 -52.98
C LEU C 65 -48.53 1.43 -53.66
N ASP C 66 -48.21 2.25 -54.67
CA ASP C 66 -49.25 2.99 -55.35
C ASP C 66 -50.24 2.04 -56.01
N GLY C 67 -51.53 2.37 -55.90
CA GLY C 67 -52.57 1.54 -56.46
C GLY C 67 -53.03 0.44 -55.54
N LEU C 68 -52.12 -0.08 -54.71
CA LEU C 68 -52.48 -1.14 -53.78
C LEU C 68 -53.51 -0.65 -52.77
N LEU C 69 -53.48 0.64 -52.42
CA LEU C 69 -54.50 1.20 -51.54
C LEU C 69 -55.88 1.09 -52.17
N SER C 70 -55.97 1.35 -53.49
CA SER C 70 -57.25 1.20 -54.17
C SER C 70 -57.71 -0.26 -54.14
N PHE C 71 -56.78 -1.20 -54.30
CA PHE C 71 -57.15 -2.61 -54.20
C PHE C 71 -57.68 -2.95 -52.82
N LEU C 72 -57.02 -2.44 -51.78
CA LEU C 72 -57.50 -2.67 -50.42
C LEU C 72 -58.90 -2.10 -50.22
N LEU C 73 -59.12 -0.87 -50.71
CA LEU C 73 -60.43 -0.25 -50.55
C LEU C 73 -61.50 -1.05 -51.29
N THR C 74 -61.20 -1.50 -52.51
CA THR C 74 -62.16 -2.28 -53.28
C THR C 74 -62.31 -3.70 -52.75
N HIS C 75 -61.30 -4.21 -52.04
CA HIS C 75 -61.33 -5.56 -51.50
C HIS C 75 -61.92 -5.61 -50.09
N LYS C 76 -62.40 -4.49 -49.56
CA LYS C 76 -62.99 -4.43 -48.23
C LYS C 76 -61.96 -4.88 -47.18
N LYS C 77 -60.79 -4.25 -47.21
CA LYS C 77 -59.70 -4.55 -46.30
C LYS C 77 -59.31 -3.28 -45.54
N ARG C 78 -58.87 -3.47 -44.30
CA ARG C 78 -58.42 -2.38 -43.44
C ARG C 78 -56.92 -2.51 -43.22
N LEU C 79 -56.23 -1.38 -43.17
CA LEU C 79 -54.80 -1.38 -42.94
C LEU C 79 -54.44 -1.93 -41.56
N THR C 80 -55.43 -2.02 -40.66
CA THR C 80 -55.23 -2.58 -39.33
C THR C 80 -55.72 -4.01 -39.22
N ASP C 81 -56.08 -4.65 -40.34
CA ASP C 81 -56.59 -6.00 -40.29
C ASP C 81 -55.50 -6.96 -39.81
N GLU C 82 -55.93 -8.08 -39.22
CA GLU C 82 -54.99 -9.00 -38.60
C GLU C 82 -53.99 -9.54 -39.61
N GLU C 83 -54.46 -9.90 -40.80
CA GLU C 83 -53.57 -10.50 -41.79
C GLU C 83 -52.46 -9.55 -42.22
N PHE C 84 -52.66 -8.23 -42.05
CA PHE C 84 -51.60 -7.27 -42.30
C PHE C 84 -50.59 -7.19 -41.17
N ARG C 85 -50.89 -7.75 -40.01
CA ARG C 85 -50.03 -7.65 -38.83
C ARG C 85 -49.59 -9.04 -38.41
N GLU C 86 -48.31 -9.17 -38.04
CA GLU C 86 -47.78 -10.45 -37.62
C GLU C 86 -48.55 -10.95 -36.40
N PRO C 87 -49.06 -12.18 -36.41
CA PRO C 87 -49.92 -12.63 -35.30
C PRO C 87 -49.21 -12.75 -33.97
N SER C 88 -47.88 -12.87 -33.97
CA SER C 88 -47.13 -13.05 -32.72
C SER C 88 -46.81 -11.70 -32.07
N THR C 89 -46.06 -10.86 -32.79
CA THR C 89 -45.67 -9.56 -32.27
C THR C 89 -46.66 -8.46 -32.59
N GLY C 90 -47.67 -8.73 -33.42
CA GLY C 90 -48.63 -7.72 -33.79
C GLY C 90 -48.02 -6.57 -34.57
N LYS C 91 -46.81 -6.78 -35.07
CA LYS C 91 -46.11 -5.73 -35.80
C LYS C 91 -46.92 -5.30 -37.02
N THR C 92 -47.03 -4.00 -37.23
CA THR C 92 -47.65 -3.42 -38.42
C THR C 92 -46.57 -2.84 -39.32
N CYS C 93 -46.96 -2.54 -40.55
CA CYS C 93 -45.99 -1.99 -41.51
C CYS C 93 -45.36 -0.71 -40.99
N LEU C 94 -46.15 0.15 -40.35
CA LEU C 94 -45.61 1.43 -39.89
C LEU C 94 -44.48 1.25 -38.88
N PRO C 95 -44.64 0.49 -37.79
CA PRO C 95 -43.50 0.30 -36.88
C PRO C 95 -42.31 -0.36 -37.57
N LYS C 96 -42.55 -1.26 -38.52
CA LYS C 96 -41.45 -1.88 -39.25
C LYS C 96 -40.64 -0.82 -40.00
N ALA C 97 -41.33 0.11 -40.66
CA ALA C 97 -40.63 1.21 -41.33
C ALA C 97 -39.93 2.09 -40.31
N LEU C 98 -40.59 2.36 -39.18
CA LEU C 98 -40.01 3.24 -38.16
C LEU C 98 -38.79 2.63 -37.49
N LEU C 99 -38.60 1.32 -37.59
CA LEU C 99 -37.40 0.66 -37.07
C LEU C 99 -36.44 0.26 -38.18
N ASN C 100 -36.69 0.69 -39.41
CA ASN C 100 -35.81 0.44 -40.54
C ASN C 100 -35.37 1.76 -41.18
N LEU C 101 -35.14 2.78 -40.35
CA LEU C 101 -34.79 4.10 -40.85
C LEU C 101 -33.55 4.04 -41.73
N SER C 102 -33.66 4.58 -42.95
CA SER C 102 -32.53 4.71 -43.85
C SER C 102 -31.90 6.08 -43.60
N ASN C 103 -31.15 6.15 -42.49
CA ASN C 103 -30.61 7.42 -42.01
C ASN C 103 -31.72 8.43 -41.74
N GLY C 104 -32.87 7.94 -41.29
CA GLY C 104 -34.00 8.81 -41.01
C GLY C 104 -34.60 9.46 -42.23
N ARG C 105 -34.68 8.74 -43.35
CA ARG C 105 -35.23 9.29 -44.59
C ARG C 105 -36.12 8.29 -45.31
N ASN C 106 -36.80 7.42 -44.56
CA ASN C 106 -37.78 6.49 -45.14
C ASN C 106 -39.10 7.25 -45.29
N ASP C 107 -39.29 7.85 -46.45
CA ASP C 107 -40.45 8.68 -46.72
C ASP C 107 -41.69 7.87 -47.11
N THR C 108 -41.68 6.55 -46.90
CA THR C 108 -42.86 5.75 -47.20
C THR C 108 -43.93 5.88 -46.13
N ILE C 109 -43.54 6.08 -44.87
CA ILE C 109 -44.52 6.08 -43.78
C ILE C 109 -45.62 7.11 -43.99
N PRO C 110 -45.37 8.32 -44.48
CA PRO C 110 -46.51 9.22 -44.73
C PRO C 110 -47.54 8.62 -45.67
N VAL C 111 -47.10 7.89 -46.70
CA VAL C 111 -48.05 7.23 -47.59
C VAL C 111 -48.85 6.17 -46.83
N LEU C 112 -48.19 5.45 -45.92
CA LEU C 112 -48.90 4.46 -45.13
C LEU C 112 -49.97 5.12 -44.26
N LEU C 113 -49.64 6.26 -43.64
CA LEU C 113 -50.65 6.97 -42.86
C LEU C 113 -51.79 7.47 -43.73
N ASP C 114 -51.46 7.95 -44.93
CA ASP C 114 -52.48 8.37 -45.88
C ASP C 114 -53.45 7.24 -46.17
N ILE C 115 -52.91 6.06 -46.47
CA ILE C 115 -53.75 4.88 -46.66
C ILE C 115 -54.55 4.60 -45.39
N ALA C 116 -53.92 4.82 -44.23
CA ALA C 116 -54.57 4.49 -42.97
C ALA C 116 -55.86 5.28 -42.80
N GLU C 117 -55.81 6.60 -42.97
CA GLU C 117 -57.07 7.34 -42.81
C GLU C 117 -57.99 7.14 -44.01
N ARG C 118 -57.42 6.86 -45.19
CA ARG C 118 -58.26 6.52 -46.33
C ARG C 118 -59.05 5.24 -46.08
N THR C 119 -58.40 4.24 -45.46
CA THR C 119 -59.09 3.00 -45.13
C THR C 119 -60.19 3.21 -44.11
N GLY C 120 -60.20 4.35 -43.41
CA GLY C 120 -61.19 4.66 -42.41
C GLY C 120 -60.72 4.43 -40.98
N ASN C 121 -59.63 3.68 -40.80
CA ASN C 121 -59.05 3.41 -39.49
C ASN C 121 -57.64 3.96 -39.48
N MET C 122 -57.44 5.05 -38.74
CA MET C 122 -56.13 5.66 -38.58
C MET C 122 -55.66 5.71 -37.13
N ARG C 123 -56.53 6.15 -36.22
CA ARG C 123 -56.11 6.29 -34.82
C ARG C 123 -55.64 4.95 -34.26
N GLU C 124 -56.40 3.88 -34.51
CA GLU C 124 -55.98 2.56 -34.07
C GLU C 124 -54.77 2.07 -34.85
N PHE C 125 -54.62 2.51 -36.10
CA PHE C 125 -53.45 2.12 -36.88
C PHE C 125 -52.18 2.68 -36.25
N ILE C 126 -52.21 3.96 -35.84
CA ILE C 126 -51.07 4.52 -35.14
C ILE C 126 -50.88 3.81 -33.79
N ASN C 127 -51.99 3.58 -33.08
CA ASN C 127 -51.95 2.87 -31.80
C ASN C 127 -52.00 1.37 -32.10
N SER C 128 -50.83 0.82 -32.42
CA SER C 128 -50.71 -0.59 -32.78
C SER C 128 -49.99 -1.34 -31.68
N PRO C 129 -50.67 -1.66 -30.58
CA PRO C 129 -49.99 -2.34 -29.47
C PRO C 129 -49.47 -3.71 -29.89
N PHE C 130 -48.31 -4.07 -29.36
CA PHE C 130 -47.76 -5.41 -29.56
C PHE C 130 -48.36 -6.35 -28.53
N ARG C 131 -48.92 -7.46 -29.01
CA ARG C 131 -49.59 -8.41 -28.12
C ARG C 131 -48.64 -9.46 -27.54
N ASP C 132 -47.40 -9.52 -28.01
CA ASP C 132 -46.46 -10.51 -27.51
C ASP C 132 -46.14 -10.23 -26.04
N ILE C 133 -45.37 -11.13 -25.45
CA ILE C 133 -44.94 -11.00 -24.06
C ILE C 133 -43.57 -10.35 -23.96
N TYR C 134 -42.66 -10.69 -24.89
CA TYR C 134 -41.34 -10.06 -24.88
C TYR C 134 -41.47 -8.54 -24.96
N TYR C 135 -42.31 -8.06 -25.87
CA TYR C 135 -42.65 -6.64 -25.97
C TYR C 135 -44.11 -6.45 -25.59
N ARG C 136 -44.56 -5.19 -25.64
CA ARG C 136 -45.95 -4.83 -25.38
C ARG C 136 -46.05 -3.34 -25.65
N GLY C 137 -47.29 -2.86 -25.78
CA GLY C 137 -47.49 -1.46 -26.10
C GLY C 137 -46.69 -1.11 -27.33
N GLN C 138 -45.62 -0.34 -27.14
CA GLN C 138 -44.65 -0.10 -28.20
C GLN C 138 -45.32 0.46 -29.45
N THR C 139 -46.20 1.43 -29.24
CA THR C 139 -46.88 2.07 -30.37
C THR C 139 -45.85 2.79 -31.23
N SER C 140 -46.30 3.35 -32.35
CA SER C 140 -45.36 4.02 -33.26
C SER C 140 -44.57 5.10 -32.54
N LEU C 141 -45.16 5.74 -31.53
CA LEU C 141 -44.48 6.84 -30.86
C LEU C 141 -43.22 6.37 -30.16
N HIS C 142 -43.28 5.23 -29.46
CA HIS C 142 -42.09 4.72 -28.80
C HIS C 142 -40.98 4.43 -29.80
N ILE C 143 -41.33 3.81 -30.93
CA ILE C 143 -40.33 3.49 -31.94
C ILE C 143 -39.70 4.77 -32.48
N ALA C 144 -40.53 5.75 -32.85
CA ALA C 144 -40.00 6.98 -33.45
C ALA C 144 -39.14 7.75 -32.47
N ILE C 145 -39.62 7.89 -31.23
CA ILE C 145 -38.86 8.62 -30.21
C ILE C 145 -37.54 7.92 -29.93
N GLU C 146 -37.58 6.59 -29.83
CA GLU C 146 -36.37 5.84 -29.51
C GLU C 146 -35.32 5.93 -30.61
N ARG C 147 -35.76 6.09 -31.86
CA ARG C 147 -34.84 6.10 -32.99
C ARG C 147 -34.01 7.36 -33.09
N ARG C 148 -34.05 8.25 -32.09
CA ARG C 148 -33.29 9.49 -32.13
C ARG C 148 -33.60 10.28 -33.39
N CYS C 149 -34.87 10.33 -33.75
CA CYS C 149 -35.32 11.01 -34.96
C CYS C 149 -36.67 11.67 -34.66
N LYS C 150 -36.68 13.00 -34.61
CA LYS C 150 -37.91 13.76 -34.42
C LYS C 150 -38.63 14.07 -35.72
N HIS C 151 -38.01 13.79 -36.86
CA HIS C 151 -38.62 14.15 -38.14
C HIS C 151 -39.96 13.43 -38.33
N TYR C 152 -40.00 12.14 -38.01
CA TYR C 152 -41.24 11.39 -38.12
C TYR C 152 -42.12 11.55 -36.89
N VAL C 153 -41.53 11.87 -35.75
CA VAL C 153 -42.32 12.02 -34.52
C VAL C 153 -43.32 13.16 -34.66
N GLU C 154 -42.89 14.27 -35.28
CA GLU C 154 -43.76 15.42 -35.43
C GLU C 154 -45.02 15.06 -36.19
N LEU C 155 -44.87 14.43 -37.36
CA LEU C 155 -46.03 14.07 -38.15
C LEU C 155 -46.83 12.94 -37.51
N LEU C 156 -46.15 12.02 -36.80
CA LEU C 156 -46.88 10.95 -36.14
C LEU C 156 -47.80 11.50 -35.06
N VAL C 157 -47.31 12.43 -34.25
CA VAL C 157 -48.16 13.03 -33.22
C VAL C 157 -49.23 13.92 -33.86
N ALA C 158 -48.84 14.71 -34.85
CA ALA C 158 -49.77 15.67 -35.44
C ALA C 158 -50.99 14.97 -36.03
N GLN C 159 -50.77 13.88 -36.76
CA GLN C 159 -51.89 13.10 -37.28
C GLN C 159 -52.78 12.56 -36.17
N GLY C 160 -52.23 12.43 -34.96
CA GLY C 160 -52.98 11.88 -33.84
C GLY C 160 -52.43 10.55 -33.39
N ALA C 161 -51.65 10.57 -32.32
CA ALA C 161 -51.05 9.36 -31.76
C ALA C 161 -51.12 9.44 -30.23
N ASP C 162 -51.51 8.33 -29.61
CA ASP C 162 -51.64 8.30 -28.16
C ASP C 162 -50.29 8.52 -27.50
N VAL C 163 -50.14 9.65 -26.80
CA VAL C 163 -48.89 9.98 -26.13
C VAL C 163 -48.90 9.42 -24.71
N HIS C 164 -49.87 8.55 -24.43
CA HIS C 164 -49.98 7.88 -23.13
C HIS C 164 -49.96 6.37 -23.30
N ALA C 165 -49.31 5.88 -24.35
CA ALA C 165 -49.24 4.45 -24.58
C ALA C 165 -48.32 3.81 -23.53
N GLN C 166 -48.83 2.78 -22.86
CA GLN C 166 -48.09 2.12 -21.79
C GLN C 166 -47.28 0.97 -22.40
N ALA C 167 -45.95 1.10 -22.35
CA ALA C 167 -45.06 0.05 -22.81
C ALA C 167 -44.89 -1.00 -21.71
N ARG C 168 -45.99 -1.71 -21.43
CA ARG C 168 -46.05 -2.66 -20.33
C ARG C 168 -45.69 -4.06 -20.83
N GLY C 169 -44.39 -4.24 -21.09
CA GLY C 169 -43.88 -5.50 -21.58
C GLY C 169 -42.73 -5.99 -20.72
N ARG C 170 -42.43 -7.28 -20.85
CA ARG C 170 -41.35 -7.87 -20.08
C ARG C 170 -40.00 -7.24 -20.43
N PHE C 171 -39.76 -7.00 -21.72
CA PHE C 171 -38.50 -6.41 -22.15
C PHE C 171 -38.29 -5.02 -21.58
N PHE C 172 -39.36 -4.33 -21.20
CA PHE C 172 -39.28 -2.96 -20.70
C PHE C 172 -39.13 -2.88 -19.20
N GLN C 173 -39.27 -3.99 -18.48
CA GLN C 173 -39.12 -3.97 -17.03
C GLN C 173 -37.66 -3.77 -16.66
N PRO C 174 -37.39 -3.37 -15.42
CA PRO C 174 -35.99 -3.21 -15.00
C PRO C 174 -35.20 -4.49 -15.21
N LYS C 175 -33.87 -4.35 -15.17
CA LYS C 175 -33.00 -5.49 -15.38
C LYS C 175 -33.29 -6.60 -14.38
N ASP C 176 -33.68 -6.25 -13.16
CA ASP C 176 -33.90 -7.26 -12.13
C ASP C 176 -35.19 -8.02 -12.36
N GLU C 177 -36.26 -7.33 -12.75
CA GLU C 177 -37.59 -7.95 -12.86
C GLU C 177 -37.77 -8.73 -14.16
N GLY C 178 -36.69 -9.03 -14.88
CA GLY C 178 -36.77 -9.82 -16.09
C GLY C 178 -36.73 -9.04 -17.39
N GLY C 179 -36.60 -7.71 -17.33
CA GLY C 179 -36.49 -6.89 -18.51
C GLY C 179 -35.07 -6.47 -18.79
N TYR C 180 -34.92 -5.63 -19.81
CA TYR C 180 -33.62 -5.15 -20.24
C TYR C 180 -33.47 -3.63 -20.20
N PHE C 181 -34.56 -2.88 -20.32
CA PHE C 181 -34.51 -1.43 -20.34
C PHE C 181 -35.79 -0.87 -19.74
N TYR C 182 -35.67 -0.17 -18.62
CA TYR C 182 -36.79 0.48 -17.97
C TYR C 182 -36.64 1.99 -18.07
N PHE C 183 -37.67 2.65 -18.59
CA PHE C 183 -37.63 4.08 -18.86
C PHE C 183 -38.84 4.85 -18.36
N GLY C 184 -39.88 4.17 -17.87
CA GLY C 184 -41.09 4.83 -17.42
C GLY C 184 -42.34 4.44 -18.18
N GLU C 185 -42.24 3.59 -19.20
CA GLU C 185 -43.40 3.09 -19.93
C GLU C 185 -44.29 4.24 -20.40
N LEU C 186 -43.66 5.27 -20.96
CA LEU C 186 -44.40 6.40 -21.51
C LEU C 186 -43.54 7.09 -22.54
N PRO C 187 -44.10 7.59 -23.65
CA PRO C 187 -43.26 8.21 -24.67
C PRO C 187 -42.46 9.39 -24.16
N LEU C 188 -43.04 10.20 -23.27
CA LEU C 188 -42.32 11.36 -22.75
C LEU C 188 -41.15 10.92 -21.87
N SER C 189 -41.41 9.97 -20.97
CA SER C 189 -40.33 9.43 -20.16
C SER C 189 -39.31 8.69 -21.02
N LEU C 190 -39.75 8.12 -22.14
CA LEU C 190 -38.82 7.49 -23.07
C LEU C 190 -37.89 8.53 -23.70
N ALA C 191 -38.45 9.65 -24.14
CA ALA C 191 -37.63 10.71 -24.72
C ALA C 191 -36.66 11.28 -23.70
N ALA C 192 -37.13 11.48 -22.46
CA ALA C 192 -36.26 12.02 -21.43
C ALA C 192 -35.15 11.04 -21.07
N CYS C 193 -35.51 9.78 -20.83
CA CYS C 193 -34.53 8.78 -20.44
C CYS C 193 -33.54 8.51 -21.55
N THR C 194 -34.03 8.34 -22.79
CA THR C 194 -33.20 8.01 -23.92
C THR C 194 -32.52 9.23 -24.54
N ASN C 195 -32.45 10.33 -23.81
CA ASN C 195 -31.70 11.51 -24.24
C ASN C 195 -32.23 12.06 -25.56
N GLN C 196 -33.48 12.53 -25.52
CA GLN C 196 -34.10 13.24 -26.64
C GLN C 196 -34.78 14.49 -26.10
N PRO C 197 -34.00 15.44 -25.58
CA PRO C 197 -34.62 16.66 -25.02
C PRO C 197 -35.48 17.41 -26.01
N HIS C 198 -35.09 17.43 -27.28
CA HIS C 198 -35.91 18.10 -28.28
C HIS C 198 -37.26 17.41 -28.42
N ILE C 199 -37.26 16.08 -28.36
CA ILE C 199 -38.53 15.35 -28.40
C ILE C 199 -39.40 15.74 -27.21
N VAL C 200 -38.77 15.87 -26.03
CA VAL C 200 -39.52 16.27 -24.85
C VAL C 200 -40.13 17.64 -25.04
N ASN C 201 -39.34 18.58 -25.56
CA ASN C 201 -39.84 19.94 -25.76
C ASN C 201 -40.99 19.96 -26.75
N TYR C 202 -40.90 19.15 -27.81
CA TYR C 202 -41.97 19.14 -28.79
C TYR C 202 -43.22 18.47 -28.23
N LEU C 203 -43.05 17.35 -27.52
CA LEU C 203 -44.19 16.61 -27.02
C LEU C 203 -44.94 17.37 -25.93
N THR C 204 -44.21 18.05 -25.06
CA THR C 204 -44.82 18.79 -23.96
C THR C 204 -45.38 20.14 -24.37
N GLU C 205 -45.04 20.64 -25.55
CA GLU C 205 -45.52 21.92 -26.03
C GLU C 205 -45.92 21.87 -27.50
N ASN C 206 -46.51 20.75 -27.93
CA ASN C 206 -47.02 20.65 -29.29
C ASN C 206 -48.44 21.22 -29.36
N PRO C 207 -48.85 21.75 -30.51
CA PRO C 207 -50.25 22.16 -30.66
C PRO C 207 -51.22 21.01 -30.46
N HIS C 208 -50.82 19.79 -30.79
CA HIS C 208 -51.67 18.62 -30.64
C HIS C 208 -51.59 18.13 -29.19
N LYS C 209 -52.06 16.90 -28.95
CA LYS C 209 -52.08 16.36 -27.61
C LYS C 209 -50.71 16.45 -26.96
N LYS C 210 -50.69 16.75 -25.67
CA LYS C 210 -49.47 16.83 -24.88
C LYS C 210 -49.50 15.76 -23.80
N ALA C 211 -48.32 15.24 -23.48
CA ALA C 211 -48.18 14.21 -22.44
C ALA C 211 -47.99 14.89 -21.10
N ASP C 212 -49.00 14.83 -20.25
CA ASP C 212 -48.91 15.43 -18.92
C ASP C 212 -47.82 14.75 -18.12
N MET C 213 -46.94 15.55 -17.53
CA MET C 213 -45.81 14.99 -16.80
C MET C 213 -46.27 14.20 -15.57
N ARG C 214 -47.29 14.71 -14.87
CA ARG C 214 -47.74 14.05 -13.65
C ARG C 214 -48.24 12.64 -13.90
N ARG C 215 -48.64 12.32 -15.13
CA ARG C 215 -49.09 10.97 -15.44
C ARG C 215 -47.99 9.97 -15.12
N GLN C 216 -48.39 8.87 -14.49
CA GLN C 216 -47.46 7.84 -14.05
C GLN C 216 -47.85 6.48 -14.60
N ASP C 217 -46.85 5.66 -14.86
CA ASP C 217 -47.06 4.34 -15.46
C ASP C 217 -47.65 3.39 -14.41
N SER C 218 -47.73 2.10 -14.75
CA SER C 218 -48.29 1.12 -13.84
C SER C 218 -47.56 1.12 -12.51
N ARG C 219 -46.24 1.27 -12.55
CA ARG C 219 -45.46 1.34 -11.32
C ARG C 219 -45.67 2.64 -10.56
N GLY C 220 -46.34 3.62 -11.17
CA GLY C 220 -46.55 4.89 -10.51
C GLY C 220 -45.33 5.78 -10.48
N ASN C 221 -44.48 5.72 -11.50
CA ASN C 221 -43.19 6.39 -11.45
C ASN C 221 -43.30 7.89 -11.71
N THR C 222 -43.82 8.27 -12.88
CA THR C 222 -43.69 9.63 -13.40
C THR C 222 -42.29 9.78 -13.99
N VAL C 223 -42.10 10.81 -14.81
CA VAL C 223 -40.85 10.94 -15.57
C VAL C 223 -39.67 11.05 -14.63
N LEU C 224 -39.82 11.77 -13.51
CA LEU C 224 -38.69 12.00 -12.63
C LEU C 224 -38.20 10.70 -12.00
N HIS C 225 -39.12 9.83 -11.56
CA HIS C 225 -38.71 8.57 -10.97
C HIS C 225 -37.90 7.75 -11.96
N ALA C 226 -38.41 7.59 -13.18
CA ALA C 226 -37.69 6.79 -14.18
C ALA C 226 -36.35 7.42 -14.52
N LEU C 227 -36.33 8.74 -14.72
CA LEU C 227 -35.07 9.42 -15.03
C LEU C 227 -34.07 9.24 -13.90
N VAL C 228 -34.54 9.08 -12.67
CA VAL C 228 -33.65 8.70 -11.57
C VAL C 228 -33.22 7.25 -11.73
N ALA C 229 -34.13 6.39 -12.19
CA ALA C 229 -33.83 4.97 -12.26
C ALA C 229 -32.66 4.69 -13.20
N ILE C 230 -32.72 5.23 -14.42
CA ILE C 230 -31.66 4.98 -15.39
C ILE C 230 -30.33 5.54 -14.92
N ALA C 231 -30.35 6.50 -14.00
CA ALA C 231 -29.12 7.16 -13.58
C ALA C 231 -28.13 6.14 -13.00
N ASP C 232 -26.85 6.41 -13.23
CA ASP C 232 -25.77 5.60 -12.67
C ASP C 232 -24.83 6.51 -11.90
N ASN C 233 -23.68 5.98 -11.49
CA ASN C 233 -22.68 6.76 -10.78
C ASN C 233 -21.57 7.28 -11.68
N THR C 234 -21.77 7.24 -12.99
CA THR C 234 -20.77 7.71 -13.94
C THR C 234 -20.79 9.24 -13.99
N ARG C 235 -20.01 9.82 -14.90
CA ARG C 235 -19.93 11.27 -15.01
C ARG C 235 -20.91 11.82 -16.04
N GLU C 236 -20.77 11.39 -17.30
CA GLU C 236 -21.63 11.92 -18.35
C GLU C 236 -23.09 11.59 -18.11
N ASN C 237 -23.38 10.36 -17.69
CA ASN C 237 -24.76 9.97 -17.44
C ASN C 237 -25.35 10.76 -16.30
N THR C 238 -24.59 10.93 -15.21
CA THR C 238 -25.09 11.68 -14.07
C THR C 238 -25.34 13.14 -14.44
N LYS C 239 -24.40 13.74 -15.17
CA LYS C 239 -24.57 15.14 -15.58
C LYS C 239 -25.80 15.30 -16.47
N PHE C 240 -25.96 14.43 -17.45
CA PHE C 240 -27.11 14.53 -18.33
C PHE C 240 -28.41 14.33 -17.56
N VAL C 241 -28.42 13.35 -16.66
CA VAL C 241 -29.65 13.05 -15.91
C VAL C 241 -30.02 14.24 -15.04
N THR C 242 -29.06 14.85 -14.35
CA THR C 242 -29.38 16.01 -13.53
C THR C 242 -29.85 17.17 -14.39
N LYS C 243 -29.24 17.38 -15.56
CA LYS C 243 -29.69 18.45 -16.44
C LYS C 243 -31.14 18.24 -16.86
N MET C 244 -31.46 17.03 -17.32
CA MET C 244 -32.84 16.76 -17.73
C MET C 244 -33.80 16.82 -16.55
N TYR C 245 -33.34 16.41 -15.37
CA TYR C 245 -34.18 16.49 -14.18
C TYR C 245 -34.55 17.94 -13.88
N ASP C 246 -33.55 18.83 -13.90
CA ASP C 246 -33.82 20.25 -13.69
C ASP C 246 -34.76 20.79 -14.76
N LEU C 247 -34.49 20.46 -16.02
CA LEU C 247 -35.34 20.94 -17.11
C LEU C 247 -36.79 20.51 -16.89
N LEU C 248 -37.00 19.22 -16.64
CA LEU C 248 -38.36 18.70 -16.52
C LEU C 248 -39.06 19.30 -15.30
N LEU C 249 -38.35 19.40 -14.17
CA LEU C 249 -38.97 19.95 -12.98
C LEU C 249 -39.36 21.41 -13.19
N LEU C 250 -38.47 22.19 -13.81
CA LEU C 250 -38.80 23.59 -14.10
C LEU C 250 -40.00 23.69 -15.04
N LYS C 251 -40.04 22.85 -16.07
CA LYS C 251 -41.16 22.91 -17.01
C LYS C 251 -42.47 22.59 -16.32
N CYS C 252 -42.48 21.54 -15.49
CA CYS C 252 -43.71 21.18 -14.79
C CYS C 252 -44.12 22.28 -13.82
N SER C 253 -43.15 22.86 -13.11
CA SER C 253 -43.48 23.95 -12.19
C SER C 253 -44.10 25.12 -12.93
N ARG C 254 -43.52 25.49 -14.07
CA ARG C 254 -44.08 26.59 -14.86
C ARG C 254 -45.50 26.25 -15.32
N LEU C 255 -45.71 25.01 -15.78
CA LEU C 255 -47.04 24.62 -16.21
C LEU C 255 -48.01 24.52 -15.04
N PHE C 256 -47.53 24.11 -13.87
CA PHE C 256 -48.36 23.98 -12.67
C PHE C 256 -47.55 24.37 -11.45
N PRO C 257 -47.55 25.66 -11.08
CA PRO C 257 -46.80 26.08 -9.88
C PRO C 257 -47.43 25.62 -8.58
N ASP C 258 -48.64 25.05 -8.62
CA ASP C 258 -49.29 24.65 -7.37
C ASP C 258 -48.48 23.60 -6.63
N SER C 259 -47.96 22.61 -7.34
CA SER C 259 -47.18 21.54 -6.71
C SER C 259 -46.09 21.08 -7.66
N ASN C 260 -44.87 21.02 -7.17
CA ASN C 260 -43.77 20.51 -7.97
C ASN C 260 -43.95 19.02 -8.23
N LEU C 261 -43.43 18.58 -9.38
CA LEU C 261 -43.64 17.19 -9.80
C LEU C 261 -42.97 16.20 -8.85
N GLU C 262 -41.93 16.63 -8.12
CA GLU C 262 -41.21 15.72 -7.26
C GLU C 262 -42.08 15.12 -6.16
N THR C 263 -43.18 15.78 -5.81
CA THR C 263 -44.01 15.30 -4.71
C THR C 263 -44.64 13.95 -5.03
N VAL C 264 -45.06 13.74 -6.29
CA VAL C 264 -45.82 12.55 -6.63
C VAL C 264 -45.06 11.31 -6.20
N LEU C 265 -45.73 10.46 -5.42
CA LEU C 265 -45.14 9.24 -4.88
C LEU C 265 -45.54 8.04 -5.73
N ASN C 266 -44.64 7.06 -5.80
CA ASN C 266 -44.89 5.86 -6.58
C ASN C 266 -45.67 4.84 -5.75
N ASN C 267 -45.98 3.70 -6.37
CA ASN C 267 -46.71 2.65 -5.67
C ASN C 267 -45.98 2.22 -4.40
N ASP C 268 -44.66 2.18 -4.44
CA ASP C 268 -43.86 1.89 -3.26
C ASP C 268 -43.72 3.10 -2.33
N GLY C 269 -44.16 4.28 -2.77
CA GLY C 269 -44.13 5.46 -1.94
C GLY C 269 -42.74 5.95 -1.62
N LEU C 270 -42.01 6.40 -2.65
CA LEU C 270 -40.65 6.89 -2.47
C LEU C 270 -40.49 8.35 -2.89
N SER C 271 -40.96 8.73 -4.08
CA SER C 271 -40.69 10.05 -4.62
C SER C 271 -39.23 10.11 -5.06
N PRO C 272 -38.89 10.95 -6.04
CA PRO C 272 -37.58 10.84 -6.68
C PRO C 272 -36.41 10.88 -5.72
N LEU C 273 -36.44 11.74 -4.70
CA LEU C 273 -35.30 11.86 -3.80
C LEU C 273 -35.07 10.56 -3.03
N MET C 274 -36.12 10.04 -2.40
CA MET C 274 -35.97 8.81 -1.63
C MET C 274 -35.66 7.63 -2.54
N MET C 275 -36.21 7.61 -3.76
CA MET C 275 -35.89 6.53 -4.68
C MET C 275 -34.42 6.57 -5.08
N ALA C 276 -33.88 7.77 -5.32
CA ALA C 276 -32.46 7.88 -5.62
C ALA C 276 -31.61 7.46 -4.42
N ALA C 277 -32.07 7.80 -3.21
CA ALA C 277 -31.34 7.39 -2.02
C ALA C 277 -31.35 5.87 -1.86
N LYS C 278 -32.49 5.25 -2.12
CA LYS C 278 -32.61 3.80 -1.94
C LYS C 278 -31.84 3.03 -2.99
N THR C 279 -31.98 3.42 -4.27
CA THR C 279 -31.38 2.67 -5.35
C THR C 279 -29.86 2.75 -5.34
N GLY C 280 -29.27 3.65 -4.56
CA GLY C 280 -27.83 3.80 -4.51
C GLY C 280 -27.28 4.89 -5.41
N LYS C 281 -28.14 5.70 -6.04
CA LYS C 281 -27.66 6.77 -6.90
C LYS C 281 -26.93 7.81 -6.08
N ILE C 282 -25.89 8.40 -6.67
CA ILE C 282 -25.09 9.44 -6.03
C ILE C 282 -25.08 10.72 -6.85
N GLY C 283 -24.85 10.61 -8.17
CA GLY C 283 -24.82 11.79 -9.00
C GLY C 283 -26.12 12.56 -8.97
N VAL C 284 -27.24 11.85 -9.15
CA VAL C 284 -28.54 12.50 -9.05
C VAL C 284 -28.83 12.91 -7.61
N PHE C 285 -28.40 12.10 -6.64
CA PHE C 285 -28.68 12.42 -5.25
C PHE C 285 -27.95 13.68 -4.81
N GLN C 286 -26.65 13.77 -5.11
CA GLN C 286 -25.88 14.95 -4.70
C GLN C 286 -26.51 16.22 -5.25
N HIS C 287 -27.13 16.14 -6.42
CA HIS C 287 -27.73 17.33 -7.02
C HIS C 287 -29.08 17.63 -6.40
N ILE C 288 -29.99 16.64 -6.37
CA ILE C 288 -31.36 16.89 -5.96
C ILE C 288 -31.41 17.48 -4.56
N ILE C 289 -30.38 17.26 -3.75
CA ILE C 289 -30.34 17.79 -2.40
C ILE C 289 -29.70 19.18 -2.34
N ARG C 290 -29.15 19.67 -3.45
CA ARG C 290 -28.53 20.98 -3.53
C ARG C 290 -29.03 21.73 -4.75
N ARG C 291 -30.35 21.72 -4.93
CA ARG C 291 -31.00 22.30 -6.10
C ARG C 291 -31.58 23.66 -5.75
N GLU C 292 -31.05 24.72 -6.37
CA GLU C 292 -31.54 26.07 -6.18
C GLU C 292 -31.87 26.70 -7.52
N VAL C 293 -32.93 27.51 -7.53
CA VAL C 293 -33.44 28.12 -8.75
C VAL C 293 -33.49 29.62 -8.56
N THR C 294 -33.27 30.36 -9.65
CA THR C 294 -33.08 31.81 -9.57
C THR C 294 -34.42 32.54 -9.49
N ASP C 295 -35.24 32.42 -10.52
CA ASP C 295 -36.47 33.21 -10.58
C ASP C 295 -37.45 32.78 -9.47
N GLU C 296 -38.10 33.78 -8.88
CA GLU C 296 -38.95 33.51 -7.72
C GLU C 296 -40.12 32.60 -8.07
N ASP C 297 -40.72 32.79 -9.25
CA ASP C 297 -41.86 31.98 -9.63
C ASP C 297 -41.54 30.49 -9.62
N THR C 298 -40.26 30.14 -9.79
CA THR C 298 -39.81 28.75 -9.75
C THR C 298 -38.69 28.55 -8.74
N ARG C 299 -38.52 29.47 -7.79
CA ARG C 299 -37.54 29.31 -6.74
C ARG C 299 -38.07 28.49 -5.57
N HIS C 300 -39.39 28.44 -5.38
CA HIS C 300 -39.95 27.75 -4.23
C HIS C 300 -39.52 26.29 -4.19
N LEU C 301 -39.28 25.68 -5.35
CA LEU C 301 -38.85 24.28 -5.42
C LEU C 301 -37.36 24.12 -5.21
N SER C 302 -36.68 25.13 -4.67
CA SER C 302 -35.26 25.04 -4.38
C SER C 302 -35.03 24.36 -3.05
N ARG C 303 -33.80 23.88 -2.85
CA ARG C 303 -33.37 23.30 -1.58
C ARG C 303 -32.29 24.13 -0.90
N LYS C 304 -31.19 24.39 -1.60
CA LYS C 304 -30.03 25.04 -0.99
C LYS C 304 -30.21 26.55 -1.06
N PHE C 305 -31.01 27.07 -0.14
CA PHE C 305 -31.19 28.51 -0.03
C PHE C 305 -29.88 29.17 0.38
N LYS C 306 -29.89 30.50 0.43
CA LYS C 306 -28.79 31.29 0.94
C LYS C 306 -29.32 32.19 2.05
N ASP C 307 -28.62 32.20 3.19
CA ASP C 307 -29.07 32.94 4.36
C ASP C 307 -28.39 34.29 4.49
N TRP C 308 -27.06 34.29 4.56
CA TRP C 308 -26.29 35.53 4.59
C TRP C 308 -24.82 35.18 4.42
N ALA C 309 -24.01 36.22 4.19
CA ALA C 309 -22.58 36.06 4.05
C ALA C 309 -21.89 37.18 4.80
N TYR C 310 -20.68 36.90 5.28
CA TYR C 310 -19.85 37.87 5.97
C TYR C 310 -18.46 37.88 5.38
N GLY C 311 -18.38 37.93 4.06
CA GLY C 311 -17.11 37.92 3.36
C GLY C 311 -16.71 36.52 2.98
N PRO C 312 -15.75 35.92 3.68
CA PRO C 312 -15.34 34.54 3.38
C PRO C 312 -16.12 33.47 4.12
N VAL C 313 -17.23 33.80 4.79
CA VAL C 313 -18.08 32.84 5.46
C VAL C 313 -19.46 32.89 4.80
N TYR C 314 -19.96 31.73 4.38
CA TYR C 314 -21.24 31.63 3.71
C TYR C 314 -22.12 30.65 4.47
N SER C 315 -23.33 31.10 4.81
CA SER C 315 -24.29 30.29 5.56
C SER C 315 -25.32 29.76 4.58
N SER C 316 -25.08 28.54 4.08
CA SER C 316 -26.01 27.90 3.16
C SER C 316 -27.13 27.25 3.94
N LEU C 317 -28.38 27.62 3.63
CA LEU C 317 -29.54 27.21 4.40
C LEU C 317 -30.22 26.03 3.68
N TYR C 318 -29.65 24.84 3.87
CA TYR C 318 -30.22 23.64 3.25
C TYR C 318 -31.64 23.39 3.77
N ASP C 319 -32.53 23.07 2.83
CA ASP C 319 -33.93 22.83 3.17
C ASP C 319 -34.21 21.32 3.26
N LEU C 320 -33.65 20.70 4.28
CA LEU C 320 -33.88 19.28 4.54
C LEU C 320 -35.28 19.12 5.10
N SER C 321 -36.26 19.19 4.19
CA SER C 321 -37.66 19.02 4.58
C SER C 321 -38.06 17.55 4.68
N SER C 322 -37.27 16.63 4.11
CA SER C 322 -37.61 15.22 4.15
C SER C 322 -36.40 14.34 4.43
N LEU C 323 -35.38 14.86 5.11
CA LEU C 323 -34.26 14.05 5.56
C LEU C 323 -34.43 13.57 6.99
N ASP C 324 -35.50 13.98 7.66
CA ASP C 324 -35.88 13.42 8.95
C ASP C 324 -37.30 13.87 9.26
N THR C 325 -38.19 12.91 9.50
CA THR C 325 -39.59 13.20 9.74
C THR C 325 -39.95 13.18 11.22
N CYS C 326 -38.96 13.09 12.10
CA CYS C 326 -39.20 13.00 13.54
C CYS C 326 -40.04 11.78 13.88
N GLY C 327 -39.90 10.72 13.10
CA GLY C 327 -40.67 9.51 13.29
C GLY C 327 -42.09 9.57 12.78
N GLU C 328 -42.51 10.68 12.16
CA GLU C 328 -43.87 10.80 11.69
C GLU C 328 -44.11 9.95 10.44
N GLU C 329 -43.17 9.96 9.51
CA GLU C 329 -43.32 9.24 8.25
C GLU C 329 -41.95 8.73 7.82
N VAL C 330 -41.85 8.31 6.56
CA VAL C 330 -40.58 7.84 6.01
C VAL C 330 -39.68 9.05 5.75
N SER C 331 -38.38 8.86 5.95
CA SER C 331 -37.40 9.92 5.81
C SER C 331 -36.21 9.42 5.00
N VAL C 332 -35.56 10.35 4.31
CA VAL C 332 -34.46 9.98 3.43
C VAL C 332 -33.28 9.45 4.22
N LEU C 333 -33.07 9.96 5.44
CA LEU C 333 -31.93 9.52 6.24
C LEU C 333 -32.12 8.08 6.72
N GLU C 334 -33.32 7.76 7.21
CA GLU C 334 -33.60 6.41 7.65
C GLU C 334 -33.43 5.41 6.51
N ILE C 335 -33.96 5.74 5.33
CA ILE C 335 -33.79 4.86 4.17
C ILE C 335 -32.33 4.74 3.80
N LEU C 336 -31.60 5.86 3.81
CA LEU C 336 -30.22 5.85 3.39
C LEU C 336 -29.37 4.97 4.31
N VAL C 337 -29.65 5.01 5.61
CA VAL C 337 -28.80 4.33 6.58
C VAL C 337 -29.25 2.88 6.83
N TYR C 338 -30.50 2.67 7.22
CA TYR C 338 -30.93 1.32 7.59
C TYR C 338 -30.87 0.37 6.41
N ASN C 339 -31.29 0.82 5.23
CA ASN C 339 -31.36 -0.06 4.07
C ASN C 339 -29.99 -0.67 3.79
N SER C 340 -29.97 -1.98 3.52
CA SER C 340 -28.74 -2.70 3.24
C SER C 340 -28.43 -2.78 1.75
N LYS C 341 -29.41 -2.50 0.88
CA LYS C 341 -29.18 -2.56 -0.55
C LYS C 341 -28.30 -1.42 -1.05
N ILE C 342 -28.11 -0.38 -0.24
CA ILE C 342 -27.33 0.78 -0.68
C ILE C 342 -25.92 0.32 -1.03
N GLU C 343 -25.44 0.75 -2.20
CA GLU C 343 -24.10 0.41 -2.65
C GLU C 343 -23.11 1.56 -2.47
N ASN C 344 -23.59 2.80 -2.42
CA ASN C 344 -22.73 3.97 -2.28
C ASN C 344 -23.02 4.72 -0.97
N ARG C 345 -23.42 3.99 0.06
CA ARG C 345 -23.81 4.64 1.31
C ARG C 345 -22.71 5.51 1.87
N HIS C 346 -21.44 5.18 1.59
CA HIS C 346 -20.33 5.95 2.14
C HIS C 346 -20.44 7.42 1.76
N GLU C 347 -20.36 7.71 0.46
CA GLU C 347 -20.43 9.09 0.00
C GLU C 347 -21.82 9.67 0.18
N MET C 348 -22.86 8.84 0.04
CA MET C 348 -24.23 9.35 0.15
C MET C 348 -24.51 9.89 1.54
N LEU C 349 -23.95 9.26 2.57
CA LEU C 349 -24.06 9.83 3.91
C LEU C 349 -23.36 11.18 3.99
N ALA C 350 -22.21 11.32 3.35
CA ALA C 350 -21.41 12.53 3.41
C ALA C 350 -21.74 13.51 2.28
N VAL C 351 -22.98 13.50 1.79
CA VAL C 351 -23.36 14.46 0.76
C VAL C 351 -23.11 15.88 1.25
N GLU C 352 -23.51 16.17 2.49
CA GLU C 352 -23.16 17.37 3.25
C GLU C 352 -24.24 17.68 4.26
N PRO C 353 -25.48 17.99 3.83
CA PRO C 353 -26.54 18.22 4.82
C PRO C 353 -26.81 17.02 5.69
N ILE C 354 -26.64 15.80 5.16
CA ILE C 354 -26.89 14.61 5.95
C ILE C 354 -25.84 14.47 7.05
N ASN C 355 -24.57 14.63 6.70
CA ASN C 355 -23.50 14.46 7.68
C ASN C 355 -23.61 15.51 8.79
N GLU C 356 -23.84 16.76 8.42
CA GLU C 356 -23.95 17.80 9.43
C GLU C 356 -25.24 17.66 10.23
N LEU C 357 -26.31 17.14 9.61
CA LEU C 357 -27.52 16.84 10.35
C LEU C 357 -27.26 15.78 11.42
N LEU C 358 -26.50 14.74 11.06
CA LEU C 358 -26.14 13.73 12.06
C LEU C 358 -25.26 14.33 13.14
N ARG C 359 -24.34 15.22 12.77
CA ARG C 359 -23.53 15.91 13.77
C ARG C 359 -24.42 16.65 14.76
N ASP C 360 -25.36 17.44 14.25
CA ASP C 360 -26.24 18.21 15.13
C ASP C 360 -27.09 17.29 16.00
N LYS C 361 -27.60 16.21 15.42
CA LYS C 361 -28.38 15.25 16.21
C LYS C 361 -27.52 14.67 17.32
N TRP C 362 -26.25 14.40 17.04
CA TRP C 362 -25.34 13.93 18.08
C TRP C 362 -25.18 14.96 19.17
N ARG C 363 -25.03 16.23 18.80
CA ARG C 363 -24.88 17.28 19.80
C ARG C 363 -26.06 17.30 20.77
N LYS C 364 -27.26 17.55 20.25
CA LYS C 364 -28.44 17.69 21.10
C LYS C 364 -29.18 16.35 21.17
N PHE C 365 -29.30 15.81 22.38
CA PHE C 365 -30.07 14.60 22.64
C PHE C 365 -29.60 13.43 21.77
N GLY C 366 -28.32 13.41 21.44
CA GLY C 366 -27.75 12.31 20.70
C GLY C 366 -26.67 11.58 21.47
N ALA C 367 -25.94 12.31 22.31
CA ALA C 367 -24.87 11.74 23.13
C ALA C 367 -25.28 11.53 24.57
N VAL C 368 -26.10 12.42 25.13
CA VAL C 368 -26.59 12.24 26.49
C VAL C 368 -27.33 10.91 26.59
N SER C 369 -28.19 10.63 25.61
CA SER C 369 -28.92 9.37 25.60
C SER C 369 -27.96 8.19 25.49
N PHE C 370 -26.92 8.33 24.66
CA PHE C 370 -25.92 7.27 24.49
C PHE C 370 -25.26 6.95 25.84
N TYR C 371 -24.82 7.98 26.55
CA TYR C 371 -24.11 7.75 27.81
C TYR C 371 -25.04 7.23 28.89
N ILE C 372 -26.25 7.77 29.00
CA ILE C 372 -27.16 7.24 30.02
C ILE C 372 -27.56 5.81 29.66
N ASN C 373 -27.61 5.49 28.36
CA ASN C 373 -27.91 4.13 27.95
C ASN C 373 -26.83 3.18 28.42
N VAL C 374 -25.56 3.53 28.23
CA VAL C 374 -24.50 2.64 28.69
C VAL C 374 -24.49 2.54 30.21
N VAL C 375 -24.73 3.66 30.90
CA VAL C 375 -24.79 3.60 32.36
C VAL C 375 -25.89 2.64 32.79
N SER C 376 -27.09 2.79 32.22
CA SER C 376 -28.22 1.96 32.62
C SER C 376 -27.97 0.50 32.29
N TYR C 377 -27.38 0.22 31.13
CA TYR C 377 -27.19 -1.17 30.73
C TYR C 377 -26.09 -1.83 31.55
N LEU C 378 -24.98 -1.12 31.79
CA LEU C 378 -23.95 -1.68 32.67
C LEU C 378 -24.50 -1.90 34.07
N CYS C 379 -25.37 -1.01 34.54
CA CYS C 379 -26.00 -1.22 35.84
C CYS C 379 -26.93 -2.43 35.84
N ALA C 380 -27.76 -2.60 34.82
CA ALA C 380 -28.68 -3.72 34.75
C ALA C 380 -27.98 -5.02 34.40
N MET C 381 -26.72 -4.97 33.99
CA MET C 381 -25.90 -6.16 33.86
C MET C 381 -25.09 -6.47 35.10
N VAL C 382 -24.68 -5.46 35.86
CA VAL C 382 -24.04 -5.71 37.14
C VAL C 382 -25.05 -6.27 38.15
N ILE C 383 -26.27 -5.73 38.17
CA ILE C 383 -27.31 -6.27 39.05
C ILE C 383 -27.82 -7.62 38.58
N PHE C 384 -27.43 -8.06 37.39
CA PHE C 384 -27.68 -9.43 36.96
C PHE C 384 -26.50 -10.33 37.31
N THR C 385 -25.29 -9.83 37.15
CA THR C 385 -24.10 -10.57 37.54
C THR C 385 -24.12 -10.91 39.03
N LEU C 386 -24.40 -9.91 39.86
CA LEU C 386 -24.38 -10.11 41.31
C LEU C 386 -25.56 -10.94 41.78
N THR C 387 -26.66 -10.94 41.05
CA THR C 387 -27.76 -11.86 41.35
C THR C 387 -27.52 -13.25 40.78
N ALA C 388 -26.57 -13.40 39.86
CA ALA C 388 -26.20 -14.72 39.38
C ALA C 388 -25.21 -15.40 40.31
N TYR C 389 -24.13 -14.71 40.68
CA TYR C 389 -23.16 -15.32 41.57
C TYR C 389 -23.73 -15.56 42.97
N TYR C 390 -24.60 -14.66 43.44
CA TYR C 390 -25.27 -14.83 44.71
C TYR C 390 -26.52 -15.70 44.62
N GLN C 391 -26.63 -16.53 43.58
CA GLN C 391 -27.79 -17.37 43.35
C GLN C 391 -28.28 -17.98 44.65
N PRO C 392 -29.61 -17.98 44.91
CA PRO C 392 -30.13 -18.61 46.13
C PRO C 392 -29.45 -19.92 46.49
N LEU C 393 -29.11 -20.06 47.77
CA LEU C 393 -28.33 -21.20 48.26
C LEU C 393 -29.28 -22.33 48.66
N GLU C 394 -28.73 -23.36 49.31
CA GLU C 394 -29.53 -24.40 49.96
C GLU C 394 -30.16 -25.37 48.96
N GLY C 395 -30.04 -25.09 47.66
CA GLY C 395 -30.72 -25.91 46.68
C GLY C 395 -32.22 -25.80 46.84
N THR C 396 -32.97 -26.27 45.85
CA THR C 396 -34.43 -26.14 45.89
C THR C 396 -34.80 -24.69 46.19
N PRO C 397 -34.49 -23.74 45.31
CA PRO C 397 -34.89 -22.36 45.54
C PRO C 397 -36.18 -22.01 44.82
N PRO C 398 -37.35 -22.50 45.27
CA PRO C 398 -38.60 -22.01 44.67
C PRO C 398 -38.89 -20.57 45.06
N TYR C 399 -38.86 -20.30 46.37
CA TYR C 399 -39.12 -18.97 46.91
C TYR C 399 -38.29 -18.75 48.17
N PRO C 400 -36.96 -18.77 48.07
CA PRO C 400 -36.12 -18.67 49.28
C PRO C 400 -35.86 -17.24 49.75
N TYR C 401 -36.50 -16.23 49.18
CA TYR C 401 -36.27 -14.85 49.60
C TYR C 401 -36.83 -14.64 51.00
N ARG C 402 -35.94 -14.57 52.00
CA ARG C 402 -36.36 -14.44 53.39
C ARG C 402 -35.80 -13.22 54.09
N THR C 403 -34.50 -12.97 53.98
CA THR C 403 -33.83 -11.99 54.83
C THR C 403 -33.48 -10.72 54.05
N THR C 404 -32.81 -9.78 54.73
CA THR C 404 -32.55 -8.47 54.13
C THR C 404 -31.64 -8.58 52.91
N VAL C 405 -30.50 -9.27 53.06
CA VAL C 405 -29.61 -9.46 51.93
C VAL C 405 -30.30 -10.27 50.84
N ASP C 406 -31.04 -11.29 51.24
CA ASP C 406 -31.78 -12.09 50.26
C ASP C 406 -32.91 -11.27 49.65
N TYR C 407 -33.48 -10.33 50.41
CA TYR C 407 -34.47 -9.42 49.84
C TYR C 407 -33.84 -8.51 48.80
N LEU C 408 -32.62 -8.04 49.04
CA LEU C 408 -31.90 -7.25 48.04
C LEU C 408 -31.60 -8.08 46.80
N ARG C 409 -31.24 -9.36 47.01
CA ARG C 409 -31.06 -10.26 45.87
C ARG C 409 -32.34 -10.43 45.08
N LEU C 410 -33.48 -10.56 45.76
CA LEU C 410 -34.77 -10.58 45.08
C LEU C 410 -35.02 -9.29 44.32
N ALA C 411 -34.63 -8.15 44.89
CA ALA C 411 -34.78 -6.88 44.20
C ALA C 411 -33.99 -6.88 42.90
N GLY C 412 -32.74 -7.35 42.96
CA GLY C 412 -31.94 -7.46 41.75
C GLY C 412 -32.56 -8.40 40.73
N GLU C 413 -33.06 -9.55 41.18
CA GLU C 413 -33.66 -10.52 40.26
C GLU C 413 -34.91 -9.95 39.61
N VAL C 414 -35.75 -9.24 40.37
CA VAL C 414 -36.96 -8.67 39.79
C VAL C 414 -36.61 -7.54 38.84
N ILE C 415 -35.57 -6.76 39.15
CA ILE C 415 -35.10 -5.75 38.20
C ILE C 415 -34.68 -6.42 36.90
N THR C 416 -33.94 -7.53 37.00
CA THR C 416 -33.51 -8.24 35.80
C THR C 416 -34.71 -8.76 35.00
N LEU C 417 -35.70 -9.34 35.68
CA LEU C 417 -36.86 -9.87 34.97
C LEU C 417 -37.66 -8.74 34.32
N PHE C 418 -37.82 -7.62 35.02
CA PHE C 418 -38.52 -6.47 34.46
C PHE C 418 -37.79 -5.96 33.21
N THR C 419 -36.47 -5.84 33.29
CA THR C 419 -35.71 -5.39 32.13
C THR C 419 -35.81 -6.40 31.00
N GLY C 420 -35.87 -7.69 31.33
CA GLY C 420 -36.01 -8.72 30.33
C GLY C 420 -37.33 -8.65 29.57
N VAL C 421 -38.43 -8.46 30.30
CA VAL C 421 -39.73 -8.34 29.63
C VAL C 421 -39.82 -7.04 28.86
N LEU C 422 -39.27 -5.95 29.42
CA LEU C 422 -39.19 -4.70 28.67
C LEU C 422 -38.40 -4.88 27.39
N PHE C 423 -37.31 -5.64 27.45
CA PHE C 423 -36.51 -5.91 26.27
C PHE C 423 -37.30 -6.73 25.25
N PHE C 424 -38.06 -7.71 25.74
CA PHE C 424 -38.95 -8.46 24.87
C PHE C 424 -39.88 -7.53 24.11
N PHE C 425 -40.58 -6.65 24.83
CA PHE C 425 -41.49 -5.72 24.18
C PHE C 425 -40.76 -4.84 23.17
N THR C 426 -39.64 -4.25 23.58
CA THR C 426 -38.90 -3.38 22.68
C THR C 426 -38.38 -4.12 21.45
N SER C 427 -38.23 -5.44 21.53
CA SER C 427 -37.75 -6.23 20.42
C SER C 427 -38.84 -6.73 19.49
N ILE C 428 -40.06 -6.94 20.00
CA ILE C 428 -41.18 -7.41 19.19
C ILE C 428 -42.14 -6.28 18.86
N LYS C 429 -42.35 -5.37 19.81
CA LYS C 429 -43.25 -4.24 19.56
C LYS C 429 -42.74 -3.38 18.42
N ASP C 430 -41.42 -3.33 18.23
CA ASP C 430 -40.82 -2.55 17.15
C ASP C 430 -40.56 -3.43 15.93
N PHE C 448 -27.65 -6.24 16.17
CA PHE C 448 -27.79 -6.81 17.51
C PHE C 448 -29.25 -6.77 17.94
N GLN C 449 -30.10 -7.44 17.18
CA GLN C 449 -31.53 -7.55 17.49
C GLN C 449 -31.96 -8.99 17.74
N LEU C 450 -31.42 -9.95 16.97
CA LEU C 450 -31.75 -11.35 17.21
C LEU C 450 -31.09 -11.84 18.49
N LEU C 451 -29.81 -11.52 18.69
CA LEU C 451 -29.15 -11.84 19.96
C LEU C 451 -29.90 -11.23 21.13
N TYR C 452 -30.48 -10.05 20.91
CA TYR C 452 -31.28 -9.37 21.92
C TYR C 452 -32.58 -10.10 22.24
N PHE C 453 -33.31 -10.56 21.23
CA PHE C 453 -34.48 -11.39 21.49
C PHE C 453 -34.09 -12.67 22.20
N ILE C 454 -32.94 -13.24 21.84
CA ILE C 454 -32.46 -14.45 22.51
C ILE C 454 -32.22 -14.17 23.99
N TYR C 455 -31.54 -13.06 24.29
CA TYR C 455 -31.33 -12.68 25.68
C TYR C 455 -32.65 -12.57 26.43
N SER C 456 -33.61 -11.86 25.84
CA SER C 456 -34.87 -11.63 26.54
C SER C 456 -35.60 -12.94 26.80
N VAL C 457 -35.68 -13.82 25.79
CA VAL C 457 -36.39 -15.07 25.97
C VAL C 457 -35.67 -15.96 26.97
N LEU C 458 -34.33 -15.94 26.96
CA LEU C 458 -33.59 -16.76 27.91
C LEU C 458 -33.81 -16.29 29.33
N VAL C 459 -33.79 -14.97 29.56
CA VAL C 459 -34.05 -14.48 30.91
C VAL C 459 -35.47 -14.80 31.34
N VAL C 460 -36.43 -14.73 30.40
CA VAL C 460 -37.80 -15.09 30.75
C VAL C 460 -37.91 -16.55 31.14
N VAL C 461 -37.26 -17.43 30.38
CA VAL C 461 -37.26 -18.86 30.71
C VAL C 461 -36.64 -19.08 32.07
N SER C 462 -35.52 -18.39 32.34
CA SER C 462 -34.85 -18.55 33.63
C SER C 462 -35.74 -18.10 34.78
N ALA C 463 -36.42 -16.97 34.62
CA ALA C 463 -37.33 -16.51 35.67
C ALA C 463 -38.46 -17.50 35.89
N ALA C 464 -39.02 -18.04 34.80
CA ALA C 464 -40.11 -19.00 34.93
C ALA C 464 -39.64 -20.25 35.67
N LEU C 465 -38.47 -20.78 35.28
CA LEU C 465 -37.96 -21.97 35.94
C LEU C 465 -37.65 -21.71 37.41
N TYR C 466 -37.11 -20.52 37.72
CA TYR C 466 -36.86 -20.16 39.11
C TYR C 466 -38.16 -20.13 39.91
N LEU C 467 -39.21 -19.54 39.33
CA LEU C 467 -40.51 -19.57 39.99
C LEU C 467 -41.03 -20.99 40.15
N ALA C 468 -40.63 -21.89 39.24
CA ALA C 468 -40.93 -23.30 39.40
C ALA C 468 -39.99 -24.01 40.37
N GLY C 469 -38.88 -23.37 40.75
CA GLY C 469 -37.96 -23.94 41.71
C GLY C 469 -37.34 -25.25 41.25
N ILE C 470 -36.86 -25.30 40.02
CA ILE C 470 -36.33 -26.52 39.42
C ILE C 470 -34.82 -26.49 39.49
N GLU C 471 -34.22 -27.59 39.92
CA GLU C 471 -32.79 -27.66 40.13
C GLU C 471 -32.03 -27.64 38.81
N ALA C 472 -30.76 -27.21 38.88
CA ALA C 472 -29.84 -27.22 37.75
C ALA C 472 -30.45 -26.58 36.51
N TYR C 473 -31.44 -25.70 36.69
CA TYR C 473 -32.05 -24.98 35.60
C TYR C 473 -31.87 -23.48 35.70
N LEU C 474 -31.30 -22.98 36.79
CA LEU C 474 -30.76 -21.62 36.83
C LEU C 474 -29.36 -21.66 36.24
N ALA C 475 -29.23 -22.27 35.06
CA ALA C 475 -27.98 -22.32 34.32
C ALA C 475 -28.13 -21.77 32.91
N VAL C 476 -29.34 -21.64 32.40
CA VAL C 476 -29.58 -20.78 31.25
C VAL C 476 -29.66 -19.32 31.69
N MET C 477 -29.91 -19.05 32.97
CA MET C 477 -29.86 -17.69 33.47
C MET C 477 -28.45 -17.14 33.38
N VAL C 478 -27.45 -17.94 33.76
CA VAL C 478 -26.06 -17.48 33.62
C VAL C 478 -25.69 -17.36 32.15
N PHE C 479 -26.25 -18.21 31.28
CA PHE C 479 -25.98 -18.05 29.86
C PHE C 479 -26.58 -16.76 29.33
N ALA C 480 -27.79 -16.41 29.79
CA ALA C 480 -28.37 -15.12 29.44
C ALA C 480 -27.52 -13.98 29.98
N LEU C 481 -26.92 -14.17 31.16
CA LEU C 481 -26.02 -13.16 31.71
C LEU C 481 -24.82 -12.94 30.81
N VAL C 482 -24.15 -14.02 30.42
CA VAL C 482 -22.96 -13.88 29.58
C VAL C 482 -23.34 -13.33 28.21
N LEU C 483 -24.53 -13.69 27.72
CA LEU C 483 -25.03 -13.08 26.49
C LEU C 483 -25.23 -11.58 26.66
N GLY C 484 -25.90 -11.16 27.73
CA GLY C 484 -26.04 -9.75 28.03
C GLY C 484 -24.73 -9.04 28.19
N TRP C 485 -23.67 -9.77 28.53
CA TRP C 485 -22.34 -9.19 28.56
C TRP C 485 -21.68 -9.13 27.20
N MET C 486 -21.98 -10.05 26.28
CA MET C 486 -21.65 -9.84 24.87
C MET C 486 -22.74 -9.08 24.13
N ASN C 487 -23.89 -8.85 24.76
CA ASN C 487 -24.94 -8.02 24.19
C ASN C 487 -24.67 -6.54 24.38
N ALA C 488 -23.79 -6.17 25.31
CA ALA C 488 -23.44 -4.78 25.55
C ALA C 488 -22.46 -4.25 24.52
N LEU C 489 -22.18 -5.01 23.48
CA LEU C 489 -21.34 -4.52 22.38
C LEU C 489 -22.12 -3.67 21.39
N TYR C 490 -23.45 -3.67 21.48
CA TYR C 490 -24.24 -2.72 20.69
C TYR C 490 -23.80 -1.29 20.97
N PHE C 491 -23.71 -0.93 22.25
CA PHE C 491 -23.31 0.42 22.61
C PHE C 491 -21.89 0.72 22.14
N THR C 492 -20.96 -0.19 22.35
CA THR C 492 -19.55 0.07 22.09
C THR C 492 -19.26 0.06 20.58
N ARG C 493 -19.87 1.03 19.91
CA ARG C 493 -19.62 1.29 18.50
C ARG C 493 -19.39 2.77 18.22
N GLY C 494 -19.38 3.60 19.26
CA GLY C 494 -19.18 5.03 19.11
C GLY C 494 -17.80 5.49 19.54
N LEU C 495 -17.71 6.00 20.77
CA LEU C 495 -16.44 6.55 21.26
C LEU C 495 -15.33 5.51 21.18
N LYS C 496 -14.11 6.01 21.01
CA LYS C 496 -12.89 5.20 20.88
C LYS C 496 -12.83 4.42 19.58
N LEU C 497 -13.79 4.61 18.68
CA LEU C 497 -13.83 3.88 17.41
C LEU C 497 -13.77 2.38 17.64
N THR C 498 -14.35 1.92 18.74
CA THR C 498 -14.38 0.50 19.07
C THR C 498 -15.59 -0.16 18.41
N GLY C 499 -15.75 -1.46 18.65
CA GLY C 499 -16.84 -2.22 18.11
C GLY C 499 -16.47 -3.11 16.93
N THR C 500 -15.33 -2.85 16.30
CA THR C 500 -14.90 -3.74 15.22
C THR C 500 -14.67 -5.16 15.72
N TYR C 501 -14.44 -5.33 17.03
CA TYR C 501 -14.53 -6.65 17.63
C TYR C 501 -15.85 -7.30 17.25
N SER C 502 -16.92 -6.50 17.24
CA SER C 502 -18.23 -7.01 16.83
C SER C 502 -18.19 -7.49 15.39
N ILE C 503 -17.54 -6.74 14.49
CA ILE C 503 -17.49 -7.14 13.09
C ILE C 503 -16.74 -8.46 12.92
N MET C 504 -15.57 -8.57 13.56
CA MET C 504 -14.78 -9.78 13.41
C MET C 504 -15.50 -10.99 14.02
N ILE C 505 -16.11 -10.82 15.20
CA ILE C 505 -16.82 -11.95 15.79
C ILE C 505 -18.07 -12.27 14.97
N GLN C 506 -18.65 -11.27 14.32
CA GLN C 506 -19.77 -11.51 13.40
C GLN C 506 -19.32 -12.40 12.24
N LYS C 507 -18.14 -12.11 11.70
CA LYS C 507 -17.58 -13.00 10.68
C LYS C 507 -17.34 -14.39 11.25
N ILE C 508 -16.87 -14.47 12.50
CA ILE C 508 -16.54 -15.75 13.11
C ILE C 508 -17.77 -16.64 13.21
N LEU C 509 -18.73 -16.22 14.05
CA LEU C 509 -19.93 -17.00 14.38
C LEU C 509 -19.90 -18.49 14.03
N PHE C 510 -21.10 -19.06 13.86
CA PHE C 510 -21.23 -20.47 13.49
C PHE C 510 -20.24 -20.88 12.42
N LYS C 511 -20.04 -20.04 11.40
CA LYS C 511 -19.16 -20.43 10.30
C LYS C 511 -17.88 -21.06 10.85
N ASP C 512 -17.08 -20.26 11.55
CA ASP C 512 -15.82 -20.77 12.09
C ASP C 512 -16.06 -21.77 13.21
N LEU C 513 -17.06 -21.52 14.07
CA LEU C 513 -17.27 -22.40 15.21
C LEU C 513 -17.49 -23.84 14.76
N PHE C 514 -18.46 -24.06 13.87
CA PHE C 514 -18.74 -25.41 13.41
C PHE C 514 -17.72 -25.90 12.38
N ARG C 515 -17.01 -25.01 11.67
CA ARG C 515 -15.91 -25.50 10.86
C ARG C 515 -14.87 -26.19 11.73
N PHE C 516 -14.44 -25.51 12.80
CA PHE C 516 -13.50 -26.11 13.74
C PHE C 516 -14.12 -27.35 14.39
N LEU C 517 -15.39 -27.27 14.79
CA LEU C 517 -16.00 -28.40 15.48
C LEU C 517 -16.07 -29.62 14.58
N LEU C 518 -16.39 -29.43 13.30
CA LEU C 518 -16.49 -30.57 12.40
C LEU C 518 -15.12 -31.15 12.06
N VAL C 519 -14.11 -30.31 11.86
CA VAL C 519 -12.77 -30.88 11.65
C VAL C 519 -12.30 -31.59 12.91
N TYR C 520 -12.70 -31.09 14.08
CA TYR C 520 -12.26 -31.70 15.33
C TYR C 520 -12.97 -33.02 15.61
N LEU C 521 -14.26 -33.11 15.27
CA LEU C 521 -14.92 -34.41 15.27
C LEU C 521 -14.32 -35.36 14.24
N LEU C 522 -13.97 -34.82 13.07
CA LEU C 522 -13.27 -35.60 12.06
C LEU C 522 -12.04 -36.26 12.65
N PHE C 523 -11.22 -35.48 13.34
CA PHE C 523 -9.98 -36.03 13.86
C PHE C 523 -10.21 -36.93 15.07
N MET C 524 -11.18 -36.58 15.91
CA MET C 524 -11.55 -37.46 17.02
C MET C 524 -11.97 -38.83 16.51
N ILE C 525 -12.84 -38.85 15.50
CA ILE C 525 -13.38 -40.11 15.02
C ILE C 525 -12.29 -40.92 14.31
N GLY C 526 -11.46 -40.25 13.50
CA GLY C 526 -10.34 -40.94 12.89
C GLY C 526 -9.38 -41.52 13.92
N TYR C 527 -9.16 -40.79 15.01
CA TYR C 527 -8.20 -41.21 16.02
C TYR C 527 -8.74 -42.38 16.84
N ALA C 528 -10.02 -42.34 17.20
CA ALA C 528 -10.63 -43.49 17.85
C ALA C 528 -10.61 -44.70 16.92
N SER C 529 -10.80 -44.47 15.62
CA SER C 529 -10.66 -45.56 14.65
C SER C 529 -9.26 -46.14 14.67
N ALA C 530 -8.25 -45.27 14.74
CA ALA C 530 -6.87 -45.75 14.78
C ALA C 530 -6.63 -46.61 16.01
N LEU C 531 -7.14 -46.17 17.16
CA LEU C 531 -7.00 -46.98 18.38
C LEU C 531 -7.68 -48.33 18.23
N VAL C 532 -8.92 -48.34 17.72
CA VAL C 532 -9.67 -49.59 17.71
C VAL C 532 -9.16 -50.52 16.61
N THR C 533 -8.41 -49.99 15.63
CA THR C 533 -7.95 -50.81 14.52
C THR C 533 -6.50 -51.24 14.66
N LEU C 534 -5.70 -50.53 15.45
CA LEU C 534 -4.30 -50.90 15.66
C LEU C 534 -4.07 -51.58 17.00
N LEU C 535 -4.88 -51.27 18.02
CA LEU C 535 -4.61 -51.74 19.36
C LEU C 535 -5.39 -53.01 19.68
N ASN C 536 -6.43 -53.32 18.90
CA ASN C 536 -7.28 -54.47 19.19
C ASN C 536 -6.56 -55.80 19.00
N PRO C 537 -5.50 -55.90 18.17
CA PRO C 537 -4.92 -57.24 18.08
C PRO C 537 -4.43 -58.07 19.27
N GLN C 548 -5.45 -57.78 32.13
CA GLN C 548 -6.90 -57.62 31.99
C GLN C 548 -7.23 -56.26 31.36
N SER C 549 -6.22 -55.41 31.23
CA SER C 549 -6.38 -54.10 30.60
C SER C 549 -7.25 -53.19 31.45
N ASN C 550 -8.53 -53.54 31.60
CA ASN C 550 -9.50 -52.80 32.39
C ASN C 550 -9.87 -51.45 31.79
N CYS C 551 -9.59 -51.25 30.49
CA CYS C 551 -10.07 -50.08 29.76
C CYS C 551 -9.28 -48.82 30.13
N THR C 552 -8.96 -48.01 29.13
CA THR C 552 -8.39 -46.69 29.34
C THR C 552 -9.49 -45.64 29.16
N VAL C 553 -9.40 -44.55 29.92
CA VAL C 553 -10.49 -43.58 29.94
C VAL C 553 -10.79 -43.04 28.54
N PRO C 554 -9.81 -42.56 27.76
CA PRO C 554 -10.14 -42.00 26.43
C PRO C 554 -10.27 -43.05 25.33
N THR C 555 -11.32 -43.86 25.42
CA THR C 555 -11.64 -44.85 24.40
C THR C 555 -10.55 -45.92 24.33
N TYR C 556 -10.91 -47.12 23.88
CA TYR C 556 -10.03 -48.27 24.03
C TYR C 556 -10.35 -49.28 22.94
N PRO C 557 -9.55 -50.34 22.78
CA PRO C 557 -9.88 -51.36 21.77
C PRO C 557 -11.24 -51.99 21.99
N ALA C 558 -11.57 -53.01 21.22
CA ALA C 558 -12.95 -53.40 21.01
C ALA C 558 -13.38 -54.62 21.83
N CYS C 559 -12.59 -55.69 21.81
CA CYS C 559 -12.93 -56.88 22.58
C CYS C 559 -12.37 -56.78 23.99
N ARG C 560 -12.86 -57.67 24.86
CA ARG C 560 -12.72 -57.65 26.31
C ARG C 560 -13.81 -56.75 26.92
N ASP C 561 -14.82 -56.41 26.13
CA ASP C 561 -15.87 -55.48 26.55
C ASP C 561 -15.31 -54.06 26.68
N SER C 562 -14.45 -53.69 25.72
CA SER C 562 -13.76 -52.41 25.71
C SER C 562 -14.42 -51.39 24.78
N GLU C 563 -15.74 -51.46 24.63
CA GLU C 563 -16.43 -50.51 23.75
C GLU C 563 -16.12 -49.07 24.12
N THR C 564 -16.22 -48.75 25.42
CA THR C 564 -15.91 -47.41 25.90
C THR C 564 -16.77 -46.37 25.20
N PHE C 565 -16.40 -45.10 25.33
CA PHE C 565 -17.14 -44.01 24.69
C PHE C 565 -16.14 -43.08 24.00
N SER C 566 -16.63 -42.40 22.97
CA SER C 566 -15.79 -41.44 22.26
C SER C 566 -15.62 -40.13 23.02
N ALA C 567 -16.64 -39.72 23.77
CA ALA C 567 -16.65 -38.37 24.35
C ALA C 567 -15.41 -38.10 25.20
N PHE C 568 -14.88 -39.14 25.85
CA PHE C 568 -13.70 -38.95 26.68
C PHE C 568 -12.50 -38.54 25.82
N LEU C 569 -12.21 -39.31 24.77
CA LEU C 569 -11.15 -38.90 23.85
C LEU C 569 -11.51 -37.60 23.16
N LEU C 570 -12.80 -37.31 23.02
CA LEU C 570 -13.23 -36.07 22.39
C LEU C 570 -12.76 -34.87 23.21
N ASP C 571 -13.08 -34.86 24.50
CA ASP C 571 -12.64 -33.75 25.34
C ASP C 571 -11.13 -33.78 25.55
N LEU C 572 -10.53 -34.97 25.55
CA LEU C 572 -9.07 -35.06 25.65
C LEU C 572 -8.40 -34.36 24.47
N PHE C 573 -8.88 -34.64 23.25
CA PHE C 573 -8.32 -33.98 22.09
C PHE C 573 -8.63 -32.50 22.10
N LYS C 574 -9.82 -32.12 22.56
CA LYS C 574 -10.15 -30.71 22.66
C LYS C 574 -9.12 -29.97 23.51
N LEU C 575 -9.03 -30.35 24.80
CA LEU C 575 -8.16 -29.62 25.70
C LEU C 575 -6.69 -29.78 25.32
N THR C 576 -6.27 -30.97 24.90
CA THR C 576 -4.84 -31.26 24.56
C THR C 576 -4.41 -30.39 23.38
N ILE C 577 -5.25 -30.24 22.35
CA ILE C 577 -4.95 -29.34 21.21
C ILE C 577 -5.83 -28.10 21.43
N GLY C 578 -6.19 -27.82 22.69
CA GLY C 578 -6.94 -26.61 23.05
C GLY C 578 -5.95 -25.71 23.74
N MET C 579 -4.65 -26.01 23.66
CA MET C 579 -3.56 -25.24 24.31
C MET C 579 -2.88 -26.12 25.36
N GLY C 580 -2.49 -27.33 24.98
CA GLY C 580 -1.69 -28.19 25.91
C GLY C 580 -2.50 -28.75 27.02
N ASP C 581 -2.10 -28.46 28.27
CA ASP C 581 -2.76 -29.01 29.48
C ASP C 581 -3.19 -30.43 29.17
N LEU C 582 -2.28 -31.28 28.71
CA LEU C 582 -2.62 -32.66 28.26
C LEU C 582 -1.70 -33.72 28.86
N GLU C 583 -1.94 -35.01 28.54
CA GLU C 583 -1.08 -36.13 29.00
C GLU C 583 -0.50 -36.81 27.75
N MET C 584 -0.98 -36.47 26.56
CA MET C 584 -0.47 -37.02 25.28
C MET C 584 -0.58 -38.55 25.30
N LEU C 585 -1.79 -39.09 25.47
CA LEU C 585 -2.04 -40.55 25.46
C LEU C 585 -0.91 -41.29 24.73
N SER C 586 -0.15 -42.13 25.43
CA SER C 586 0.90 -42.95 24.82
C SER C 586 0.29 -44.23 24.24
N SER C 587 -0.49 -44.06 23.19
CA SER C 587 -1.15 -45.17 22.53
C SER C 587 -2.05 -45.92 23.52
N ILE C 595 1.70 -45.98 16.35
CA ILE C 595 2.47 -44.84 16.85
C ILE C 595 2.89 -43.95 15.69
N LEU C 596 3.45 -44.56 14.64
CA LEU C 596 3.86 -43.80 13.48
C LEU C 596 2.66 -43.10 12.83
N LEU C 597 1.64 -43.87 12.47
CA LEU C 597 0.42 -43.27 11.93
C LEU C 597 -0.19 -42.30 12.92
N LEU C 598 -0.28 -42.70 14.19
CA LEU C 598 -0.94 -41.86 15.18
C LEU C 598 -0.18 -40.55 15.40
N VAL C 599 1.15 -40.62 15.48
CA VAL C 599 1.92 -39.40 15.73
C VAL C 599 1.90 -38.50 14.51
N THR C 600 2.05 -39.07 13.31
CA THR C 600 1.94 -38.26 12.10
C THR C 600 0.56 -37.64 12.00
N TYR C 601 -0.46 -38.34 12.49
CA TYR C 601 -1.83 -37.86 12.43
C TYR C 601 -2.04 -36.69 13.38
N ILE C 602 -1.48 -36.79 14.58
CA ILE C 602 -1.52 -35.68 15.54
C ILE C 602 -0.76 -34.48 15.00
N ILE C 603 0.40 -34.72 14.37
CA ILE C 603 1.14 -33.63 13.75
C ILE C 603 0.30 -33.00 12.64
N LEU C 604 -0.42 -33.82 11.88
CA LEU C 604 -1.24 -33.31 10.80
C LEU C 604 -2.35 -32.41 11.33
N THR C 605 -2.98 -32.79 12.44
CA THR C 605 -3.99 -31.92 13.01
C THR C 605 -3.37 -30.65 13.58
N PHE C 606 -2.15 -30.74 14.14
CA PHE C 606 -1.45 -29.52 14.54
C PHE C 606 -1.35 -28.57 13.36
N VAL C 607 -0.83 -29.05 12.23
CA VAL C 607 -0.65 -28.17 11.07
C VAL C 607 -2.00 -27.63 10.61
N LEU C 608 -3.02 -28.50 10.56
CA LEU C 608 -4.31 -28.08 10.03
C LEU C 608 -4.95 -27.00 10.91
N LEU C 609 -4.89 -27.17 12.23
CA LEU C 609 -5.52 -26.20 13.12
C LEU C 609 -4.71 -24.91 13.17
N LEU C 610 -3.37 -25.00 13.15
CA LEU C 610 -2.57 -23.79 13.07
C LEU C 610 -2.90 -23.02 11.80
N ASN C 611 -3.01 -23.73 10.67
CA ASN C 611 -3.45 -23.09 9.44
C ASN C 611 -4.77 -22.41 9.71
N MET C 612 -5.81 -23.18 9.99
CA MET C 612 -7.14 -22.60 10.23
C MET C 612 -7.05 -21.29 11.02
N LEU C 613 -6.41 -21.34 12.19
CA LEU C 613 -6.43 -20.18 13.08
C LEU C 613 -5.70 -18.98 12.47
N ILE C 614 -4.44 -19.16 12.05
CA ILE C 614 -3.69 -18.01 11.55
C ILE C 614 -4.24 -17.53 10.21
N ALA C 615 -4.72 -18.44 9.36
CA ALA C 615 -5.37 -18.02 8.13
C ALA C 615 -6.60 -17.17 8.42
N LEU C 616 -7.43 -17.60 9.39
CA LEU C 616 -8.60 -16.81 9.76
C LEU C 616 -8.19 -15.44 10.27
N MET C 617 -7.16 -15.39 11.11
CA MET C 617 -6.61 -14.09 11.52
C MET C 617 -6.18 -13.29 10.29
N GLY C 618 -5.66 -13.98 9.27
CA GLY C 618 -5.23 -13.29 8.06
C GLY C 618 -6.38 -12.64 7.32
N GLU C 619 -7.49 -13.35 7.15
CA GLU C 619 -8.64 -12.71 6.52
C GLU C 619 -9.17 -11.58 7.38
N THR C 620 -9.24 -11.77 8.70
CA THR C 620 -9.79 -10.74 9.56
C THR C 620 -8.97 -9.46 9.48
N VAL C 621 -7.64 -9.58 9.55
CA VAL C 621 -6.79 -8.39 9.48
C VAL C 621 -6.78 -7.81 8.08
N GLY C 622 -6.76 -8.66 7.05
CA GLY C 622 -6.76 -8.17 5.69
C GLY C 622 -7.99 -7.35 5.36
N GLN C 623 -9.14 -7.78 5.86
CA GLN C 623 -10.36 -7.00 5.73
C GLN C 623 -10.32 -5.87 6.76
N VAL C 624 -11.45 -5.18 6.97
CA VAL C 624 -11.59 -4.05 7.88
C VAL C 624 -10.59 -2.94 7.53
N SER C 625 -9.31 -3.29 7.38
CA SER C 625 -8.29 -2.35 6.90
C SER C 625 -8.21 -1.13 7.81
N LYS C 626 -7.78 -1.39 9.05
CA LYS C 626 -7.71 -0.41 10.12
C LYS C 626 -9.09 0.09 10.53
N GLU C 627 -10.11 -0.75 10.34
CA GLU C 627 -11.47 -0.49 10.79
C GLU C 627 -12.19 0.54 9.92
N SER C 628 -11.46 1.18 9.01
CA SER C 628 -12.08 2.11 8.06
C SER C 628 -12.79 3.25 8.77
N LYS C 629 -13.18 4.28 8.02
CA LYS C 629 -13.94 5.39 8.57
C LYS C 629 -15.42 5.32 8.22
N HIS C 630 -15.75 4.82 7.03
CA HIS C 630 -17.14 4.57 6.67
C HIS C 630 -17.84 3.71 7.73
N ILE C 631 -17.14 2.69 8.23
CA ILE C 631 -17.73 1.80 9.23
C ILE C 631 -18.16 2.61 10.45
N TRP C 632 -17.19 3.23 11.12
CA TRP C 632 -17.49 3.97 12.34
C TRP C 632 -18.58 5.01 12.10
N LYS C 633 -18.51 5.71 10.96
CA LYS C 633 -19.57 6.68 10.65
C LYS C 633 -20.92 6.00 10.59
N LEU C 634 -21.00 4.83 9.96
CA LEU C 634 -22.29 4.16 9.77
C LEU C 634 -22.86 3.69 11.11
N GLN C 635 -22.06 3.02 11.94
CA GLN C 635 -22.59 2.62 13.24
C GLN C 635 -22.91 3.83 14.12
N TRP C 636 -22.14 4.90 14.03
CA TRP C 636 -22.48 6.10 14.81
C TRP C 636 -23.83 6.64 14.40
N ALA C 637 -24.08 6.71 13.09
CA ALA C 637 -25.39 7.15 12.60
C ALA C 637 -26.49 6.20 13.04
N THR C 638 -26.22 4.90 13.00
CA THR C 638 -27.23 3.93 13.40
C THR C 638 -27.59 4.11 14.87
N THR C 639 -26.58 4.31 15.73
CA THR C 639 -26.85 4.54 17.14
C THR C 639 -27.67 5.81 17.33
N ILE C 640 -27.31 6.89 16.61
CA ILE C 640 -28.11 8.11 16.69
C ILE C 640 -29.57 7.81 16.38
N LEU C 641 -29.82 7.30 15.17
CA LEU C 641 -31.20 7.12 14.72
C LEU C 641 -31.97 6.15 15.61
N ASP C 642 -31.30 5.12 16.13
CA ASP C 642 -31.97 4.26 17.09
C ASP C 642 -32.36 5.04 18.33
N ILE C 643 -31.47 5.92 18.81
CA ILE C 643 -31.80 6.75 19.96
C ILE C 643 -33.05 7.57 19.69
N GLU C 644 -33.09 8.27 18.55
CA GLU C 644 -34.24 9.12 18.27
C GLU C 644 -35.52 8.29 18.10
N ARG C 645 -35.43 7.16 17.40
CA ARG C 645 -36.61 6.30 17.26
C ARG C 645 -37.02 5.70 18.60
N SER C 646 -36.14 5.74 19.60
CA SER C 646 -36.49 5.22 20.91
C SER C 646 -37.67 5.96 21.50
N PHE C 647 -37.61 7.29 21.54
CA PHE C 647 -38.63 8.12 22.14
C PHE C 647 -39.33 8.95 21.08
N PRO C 648 -40.51 9.51 21.38
CA PRO C 648 -41.21 10.33 20.38
C PRO C 648 -40.40 11.55 19.99
N VAL C 649 -39.95 11.59 18.73
CA VAL C 649 -39.08 12.67 18.28
C VAL C 649 -39.88 13.94 18.00
N PHE C 650 -41.15 13.81 17.62
CA PHE C 650 -41.97 14.96 17.26
C PHE C 650 -42.01 15.99 18.37
N LEU C 651 -41.58 15.63 19.58
CA LEU C 651 -41.48 16.59 20.66
C LEU C 651 -40.47 17.68 20.31
N ARG C 652 -40.30 18.63 21.24
CA ARG C 652 -39.48 19.80 20.98
C ARG C 652 -37.99 19.44 20.99
N LYS C 653 -37.60 18.51 20.13
CA LYS C 653 -36.21 18.08 20.02
C LYS C 653 -35.82 17.83 18.58
N ALA C 654 -36.44 18.55 17.64
CA ALA C 654 -36.28 18.28 16.22
C ALA C 654 -35.23 19.20 15.62
N PHE C 655 -35.05 19.06 14.30
CA PHE C 655 -34.07 19.87 13.58
C PHE C 655 -34.55 21.31 13.44
N ARG C 656 -33.60 22.22 13.26
CA ARG C 656 -33.88 23.64 13.30
C ARG C 656 -34.85 24.03 12.19
N SER C 657 -35.70 25.03 12.47
CA SER C 657 -36.64 25.55 11.51
C SER C 657 -36.06 26.79 10.84
N GLY C 658 -36.85 27.47 10.04
CA GLY C 658 -36.37 28.59 9.26
C GLY C 658 -37.45 29.59 8.87
N GLU C 659 -37.32 30.14 7.66
CA GLU C 659 -38.17 31.25 7.24
C GLU C 659 -39.63 30.82 7.18
N MET C 660 -40.52 31.78 7.44
CA MET C 660 -41.94 31.46 7.55
C MET C 660 -42.61 31.30 6.18
N VAL C 661 -42.61 32.37 5.38
CA VAL C 661 -43.39 32.42 4.15
C VAL C 661 -42.52 33.00 3.04
N THR C 662 -43.02 32.90 1.81
CA THR C 662 -42.31 33.35 0.62
C THR C 662 -41.15 32.41 0.34
N VAL C 663 -40.10 32.48 1.15
CA VAL C 663 -39.02 31.50 1.04
C VAL C 663 -39.53 30.12 1.46
N GLY C 664 -40.34 30.07 2.52
CA GLY C 664 -40.90 28.81 3.00
C GLY C 664 -42.36 28.67 2.63
N ARG C 673 -43.49 26.30 6.93
CA ARG C 673 -42.33 27.08 7.33
C ARG C 673 -41.06 26.54 6.68
N ARG C 674 -41.14 25.38 6.05
CA ARG C 674 -40.02 24.79 5.34
C ARG C 674 -38.79 24.70 6.25
N TRP C 675 -38.91 23.88 7.28
CA TRP C 675 -37.83 23.70 8.25
C TRP C 675 -36.51 23.52 7.52
N CYS C 676 -35.53 24.35 7.88
CA CYS C 676 -34.26 24.39 7.19
C CYS C 676 -33.12 24.12 8.16
N PHE C 677 -32.04 23.56 7.64
CA PHE C 677 -30.82 23.30 8.39
C PHE C 677 -29.70 24.16 7.84
N ARG C 678 -29.12 24.99 8.69
CA ARG C 678 -28.14 25.99 8.29
C ARG C 678 -26.74 25.44 8.48
N VAL C 679 -25.98 25.37 7.39
CA VAL C 679 -24.58 24.93 7.42
C VAL C 679 -23.72 26.10 6.98
N ASP C 680 -22.69 26.40 7.76
CA ASP C 680 -21.78 27.52 7.49
C ASP C 680 -20.49 26.97 6.89
N GLU C 681 -20.19 27.41 5.66
CA GLU C 681 -18.96 27.04 4.97
C GLU C 681 -18.22 28.31 4.58
N VAL C 682 -16.90 28.29 4.76
CA VAL C 682 -16.06 29.44 4.49
C VAL C 682 -15.32 29.21 3.18
N ASN C 683 -15.42 30.18 2.27
CA ASN C 683 -14.77 30.11 0.98
C ASN C 683 -14.06 31.44 0.72
N TRP C 684 -13.00 31.38 -0.09
CA TRP C 684 -12.16 32.53 -0.39
C TRP C 684 -12.36 32.99 -1.84
N SER C 685 -13.59 32.94 -2.32
CA SER C 685 -13.92 33.40 -3.66
C SER C 685 -13.82 34.93 -3.73
N VAL D 47 -39.20 59.97 10.04
CA VAL D 47 -40.32 60.65 9.32
C VAL D 47 -41.64 60.20 9.94
N PHE D 48 -42.07 58.99 9.59
CA PHE D 48 -43.28 58.39 10.13
C PHE D 48 -43.01 57.12 10.91
N ASN D 49 -42.14 56.25 10.42
CA ASN D 49 -41.80 55.02 11.13
C ASN D 49 -40.55 54.43 10.50
N ARG D 50 -39.77 53.72 11.32
CA ARG D 50 -38.52 53.14 10.85
C ARG D 50 -38.71 52.17 9.70
N PRO D 51 -39.70 51.28 9.70
CA PRO D 51 -39.80 50.30 8.60
C PRO D 51 -39.88 50.94 7.22
N ILE D 52 -40.60 52.06 7.07
CA ILE D 52 -40.67 52.69 5.75
C ILE D 52 -39.32 53.25 5.36
N LEU D 53 -38.57 53.81 6.32
CA LEU D 53 -37.22 54.27 6.00
C LEU D 53 -36.35 53.13 5.52
N PHE D 54 -36.39 51.99 6.22
CA PHE D 54 -35.59 50.85 5.82
C PHE D 54 -35.98 50.34 4.45
N ASP D 55 -37.29 50.26 4.18
CA ASP D 55 -37.75 49.81 2.88
C ASP D 55 -37.29 50.78 1.78
N ILE D 56 -37.36 52.08 2.04
CA ILE D 56 -36.98 53.07 1.05
C ILE D 56 -35.49 52.95 0.73
N VAL D 57 -34.66 52.82 1.78
CA VAL D 57 -33.23 52.74 1.55
C VAL D 57 -32.88 51.44 0.82
N SER D 58 -33.56 50.34 1.17
CA SER D 58 -33.32 49.09 0.46
C SER D 58 -33.71 49.21 -1.01
N ARG D 59 -34.84 49.86 -1.29
CA ARG D 59 -35.23 50.08 -2.68
C ARG D 59 -34.34 51.10 -3.37
N GLY D 60 -33.73 51.99 -2.61
CA GLY D 60 -32.85 53.00 -3.19
C GLY D 60 -33.56 54.21 -3.75
N SER D 61 -34.85 54.38 -3.46
CA SER D 61 -35.58 55.54 -3.97
C SER D 61 -35.08 56.81 -3.28
N THR D 62 -34.85 57.85 -4.08
CA THR D 62 -34.36 59.12 -3.57
C THR D 62 -35.40 60.23 -3.60
N ALA D 63 -36.35 60.19 -4.54
CA ALA D 63 -37.36 61.24 -4.63
C ALA D 63 -38.19 61.32 -3.36
N ASP D 64 -38.59 60.16 -2.82
CA ASP D 64 -39.38 60.16 -1.60
C ASP D 64 -38.60 60.75 -0.43
N LEU D 65 -37.31 60.44 -0.33
CA LEU D 65 -36.51 60.98 0.76
C LEU D 65 -36.45 62.50 0.72
N ASP D 66 -36.56 63.09 -0.48
CA ASP D 66 -36.52 64.54 -0.60
C ASP D 66 -37.66 65.17 0.18
N GLY D 67 -37.34 66.25 0.90
CA GLY D 67 -38.34 66.95 1.70
C GLY D 67 -38.47 66.38 3.10
N LEU D 68 -38.27 65.07 3.24
CA LEU D 68 -38.37 64.45 4.56
C LEU D 68 -37.34 65.00 5.51
N LEU D 69 -36.17 65.38 4.99
CA LEU D 69 -35.16 66.02 5.83
C LEU D 69 -35.67 67.33 6.42
N SER D 70 -36.40 68.11 5.63
CA SER D 70 -37.00 69.33 6.14
C SER D 70 -38.01 69.02 7.23
N PHE D 71 -38.80 67.97 7.06
CA PHE D 71 -39.74 67.57 8.09
C PHE D 71 -39.01 67.19 9.38
N LEU D 72 -37.92 66.43 9.26
CA LEU D 72 -37.15 66.07 10.45
C LEU D 72 -36.60 67.32 11.13
N LEU D 73 -36.06 68.26 10.36
CA LEU D 73 -35.52 69.47 10.96
C LEU D 73 -36.59 70.28 11.66
N THR D 74 -37.77 70.40 11.02
CA THR D 74 -38.88 71.14 11.64
C THR D 74 -39.51 70.38 12.79
N HIS D 75 -39.39 69.06 12.80
CA HIS D 75 -39.98 68.23 13.85
C HIS D 75 -39.04 68.00 15.03
N LYS D 76 -37.86 68.64 15.02
CA LYS D 76 -36.89 68.49 16.10
C LYS D 76 -36.48 67.03 16.27
N LYS D 77 -36.05 66.42 15.16
CA LYS D 77 -35.62 65.04 15.14
C LYS D 77 -34.19 64.95 14.62
N ARG D 78 -33.45 63.97 15.12
CA ARG D 78 -32.09 63.71 14.73
C ARG D 78 -32.01 62.40 13.96
N LEU D 79 -31.17 62.37 12.93
CA LEU D 79 -31.01 61.15 12.15
C LEU D 79 -30.44 60.01 12.97
N THR D 80 -29.87 60.30 14.15
CA THR D 80 -29.35 59.30 15.05
C THR D 80 -30.31 58.97 16.20
N ASP D 81 -31.53 59.48 16.15
CA ASP D 81 -32.47 59.24 17.22
C ASP D 81 -32.82 57.76 17.31
N GLU D 82 -33.21 57.32 18.51
CA GLU D 82 -33.45 55.90 18.74
C GLU D 82 -34.53 55.36 17.83
N GLU D 83 -35.63 56.10 17.67
CA GLU D 83 -36.74 55.61 16.88
C GLU D 83 -36.36 55.38 15.42
N PHE D 84 -35.30 56.03 14.94
CA PHE D 84 -34.78 55.77 13.59
C PHE D 84 -33.92 54.51 13.53
N ARG D 85 -33.52 53.95 14.67
CA ARG D 85 -32.63 52.81 14.72
C ARG D 85 -33.33 51.65 15.41
N GLU D 86 -33.16 50.44 14.86
CA GLU D 86 -33.79 49.27 15.44
C GLU D 86 -33.30 49.09 16.87
N PRO D 87 -34.20 48.92 17.85
CA PRO D 87 -33.74 48.88 19.25
C PRO D 87 -32.90 47.67 19.59
N SER D 88 -32.97 46.59 18.81
CA SER D 88 -32.23 45.36 19.12
C SER D 88 -30.82 45.41 18.54
N THR D 89 -30.71 45.55 17.22
CA THR D 89 -29.42 45.59 16.56
C THR D 89 -28.85 47.00 16.43
N GLY D 90 -29.63 48.03 16.77
CA GLY D 90 -29.16 49.39 16.64
C GLY D 90 -28.88 49.79 15.20
N LYS D 91 -29.38 48.99 14.26
CA LYS D 91 -29.14 49.27 12.85
C LYS D 91 -29.69 50.63 12.47
N THR D 92 -28.90 51.40 11.72
CA THR D 92 -29.31 52.68 11.16
C THR D 92 -29.51 52.52 9.66
N CYS D 93 -30.16 53.52 9.07
CA CYS D 93 -30.44 53.46 7.62
C CYS D 93 -29.16 53.31 6.82
N LEU D 94 -28.09 54.00 7.22
CA LEU D 94 -26.85 53.96 6.45
C LEU D 94 -26.27 52.55 6.38
N PRO D 95 -26.06 51.83 7.48
CA PRO D 95 -25.57 50.45 7.36
C PRO D 95 -26.51 49.56 6.58
N LYS D 96 -27.83 49.77 6.68
CA LYS D 96 -28.77 48.99 5.90
C LYS D 96 -28.53 49.19 4.41
N ALA D 97 -28.33 50.44 3.99
CA ALA D 97 -28.00 50.69 2.59
C ALA D 97 -26.66 50.08 2.22
N LEU D 98 -25.67 50.18 3.12
CA LEU D 98 -24.34 49.67 2.85
C LEU D 98 -24.31 48.15 2.76
N LEU D 99 -25.32 47.46 3.28
CA LEU D 99 -25.43 46.02 3.16
C LEU D 99 -26.47 45.60 2.14
N ASN D 100 -27.04 46.55 1.40
CA ASN D 100 -27.99 46.28 0.33
C ASN D 100 -27.50 46.82 -1.01
N LEU D 101 -26.19 46.72 -1.24
CA LEU D 101 -25.58 47.27 -2.45
C LEU D 101 -26.24 46.70 -3.69
N SER D 102 -26.70 47.59 -4.57
CA SER D 102 -27.24 47.19 -5.88
C SER D 102 -26.09 47.20 -6.87
N ASN D 103 -25.26 46.16 -6.77
CA ASN D 103 -24.01 46.08 -7.53
C ASN D 103 -23.10 47.27 -7.22
N GLY D 104 -23.14 47.72 -5.97
CA GLY D 104 -22.33 48.84 -5.55
C GLY D 104 -22.70 50.15 -6.20
N ARG D 105 -24.01 50.41 -6.37
CA ARG D 105 -24.47 51.65 -7.00
C ARG D 105 -25.69 52.22 -6.29
N ASN D 106 -25.80 52.00 -4.98
CA ASN D 106 -26.86 52.60 -4.18
C ASN D 106 -26.43 54.02 -3.82
N ASP D 107 -26.81 54.97 -4.66
CA ASP D 107 -26.41 56.37 -4.50
C ASP D 107 -27.25 57.13 -3.50
N THR D 108 -28.05 56.43 -2.68
CA THR D 108 -28.84 57.11 -1.66
C THR D 108 -28.01 57.52 -0.45
N ILE D 109 -26.98 56.73 -0.11
CA ILE D 109 -26.23 56.98 1.12
C ILE D 109 -25.64 58.38 1.16
N PRO D 110 -25.11 58.96 0.07
CA PRO D 110 -24.64 60.35 0.19
C PRO D 110 -25.72 61.31 0.65
N VAL D 111 -26.96 61.10 0.19
CA VAL D 111 -28.06 61.95 0.66
C VAL D 111 -28.29 61.74 2.15
N LEU D 112 -28.18 60.50 2.62
CA LEU D 112 -28.33 60.24 4.05
C LEU D 112 -27.26 60.95 4.85
N LEU D 113 -26.01 60.93 4.38
CA LEU D 113 -24.95 61.65 5.07
C LEU D 113 -25.20 63.16 5.05
N ASP D 114 -25.69 63.67 3.92
CA ASP D 114 -26.06 65.09 3.83
C ASP D 114 -27.08 65.45 4.89
N ILE D 115 -28.13 64.64 5.01
CA ILE D 115 -29.11 64.86 6.08
C ILE D 115 -28.44 64.76 7.44
N ALA D 116 -27.47 63.84 7.56
CA ALA D 116 -26.82 63.62 8.85
C ALA D 116 -26.13 64.89 9.35
N GLU D 117 -25.31 65.52 8.51
CA GLU D 117 -24.67 66.74 9.01
C GLU D 117 -25.66 67.90 9.04
N ARG D 118 -26.66 67.88 8.18
CA ARG D 118 -27.70 68.90 8.27
C ARG D 118 -28.45 68.81 9.60
N THR D 119 -28.74 67.59 10.06
CA THR D 119 -29.41 67.42 11.34
C THR D 119 -28.54 67.88 12.51
N GLY D 120 -27.24 68.08 12.28
CA GLY D 120 -26.31 68.52 13.30
C GLY D 120 -25.49 67.39 13.90
N ASN D 121 -25.90 66.14 13.71
CA ASN D 121 -25.18 64.98 14.22
C ASN D 121 -24.77 64.14 13.02
N MET D 122 -23.46 64.13 12.72
CA MET D 122 -22.92 63.32 11.63
C MET D 122 -21.88 62.33 12.12
N ARG D 123 -20.93 62.77 12.93
CA ARG D 123 -19.85 61.87 13.36
C ARG D 123 -20.42 60.65 14.09
N GLU D 124 -21.37 60.87 15.01
CA GLU D 124 -21.99 59.76 15.69
C GLU D 124 -22.90 58.97 14.75
N PHE D 125 -23.46 59.62 13.72
CA PHE D 125 -24.27 58.91 12.76
C PHE D 125 -23.42 57.89 11.99
N ILE D 126 -22.24 58.30 11.55
CA ILE D 126 -21.32 57.35 10.91
C ILE D 126 -20.90 56.28 11.90
N ASN D 127 -20.57 56.70 13.13
CA ASN D 127 -20.19 55.76 14.20
C ASN D 127 -21.47 55.26 14.86
N SER D 128 -22.09 54.27 14.23
CA SER D 128 -23.35 53.71 14.70
C SER D 128 -23.12 52.31 15.25
N PRO D 129 -22.58 52.19 16.47
CA PRO D 129 -22.30 50.86 17.01
C PRO D 129 -23.58 50.04 17.18
N PHE D 130 -23.46 48.74 16.92
CA PHE D 130 -24.55 47.82 17.18
C PHE D 130 -24.52 47.39 18.63
N ARG D 131 -25.64 47.54 19.33
CA ARG D 131 -25.71 47.21 20.75
C ARG D 131 -26.05 45.75 21.02
N ASP D 132 -26.42 44.99 19.99
CA ASP D 132 -26.78 43.60 20.20
C ASP D 132 -25.56 42.80 20.66
N ILE D 133 -25.79 41.53 20.97
CA ILE D 133 -24.73 40.63 21.39
C ILE D 133 -24.20 39.81 20.21
N TYR D 134 -25.07 39.40 19.30
CA TYR D 134 -24.62 38.66 18.13
C TYR D 134 -23.59 39.47 17.36
N TYR D 135 -23.87 40.75 17.13
CA TYR D 135 -22.93 41.69 16.55
C TYR D 135 -22.53 42.73 17.58
N ARG D 136 -21.67 43.65 17.17
CA ARG D 136 -21.23 44.76 18.00
C ARG D 136 -20.35 45.64 17.13
N GLY D 137 -20.09 46.86 17.60
CA GLY D 137 -19.31 47.79 16.80
C GLY D 137 -19.92 47.90 15.42
N GLN D 138 -19.23 47.33 14.42
CA GLN D 138 -19.80 47.17 13.09
C GLN D 138 -20.28 48.51 12.53
N THR D 139 -19.44 49.53 12.69
CA THR D 139 -19.76 50.85 12.16
C THR D 139 -19.84 50.78 10.65
N SER D 140 -20.23 51.89 10.01
CA SER D 140 -20.37 51.88 8.56
C SER D 140 -19.09 51.42 7.86
N LEU D 141 -17.93 51.70 8.46
CA LEU D 141 -16.68 51.37 7.81
C LEU D 141 -16.52 49.86 7.63
N HIS D 142 -16.86 49.08 8.67
CA HIS D 142 -16.75 47.64 8.55
C HIS D 142 -17.66 47.12 7.44
N ILE D 143 -18.89 47.63 7.37
CA ILE D 143 -19.82 47.18 6.34
C ILE D 143 -19.27 47.51 4.95
N ALA D 144 -18.84 48.76 4.76
CA ALA D 144 -18.38 49.18 3.44
C ALA D 144 -17.13 48.41 3.02
N ILE D 145 -16.16 48.27 3.93
CA ILE D 145 -14.94 47.54 3.62
C ILE D 145 -15.24 46.09 3.30
N GLU D 146 -16.12 45.48 4.08
CA GLU D 146 -16.44 44.07 3.89
C GLU D 146 -17.14 43.82 2.57
N ARG D 147 -17.89 44.79 2.07
CA ARG D 147 -18.68 44.61 0.86
C ARG D 147 -17.84 44.59 -0.41
N ARG D 148 -16.51 44.55 -0.30
CA ARG D 148 -15.64 44.54 -1.48
C ARG D 148 -15.96 45.70 -2.41
N CYS D 149 -16.17 46.88 -1.81
CA CYS D 149 -16.53 48.08 -2.55
C CYS D 149 -15.85 49.27 -1.88
N LYS D 150 -14.86 49.85 -2.55
CA LYS D 150 -14.18 51.05 -2.06
C LYS D 150 -14.86 52.34 -2.48
N HIS D 151 -15.86 52.26 -3.36
CA HIS D 151 -16.50 53.47 -3.86
C HIS D 151 -17.14 54.26 -2.73
N TYR D 152 -17.86 53.57 -1.84
CA TYR D 152 -18.48 54.23 -0.71
C TYR D 152 -17.51 54.42 0.45
N VAL D 153 -16.47 53.59 0.54
CA VAL D 153 -15.50 53.70 1.63
C VAL D 153 -14.79 55.04 1.58
N GLU D 154 -14.43 55.49 0.38
CA GLU D 154 -13.71 56.75 0.25
C GLU D 154 -14.51 57.90 0.82
N LEU D 155 -15.77 58.04 0.41
CA LEU D 155 -16.58 59.14 0.92
C LEU D 155 -16.94 58.94 2.38
N LEU D 156 -17.10 57.69 2.84
CA LEU D 156 -17.41 57.47 4.24
C LEU D 156 -16.27 57.92 5.13
N VAL D 157 -15.03 57.59 4.77
CA VAL D 157 -13.89 58.05 5.55
C VAL D 157 -13.70 59.55 5.41
N ALA D 158 -13.82 60.07 4.18
CA ALA D 158 -13.54 61.48 3.95
C ALA D 158 -14.47 62.37 4.77
N GLN D 159 -15.76 62.05 4.81
CA GLN D 159 -16.67 62.81 5.66
C GLN D 159 -16.28 62.73 7.13
N GLY D 160 -15.54 61.70 7.52
CA GLY D 160 -15.15 61.52 8.90
C GLY D 160 -15.79 60.29 9.52
N ALA D 161 -15.03 59.21 9.60
CA ALA D 161 -15.50 57.96 10.17
C ALA D 161 -14.39 57.34 11.01
N ASP D 162 -14.74 56.86 12.20
CA ASP D 162 -13.76 56.28 13.10
C ASP D 162 -13.14 55.04 12.48
N VAL D 163 -11.84 55.11 12.17
CA VAL D 163 -11.13 53.99 11.56
C VAL D 163 -10.55 53.10 12.65
N HIS D 164 -10.97 53.32 13.90
CA HIS D 164 -10.55 52.51 15.03
C HIS D 164 -11.75 51.90 15.74
N ALA D 165 -12.83 51.67 15.01
CA ALA D 165 -14.02 51.07 15.60
C ALA D 165 -13.76 49.60 15.93
N GLN D 166 -14.01 49.23 17.18
CA GLN D 166 -13.74 47.87 17.64
C GLN D 166 -14.98 47.01 17.40
N ALA D 167 -14.86 46.03 16.51
CA ALA D 167 -15.94 45.08 16.25
C ALA D 167 -15.92 43.98 17.31
N ARG D 168 -16.23 44.37 18.54
CA ARG D 168 -16.15 43.50 19.70
C ARG D 168 -17.50 42.81 19.93
N GLY D 169 -17.82 41.87 19.05
CA GLY D 169 -19.05 41.13 19.14
C GLY D 169 -18.81 39.64 19.13
N ARG D 170 -19.83 38.89 19.56
CA ARG D 170 -19.71 37.44 19.61
C ARG D 170 -19.49 36.85 18.22
N PHE D 171 -20.22 37.37 17.23
CA PHE D 171 -20.09 36.85 15.87
C PHE D 171 -18.69 37.06 15.30
N PHE D 172 -17.94 38.02 15.83
CA PHE D 172 -16.62 38.33 15.31
C PHE D 172 -15.50 37.56 16.00
N GLN D 173 -15.80 36.85 17.08
CA GLN D 173 -14.78 36.08 17.78
C GLN D 173 -14.38 34.87 16.94
N PRO D 174 -13.22 34.27 17.23
CA PRO D 174 -12.81 33.08 16.49
C PRO D 174 -13.87 32.00 16.55
N LYS D 175 -13.74 31.02 15.65
CA LYS D 175 -14.72 29.94 15.59
C LYS D 175 -14.81 29.21 16.91
N ASP D 176 -13.70 29.11 17.66
CA ASP D 176 -13.71 28.35 18.90
C ASP D 176 -14.42 29.11 20.01
N GLU D 177 -14.20 30.42 20.11
CA GLU D 177 -14.73 31.20 21.23
C GLU D 177 -16.18 31.59 21.05
N GLY D 178 -16.90 30.97 20.12
CA GLY D 178 -18.31 31.23 19.93
C GLY D 178 -18.66 32.14 18.77
N GLY D 179 -17.67 32.60 18.00
CA GLY D 179 -17.90 33.43 16.85
C GLY D 179 -17.79 32.65 15.55
N TYR D 180 -17.90 33.38 14.45
CA TYR D 180 -17.85 32.78 13.11
C TYR D 180 -16.74 33.34 12.24
N PHE D 181 -16.28 34.57 12.47
CA PHE D 181 -15.25 35.19 11.65
C PHE D 181 -14.45 36.14 12.50
N TYR D 182 -13.15 35.86 12.66
CA TYR D 182 -12.23 36.70 13.39
C TYR D 182 -11.24 37.31 12.43
N PHE D 183 -11.12 38.64 12.45
CA PHE D 183 -10.28 39.36 11.51
C PHE D 183 -9.39 40.41 12.15
N GLY D 184 -9.53 40.69 13.45
CA GLY D 184 -8.74 41.71 14.12
C GLY D 184 -9.56 42.84 14.71
N GLU D 185 -10.87 42.84 14.54
CA GLU D 185 -11.74 43.85 15.14
C GLU D 185 -11.25 45.27 14.84
N LEU D 186 -10.90 45.50 13.58
CA LEU D 186 -10.47 46.82 13.15
C LEU D 186 -10.70 46.94 11.65
N PRO D 187 -11.11 48.11 11.15
CA PRO D 187 -11.38 48.21 9.70
C PRO D 187 -10.17 47.89 8.84
N LEU D 188 -8.97 48.29 9.27
CA LEU D 188 -7.78 48.01 8.48
C LEU D 188 -7.48 46.52 8.45
N SER D 189 -7.53 45.87 9.62
CA SER D 189 -7.35 44.43 9.66
C SER D 189 -8.48 43.72 8.94
N LEU D 190 -9.67 44.31 8.91
CA LEU D 190 -10.77 43.73 8.13
C LEU D 190 -10.46 43.78 6.64
N ALA D 191 -9.97 44.91 6.15
CA ALA D 191 -9.61 45.02 4.74
C ALA D 191 -8.50 44.06 4.38
N ALA D 192 -7.49 43.94 5.25
CA ALA D 192 -6.37 43.05 4.97
C ALA D 192 -6.82 41.59 4.99
N CYS D 193 -7.56 41.20 6.02
CA CYS D 193 -8.00 39.82 6.15
C CYS D 193 -8.97 39.45 5.04
N THR D 194 -9.95 40.31 4.77
CA THR D 194 -10.99 40.04 3.78
C THR D 194 -10.54 40.35 2.36
N ASN D 195 -9.24 40.45 2.12
CA ASN D 195 -8.69 40.61 0.78
C ASN D 195 -9.22 41.87 0.09
N GLN D 196 -8.86 43.01 0.67
CA GLN D 196 -9.12 44.32 0.08
C GLN D 196 -7.86 45.16 0.13
N PRO D 197 -6.81 44.74 -0.59
CA PRO D 197 -5.55 45.50 -0.54
C PRO D 197 -5.70 46.95 -0.93
N HIS D 198 -6.57 47.25 -1.90
CA HIS D 198 -6.79 48.64 -2.28
C HIS D 198 -7.39 49.42 -1.13
N ILE D 199 -8.30 48.81 -0.38
CA ILE D 199 -8.86 49.48 0.80
C ILE D 199 -7.75 49.77 1.81
N VAL D 200 -6.82 48.81 1.99
CA VAL D 200 -5.71 49.02 2.91
C VAL D 200 -4.87 50.20 2.46
N ASN D 201 -4.54 50.24 1.16
CA ASN D 201 -3.72 51.32 0.64
C ASN D 201 -4.41 52.67 0.82
N TYR D 202 -5.72 52.72 0.61
CA TYR D 202 -6.41 54.00 0.76
C TYR D 202 -6.50 54.40 2.23
N LEU D 203 -6.81 53.44 3.11
CA LEU D 203 -7.00 53.75 4.52
C LEU D 203 -5.70 54.17 5.19
N THR D 204 -4.59 53.52 4.84
CA THR D 204 -3.30 53.81 5.44
C THR D 204 -2.61 55.03 4.85
N GLU D 205 -3.08 55.53 3.71
CA GLU D 205 -2.49 56.70 3.07
C GLU D 205 -3.56 57.65 2.55
N ASN D 206 -4.66 57.80 3.29
CA ASN D 206 -5.68 58.78 2.91
C ASN D 206 -5.33 60.15 3.48
N PRO D 207 -5.75 61.23 2.83
CA PRO D 207 -5.56 62.56 3.42
C PRO D 207 -6.25 62.70 4.77
N HIS D 208 -7.36 62.00 4.97
CA HIS D 208 -8.09 62.06 6.23
C HIS D 208 -7.44 61.11 7.24
N LYS D 209 -8.14 60.81 8.33
CA LYS D 209 -7.59 59.97 9.38
C LYS D 209 -7.08 58.66 8.80
N LYS D 210 -5.96 58.19 9.35
CA LYS D 210 -5.35 56.93 8.96
C LYS D 210 -5.36 55.97 10.15
N ALA D 211 -5.51 54.69 9.85
CA ALA D 211 -5.53 53.65 10.88
C ALA D 211 -4.10 53.19 11.13
N ASP D 212 -3.55 53.55 12.28
CA ASP D 212 -2.20 53.14 12.63
C ASP D 212 -2.13 51.63 12.74
N MET D 213 -1.14 51.04 12.08
CA MET D 213 -1.02 49.58 12.05
C MET D 213 -0.74 49.03 13.45
N ARG D 214 0.11 49.72 14.22
CA ARG D 214 0.49 49.21 15.53
C ARG D 214 -0.70 49.08 16.47
N ARG D 215 -1.79 49.81 16.21
CA ARG D 215 -2.97 49.69 17.05
C ARG D 215 -3.46 48.25 17.06
N GLN D 216 -3.83 47.77 18.25
CA GLN D 216 -4.24 46.40 18.45
C GLN D 216 -5.60 46.35 19.12
N ASP D 217 -6.38 45.32 18.78
CA ASP D 217 -7.73 45.18 19.29
C ASP D 217 -7.69 44.72 20.75
N SER D 218 -8.86 44.36 21.30
CA SER D 218 -8.92 43.94 22.69
C SER D 218 -7.99 42.76 22.95
N ARG D 219 -7.90 41.84 22.01
CA ARG D 219 -7.00 40.70 22.15
C ARG D 219 -5.54 41.10 22.00
N GLY D 220 -5.26 42.34 21.58
CA GLY D 220 -3.89 42.76 21.39
C GLY D 220 -3.23 42.20 20.16
N ASN D 221 -3.99 42.00 19.08
CA ASN D 221 -3.46 41.28 17.92
C ASN D 221 -2.57 42.16 17.05
N THR D 222 -3.12 43.26 16.54
CA THR D 222 -2.50 44.00 15.44
C THR D 222 -2.80 43.27 14.14
N VAL D 223 -2.64 43.96 13.01
CA VAL D 223 -3.07 43.41 11.72
C VAL D 223 -2.33 42.12 11.43
N LEU D 224 -1.04 42.05 11.75
CA LEU D 224 -0.26 40.87 11.40
C LEU D 224 -0.76 39.62 12.12
N HIS D 225 -1.07 39.74 13.41
CA HIS D 225 -1.56 38.59 14.15
C HIS D 225 -2.84 38.06 13.53
N ALA D 226 -3.81 38.94 13.27
CA ALA D 226 -5.07 38.49 12.69
C ALA D 226 -4.86 37.89 11.31
N LEU D 227 -4.05 38.55 10.48
CA LEU D 227 -3.77 38.04 9.13
C LEU D 227 -3.12 36.67 9.20
N VAL D 228 -2.37 36.40 10.28
CA VAL D 228 -1.88 35.04 10.51
C VAL D 228 -3.03 34.13 10.92
N ALA D 229 -3.97 34.66 11.72
CA ALA D 229 -5.04 33.82 12.25
C ALA D 229 -5.89 33.24 11.13
N ILE D 230 -6.35 34.08 10.20
CA ILE D 230 -7.21 33.60 9.12
C ILE D 230 -6.47 32.61 8.22
N ALA D 231 -5.15 32.63 8.24
CA ALA D 231 -4.38 31.79 7.33
C ALA D 231 -4.70 30.32 7.56
N ASP D 232 -4.67 29.55 6.47
CA ASP D 232 -4.85 28.11 6.52
C ASP D 232 -3.66 27.43 5.86
N ASN D 233 -3.76 26.13 5.63
CA ASN D 233 -2.70 25.38 4.97
C ASN D 233 -2.95 25.18 3.48
N THR D 234 -3.90 25.91 2.91
CA THR D 234 -4.22 25.78 1.49
C THR D 234 -3.16 26.51 0.66
N ARG D 235 -3.37 26.59 -0.66
CA ARG D 235 -2.41 27.23 -1.55
C ARG D 235 -2.74 28.70 -1.78
N GLU D 236 -3.92 28.98 -2.33
CA GLU D 236 -4.28 30.36 -2.65
C GLU D 236 -4.34 31.21 -1.40
N ASN D 237 -4.94 30.70 -0.32
CA ASN D 237 -5.05 31.47 0.90
C ASN D 237 -3.68 31.75 1.49
N THR D 238 -2.80 30.74 1.52
CA THR D 238 -1.47 30.95 2.06
C THR D 238 -0.69 31.96 1.24
N LYS D 239 -0.76 31.84 -0.09
CA LYS D 239 -0.04 32.78 -0.95
C LYS D 239 -0.54 34.21 -0.74
N PHE D 240 -1.86 34.39 -0.71
CA PHE D 240 -2.40 35.73 -0.52
C PHE D 240 -2.02 36.28 0.84
N VAL D 241 -2.08 35.43 1.88
CA VAL D 241 -1.78 35.90 3.23
C VAL D 241 -0.31 36.32 3.33
N THR D 242 0.59 35.54 2.75
CA THR D 242 2.00 35.92 2.80
C THR D 242 2.23 37.20 2.00
N LYS D 243 1.57 37.36 0.85
CA LYS D 243 1.73 38.59 0.08
C LYS D 243 1.28 39.80 0.89
N MET D 244 0.09 39.72 1.49
CA MET D 244 -0.39 40.84 2.29
C MET D 244 0.47 41.06 3.52
N TYR D 245 1.00 39.99 4.10
CA TYR D 245 1.89 40.11 5.24
C TYR D 245 3.13 40.92 4.87
N ASP D 246 3.76 40.56 3.75
CA ASP D 246 4.92 41.31 3.28
C ASP D 246 4.56 42.76 3.01
N LEU D 247 3.45 42.98 2.32
CA LEU D 247 3.03 44.34 1.99
C LEU D 247 2.88 45.17 3.27
N LEU D 248 2.13 44.64 4.23
CA LEU D 248 1.84 45.40 5.45
C LEU D 248 3.11 45.65 6.26
N LEU D 249 3.97 44.63 6.37
CA LEU D 249 5.20 44.80 7.13
C LEU D 249 6.09 45.85 6.48
N LEU D 250 6.22 45.81 5.15
CA LEU D 250 7.02 46.81 4.45
C LEU D 250 6.44 48.21 4.65
N LYS D 251 5.12 48.34 4.55
CA LYS D 251 4.51 49.66 4.72
C LYS D 251 4.75 50.20 6.11
N CYS D 252 4.58 49.36 7.14
CA CYS D 252 4.81 49.82 8.51
C CYS D 252 6.27 50.18 8.71
N SER D 253 7.19 49.37 8.18
CA SER D 253 8.60 49.69 8.32
C SER D 253 8.93 51.03 7.67
N ARG D 254 8.40 51.27 6.47
CA ARG D 254 8.64 52.56 5.82
C ARG D 254 8.07 53.71 6.65
N LEU D 255 6.86 53.53 7.20
CA LEU D 255 6.28 54.57 8.02
C LEU D 255 7.02 54.73 9.34
N PHE D 256 7.55 53.65 9.89
CA PHE D 256 8.29 53.68 11.15
C PHE D 256 9.42 52.67 11.10
N PRO D 257 10.60 53.08 10.61
CA PRO D 257 11.73 52.14 10.57
C PRO D 257 12.32 51.82 11.94
N ASP D 258 11.88 52.51 13.00
CA ASP D 258 12.46 52.26 14.32
C ASP D 258 12.23 50.83 14.77
N SER D 259 11.02 50.31 14.58
CA SER D 259 10.69 48.95 15.00
C SER D 259 9.70 48.34 14.02
N ASN D 260 10.01 47.15 13.54
CA ASN D 260 9.08 46.45 12.66
C ASN D 260 7.83 46.03 13.43
N LEU D 261 6.72 45.97 12.70
CA LEU D 261 5.43 45.69 13.35
C LEU D 261 5.38 44.31 13.97
N GLU D 262 6.20 43.37 13.48
CA GLU D 262 6.14 42.00 13.97
C GLU D 262 6.48 41.91 15.46
N THR D 263 7.20 42.89 16.01
CA THR D 263 7.61 42.80 17.40
C THR D 263 6.43 42.83 18.36
N VAL D 264 5.40 43.64 18.04
CA VAL D 264 4.30 43.85 18.97
C VAL D 264 3.71 42.51 19.39
N LEU D 265 3.65 42.29 20.70
CA LEU D 265 3.16 41.05 21.28
C LEU D 265 1.70 41.20 21.71
N ASN D 266 0.95 40.11 21.61
CA ASN D 266 -0.45 40.11 21.98
C ASN D 266 -0.61 39.89 23.48
N ASN D 267 -1.86 39.89 23.95
CA ASN D 267 -2.12 39.66 25.37
C ASN D 267 -1.54 38.33 25.83
N ASP D 268 -1.60 37.31 24.98
CA ASP D 268 -0.98 36.03 25.28
C ASP D 268 0.52 36.04 25.05
N GLY D 269 1.07 37.10 24.46
CA GLY D 269 2.49 37.23 24.27
C GLY D 269 3.07 36.23 23.29
N LEU D 270 2.68 36.35 22.01
CA LEU D 270 3.16 35.44 20.98
C LEU D 270 3.91 36.16 19.87
N SER D 271 3.35 37.23 19.32
CA SER D 271 3.91 37.87 18.13
C SER D 271 3.67 36.98 16.93
N PRO D 272 3.58 37.55 15.72
CA PRO D 272 3.05 36.77 14.58
C PRO D 272 3.76 35.45 14.34
N LEU D 273 5.09 35.39 14.46
CA LEU D 273 5.80 34.16 14.16
C LEU D 273 5.40 33.05 15.13
N MET D 274 5.47 33.34 16.44
CA MET D 274 5.12 32.32 17.42
C MET D 274 3.65 31.97 17.36
N MET D 275 2.78 32.94 17.04
CA MET D 275 1.36 32.64 16.91
C MET D 275 1.12 31.70 15.73
N ALA D 276 1.81 31.93 14.61
CA ALA D 276 1.68 31.03 13.48
C ALA D 276 2.22 29.64 13.82
N ALA D 277 3.30 29.59 14.59
CA ALA D 277 3.84 28.30 15.00
C ALA D 277 2.87 27.56 15.91
N LYS D 278 2.23 28.28 16.83
CA LYS D 278 1.33 27.64 17.78
C LYS D 278 0.04 27.18 17.11
N THR D 279 -0.57 28.05 16.30
CA THR D 279 -1.87 27.74 15.71
C THR D 279 -1.80 26.62 14.70
N GLY D 280 -0.62 26.21 14.28
CA GLY D 280 -0.46 25.15 13.30
C GLY D 280 -0.30 25.62 11.87
N LYS D 281 -0.17 26.93 11.64
CA LYS D 281 -0.01 27.43 10.29
C LYS D 281 1.33 26.96 9.71
N ILE D 282 1.34 26.70 8.41
CA ILE D 282 2.53 26.26 7.69
C ILE D 282 2.87 27.20 6.55
N GLY D 283 1.88 27.57 5.75
CA GLY D 283 2.15 28.46 4.62
C GLY D 283 2.71 29.79 5.06
N VAL D 284 2.08 30.41 6.06
CA VAL D 284 2.61 31.65 6.60
C VAL D 284 3.90 31.40 7.36
N PHE D 285 4.00 30.27 8.06
CA PHE D 285 5.20 29.99 8.83
C PHE D 285 6.41 29.79 7.93
N GLN D 286 6.27 28.97 6.89
CA GLN D 286 7.40 28.71 5.99
C GLN D 286 7.93 30.02 5.40
N HIS D 287 7.06 31.00 5.20
CA HIS D 287 7.49 32.27 4.62
C HIS D 287 8.14 33.16 5.66
N ILE D 288 7.45 33.40 6.79
CA ILE D 288 7.91 34.37 7.76
C ILE D 288 9.31 34.04 8.25
N ILE D 289 9.71 32.77 8.15
CA ILE D 289 11.04 32.36 8.59
C ILE D 289 12.08 32.46 7.47
N ARG D 290 11.65 32.77 6.25
CA ARG D 290 12.54 32.91 5.11
C ARG D 290 12.22 34.20 4.35
N ARG D 291 12.09 35.29 5.10
CA ARG D 291 11.68 36.58 4.56
C ARG D 291 12.91 37.47 4.40
N GLU D 292 13.23 37.83 3.15
CA GLU D 292 14.34 38.72 2.85
C GLU D 292 13.85 39.86 1.98
N VAL D 293 14.42 41.05 2.22
CA VAL D 293 14.01 42.27 1.55
C VAL D 293 15.23 42.89 0.87
N THR D 294 14.99 43.55 -0.25
CA THR D 294 16.09 44.01 -1.10
C THR D 294 16.67 45.33 -0.59
N ASP D 295 15.87 46.39 -0.57
CA ASP D 295 16.39 47.71 -0.23
C ASP D 295 16.84 47.76 1.22
N GLU D 296 17.97 48.44 1.45
CA GLU D 296 18.58 48.44 2.77
C GLU D 296 17.69 49.09 3.80
N ASP D 297 17.00 50.17 3.44
CA ASP D 297 16.15 50.87 4.39
C ASP D 297 15.09 49.95 4.99
N THR D 298 14.72 48.89 4.26
CA THR D 298 13.75 47.91 4.74
C THR D 298 14.32 46.49 4.69
N ARG D 299 15.64 46.34 4.61
CA ARG D 299 16.26 45.03 4.65
C ARG D 299 16.49 44.53 6.07
N HIS D 300 16.58 45.44 7.05
CA HIS D 300 16.89 45.03 8.40
C HIS D 300 15.87 44.03 8.94
N LEU D 301 14.62 44.10 8.48
CA LEU D 301 13.58 43.19 8.91
C LEU D 301 13.60 41.87 8.15
N SER D 302 14.71 41.56 7.47
CA SER D 302 14.84 40.29 6.77
C SER D 302 15.29 39.19 7.72
N ARG D 303 15.09 37.95 7.30
CA ARG D 303 15.55 36.78 8.05
C ARG D 303 16.62 36.00 7.27
N LYS D 304 16.32 35.59 6.05
CA LYS D 304 17.22 34.72 5.29
C LYS D 304 18.25 35.56 4.56
N PHE D 305 19.26 35.98 5.30
CA PHE D 305 20.37 36.72 4.71
C PHE D 305 21.14 35.82 3.74
N LYS D 306 22.12 36.41 3.08
CA LYS D 306 23.05 35.68 2.22
C LYS D 306 24.46 35.98 2.69
N ASP D 307 25.27 34.92 2.87
CA ASP D 307 26.61 35.06 3.41
C ASP D 307 27.67 35.08 2.32
N TRP D 308 27.72 34.03 1.50
CA TRP D 308 28.63 33.98 0.36
C TRP D 308 28.27 32.77 -0.48
N ALA D 309 28.85 32.72 -1.68
CA ALA D 309 28.64 31.61 -2.59
C ALA D 309 29.97 31.24 -3.22
N TYR D 310 30.10 29.96 -3.57
CA TYR D 310 31.29 29.45 -4.25
C TYR D 310 30.88 28.64 -5.46
N GLY D 311 29.99 29.21 -6.27
CA GLY D 311 29.52 28.56 -7.46
C GLY D 311 28.23 27.80 -7.19
N PRO D 312 28.30 26.48 -7.09
CA PRO D 312 27.11 25.69 -6.78
C PRO D 312 26.84 25.46 -5.30
N VAL D 313 27.55 26.15 -4.41
CA VAL D 313 27.32 26.07 -2.97
C VAL D 313 26.90 27.46 -2.49
N TYR D 314 25.77 27.51 -1.77
CA TYR D 314 25.23 28.76 -1.27
C TYR D 314 25.05 28.66 0.24
N SER D 315 25.62 29.63 0.96
CA SER D 315 25.55 29.66 2.42
C SER D 315 24.48 30.66 2.83
N SER D 316 23.27 30.16 3.04
CA SER D 316 22.17 31.01 3.47
C SER D 316 22.24 31.22 4.98
N LEU D 317 22.29 32.48 5.40
CA LEU D 317 22.53 32.84 6.80
C LEU D 317 21.18 33.17 7.46
N TYR D 318 20.47 32.11 7.84
CA TYR D 318 19.17 32.29 8.50
C TYR D 318 19.35 33.03 9.83
N ASP D 319 18.47 34.00 10.06
CA ASP D 319 18.52 34.83 11.28
C ASP D 319 17.50 34.32 12.30
N LEU D 320 17.78 33.14 12.84
CA LEU D 320 16.93 32.56 13.88
C LEU D 320 17.21 33.32 15.19
N SER D 321 16.63 34.51 15.28
CA SER D 321 16.76 35.33 16.47
C SER D 321 15.79 34.94 17.57
N SER D 322 14.73 34.19 17.24
CA SER D 322 13.75 33.80 18.23
C SER D 322 13.31 32.34 18.09
N LEU D 323 14.15 31.48 17.53
CA LEU D 323 13.90 30.05 17.49
C LEU D 323 14.55 29.31 18.65
N ASP D 324 15.32 30.01 19.48
CA ASP D 324 15.81 29.46 20.73
C ASP D 324 16.34 30.61 21.57
N THR D 325 15.83 30.75 22.79
CA THR D 325 16.20 31.85 23.66
C THR D 325 17.21 31.44 24.72
N CYS D 326 17.76 30.24 24.62
CA CYS D 326 18.70 29.73 25.62
C CYS D 326 18.06 29.66 27.00
N GLY D 327 16.75 29.44 27.04
CA GLY D 327 16.02 29.40 28.28
C GLY D 327 15.71 30.76 28.89
N GLU D 328 16.07 31.85 28.21
CA GLU D 328 15.82 33.18 28.77
C GLU D 328 14.35 33.55 28.68
N GLU D 329 13.70 33.25 27.56
CA GLU D 329 12.31 33.63 27.35
C GLU D 329 11.65 32.54 26.50
N VAL D 330 10.47 32.85 25.98
CA VAL D 330 9.75 31.93 25.11
C VAL D 330 10.44 31.89 23.74
N SER D 331 10.44 30.71 23.13
CA SER D 331 11.10 30.51 21.85
C SER D 331 10.18 29.74 20.91
N VAL D 332 10.37 29.97 19.61
CA VAL D 332 9.49 29.36 18.63
C VAL D 332 9.67 27.85 18.59
N LEU D 333 10.88 27.36 18.86
CA LEU D 333 11.13 25.92 18.80
C LEU D 333 10.43 25.20 19.95
N GLU D 334 10.54 25.76 21.16
CA GLU D 334 9.88 25.17 22.31
C GLU D 334 8.37 25.11 22.10
N ILE D 335 7.77 26.21 21.61
CA ILE D 335 6.34 26.23 21.34
C ILE D 335 6.00 25.22 20.26
N LEU D 336 6.81 25.15 19.20
CA LEU D 336 6.51 24.27 18.09
C LEU D 336 6.53 22.81 18.52
N VAL D 337 7.45 22.45 19.40
CA VAL D 337 7.64 21.04 19.76
C VAL D 337 6.78 20.63 20.95
N TYR D 338 6.90 21.31 22.08
CA TYR D 338 6.19 20.87 23.29
C TYR D 338 4.69 20.94 23.11
N ASN D 339 4.19 22.00 22.48
CA ASN D 339 2.76 22.19 22.35
C ASN D 339 2.12 21.00 21.65
N SER D 340 0.99 20.52 22.19
CA SER D 340 0.28 19.39 21.64
C SER D 340 -0.81 19.79 20.66
N LYS D 341 -1.22 21.07 20.66
CA LYS D 341 -2.26 21.53 19.75
C LYS D 341 -1.79 21.58 18.30
N ILE D 342 -0.48 21.54 18.07
CA ILE D 342 0.05 21.65 16.71
C ILE D 342 -0.53 20.52 15.86
N GLU D 343 -1.03 20.89 14.68
CA GLU D 343 -1.59 19.92 13.75
C GLU D 343 -0.64 19.58 12.61
N ASN D 344 0.29 20.48 12.28
CA ASN D 344 1.22 20.28 11.18
C ASN D 344 2.67 20.24 11.68
N ARG D 345 2.87 19.75 12.90
CA ARG D 345 4.20 19.77 13.49
C ARG D 345 5.22 19.05 12.62
N HIS D 346 4.79 18.05 11.84
CA HIS D 346 5.72 17.30 11.02
C HIS D 346 6.51 18.22 10.09
N GLU D 347 5.82 18.88 9.16
CA GLU D 347 6.50 19.76 8.22
C GLU D 347 7.03 21.01 8.90
N MET D 348 6.33 21.50 9.93
CA MET D 348 6.77 22.72 10.60
C MET D 348 8.13 22.55 11.26
N LEU D 349 8.40 21.36 11.80
CA LEU D 349 9.74 21.07 12.31
C LEU D 349 10.76 21.12 11.18
N ALA D 350 10.42 20.59 10.02
CA ALA D 350 11.33 20.49 8.89
C ALA D 350 11.25 21.69 7.95
N VAL D 351 10.89 22.87 8.48
CA VAL D 351 10.86 24.06 7.64
C VAL D 351 12.23 24.28 6.99
N GLU D 352 13.29 24.15 7.78
CA GLU D 352 14.68 24.07 7.33
C GLU D 352 15.61 24.57 8.42
N PRO D 353 15.53 25.86 8.81
CA PRO D 353 16.39 26.32 9.91
C PRO D 353 16.13 25.59 11.20
N ILE D 354 14.89 25.17 11.45
CA ILE D 354 14.58 24.46 12.70
C ILE D 354 15.25 23.09 12.70
N ASN D 355 15.12 22.34 11.60
CA ASN D 355 15.69 21.00 11.56
C ASN D 355 17.21 21.04 11.67
N GLU D 356 17.85 21.95 10.94
CA GLU D 356 19.30 22.04 11.02
C GLU D 356 19.75 22.60 12.36
N LEU D 357 18.95 23.47 12.98
CA LEU D 357 19.25 23.92 14.33
C LEU D 357 19.23 22.76 15.31
N LEU D 358 18.24 21.88 15.20
CA LEU D 358 18.21 20.69 16.04
C LEU D 358 19.40 19.79 15.76
N ARG D 359 19.77 19.65 14.49
CA ARG D 359 20.97 18.88 14.15
C ARG D 359 22.18 19.45 14.88
N ASP D 360 22.40 20.75 14.77
CA ASP D 360 23.56 21.36 15.40
C ASP D 360 23.51 21.20 16.92
N LYS D 361 22.33 21.38 17.51
CA LYS D 361 22.19 21.19 18.95
C LYS D 361 22.55 19.76 19.33
N TRP D 362 22.16 18.79 18.50
CA TRP D 362 22.54 17.41 18.75
C TRP D 362 24.05 17.24 18.69
N ARG D 363 24.71 17.87 17.72
CA ARG D 363 26.15 17.76 17.61
C ARG D 363 26.84 18.23 18.89
N LYS D 364 26.66 19.50 19.24
CA LYS D 364 27.34 20.09 20.39
C LYS D 364 26.44 20.02 21.61
N PHE D 365 26.89 19.31 22.65
CA PHE D 365 26.20 19.26 23.93
C PHE D 365 24.76 18.77 23.78
N GLY D 366 24.52 17.91 22.79
CA GLY D 366 23.21 17.33 22.60
C GLY D 366 23.23 15.82 22.73
N ALA D 367 24.34 15.21 22.33
CA ALA D 367 24.50 13.75 22.40
C ALA D 367 25.36 13.31 23.57
N VAL D 368 26.38 14.09 23.92
CA VAL D 368 27.20 13.75 25.10
C VAL D 368 26.33 13.69 26.33
N SER D 369 25.43 14.67 26.49
CA SER D 369 24.52 14.67 27.62
C SER D 369 23.59 13.46 27.58
N PHE D 370 23.12 13.10 26.38
CA PHE D 370 22.25 11.94 26.21
C PHE D 370 22.95 10.67 26.72
N TYR D 371 24.20 10.46 26.27
CA TYR D 371 24.90 9.24 26.63
C TYR D 371 25.29 9.22 28.10
N ILE D 372 25.75 10.35 28.65
CA ILE D 372 26.07 10.34 30.07
C ILE D 372 24.80 10.18 30.89
N ASN D 373 23.67 10.67 30.38
CA ASN D 373 22.40 10.47 31.08
C ASN D 373 22.05 9.01 31.15
N VAL D 374 22.17 8.28 30.04
CA VAL D 374 21.84 6.86 30.10
C VAL D 374 22.84 6.11 30.98
N VAL D 375 24.12 6.47 30.92
CA VAL D 375 25.09 5.83 31.80
C VAL D 375 24.71 6.04 33.26
N SER D 376 24.42 7.28 33.63
CA SER D 376 24.10 7.60 35.01
C SER D 376 22.82 6.92 35.45
N TYR D 377 21.81 6.87 34.58
CA TYR D 377 20.54 6.28 34.98
C TYR D 377 20.64 4.76 35.08
N LEU D 378 21.32 4.11 34.13
CA LEU D 378 21.53 2.68 34.24
C LEU D 378 22.35 2.35 35.49
N CYS D 379 23.31 3.21 35.84
CA CYS D 379 24.07 3.00 37.07
C CYS D 379 23.20 3.17 38.31
N ALA D 380 22.37 4.21 38.37
CA ALA D 380 21.51 4.44 39.51
C ALA D 380 20.33 3.47 39.58
N MET D 381 20.10 2.72 38.51
CA MET D 381 19.14 1.63 38.56
C MET D 381 19.79 0.29 38.88
N VAL D 382 21.04 0.09 38.50
CA VAL D 382 21.75 -1.11 38.93
C VAL D 382 22.07 -1.05 40.43
N ILE D 383 22.46 0.13 40.94
CA ILE D 383 22.68 0.28 42.37
C ILE D 383 21.39 0.28 43.16
N PHE D 384 20.25 0.33 42.49
CA PHE D 384 18.97 0.10 43.14
C PHE D 384 18.55 -1.36 43.07
N THR D 385 18.81 -2.00 41.93
CA THR D 385 18.55 -3.42 41.78
C THR D 385 19.35 -4.24 42.80
N LEU D 386 20.65 -3.96 42.90
CA LEU D 386 21.51 -4.73 43.79
C LEU D 386 21.25 -4.41 45.25
N THR D 387 20.73 -3.22 45.57
CA THR D 387 20.28 -2.93 46.92
C THR D 387 18.89 -3.47 47.20
N ALA D 388 18.14 -3.86 46.16
CA ALA D 388 16.85 -4.50 46.36
C ALA D 388 17.02 -6.00 46.61
N TYR D 389 17.78 -6.68 45.75
CA TYR D 389 17.96 -8.12 45.95
C TYR D 389 18.76 -8.42 47.21
N TYR D 390 19.73 -7.57 47.55
CA TYR D 390 20.50 -7.72 48.78
C TYR D 390 19.81 -7.09 49.98
N GLN D 391 18.49 -6.91 49.92
CA GLN D 391 17.71 -6.28 50.99
C GLN D 391 18.19 -6.78 52.35
N PRO D 392 18.37 -5.88 53.34
CA PRO D 392 18.77 -6.32 54.69
C PRO D 392 18.08 -7.59 55.14
N LEU D 393 18.86 -8.50 55.72
CA LEU D 393 18.40 -9.83 56.09
C LEU D 393 17.86 -9.79 57.52
N GLU D 394 17.58 -10.97 58.08
CA GLU D 394 17.29 -11.13 59.50
C GLU D 394 15.90 -10.61 59.87
N GLY D 395 15.19 -9.99 58.93
CA GLY D 395 13.92 -9.39 59.27
C GLY D 395 14.10 -8.25 60.26
N THR D 396 13.07 -7.43 60.46
CA THR D 396 13.20 -6.27 61.33
C THR D 396 14.45 -5.48 60.96
N PRO D 397 14.51 -4.89 59.77
CA PRO D 397 15.65 -4.07 59.41
C PRO D 397 15.40 -2.58 59.65
N PRO D 398 15.36 -2.11 60.91
CA PRO D 398 15.30 -0.66 61.12
C PRO D 398 16.60 0.02 60.75
N TYR D 399 17.71 -0.48 61.31
CA TYR D 399 19.04 0.08 61.07
C TYR D 399 20.08 -1.05 61.11
N PRO D 400 20.00 -2.03 60.21
CA PRO D 400 20.91 -3.18 60.29
C PRO D 400 22.26 -2.97 59.63
N TYR D 401 22.59 -1.75 59.17
CA TYR D 401 23.87 -1.51 58.52
C TYR D 401 24.99 -1.63 59.54
N ARG D 402 25.74 -2.73 59.48
CA ARG D 402 26.81 -3.00 60.45
C ARG D 402 28.17 -3.20 59.82
N THR D 403 28.28 -4.04 58.79
CA THR D 403 29.57 -4.50 58.31
C THR D 403 29.94 -3.85 56.97
N THR D 404 31.08 -4.25 56.42
CA THR D 404 31.61 -3.60 55.22
C THR D 404 30.68 -3.79 54.03
N VAL D 405 30.29 -5.03 53.75
CA VAL D 405 29.37 -5.28 52.65
C VAL D 405 28.03 -4.62 52.93
N ASP D 406 27.57 -4.69 54.18
CA ASP D 406 26.32 -4.03 54.53
C ASP D 406 26.48 -2.51 54.48
N TYR D 407 27.68 -2.00 54.76
CA TYR D 407 27.93 -0.57 54.60
C TYR D 407 27.85 -0.18 53.13
N LEU D 408 28.37 -1.02 52.24
CA LEU D 408 28.24 -0.75 50.80
C LEU D 408 26.78 -0.80 50.37
N ARG D 409 26.00 -1.73 50.94
CA ARG D 409 24.58 -1.75 50.67
C ARG D 409 23.89 -0.47 51.15
N LEU D 410 24.28 0.02 52.32
CA LEU D 410 23.79 1.32 52.79
C LEU D 410 24.18 2.43 51.83
N ALA D 411 25.40 2.38 51.29
CA ALA D 411 25.83 3.38 50.32
C ALA D 411 24.92 3.37 49.10
N GLY D 412 24.62 2.18 48.58
CA GLY D 412 23.70 2.07 47.47
C GLY D 412 22.32 2.59 47.81
N GLU D 413 21.81 2.25 48.99
CA GLU D 413 20.47 2.70 49.38
C GLU D 413 20.42 4.22 49.52
N VAL D 414 21.45 4.82 50.09
CA VAL D 414 21.47 6.28 50.24
C VAL D 414 21.61 6.94 48.89
N ILE D 415 22.39 6.35 47.98
CA ILE D 415 22.45 6.89 46.62
C ILE D 415 21.07 6.85 45.99
N THR D 416 20.34 5.75 46.16
CA THR D 416 19.00 5.65 45.61
C THR D 416 18.07 6.70 46.21
N LEU D 417 18.12 6.90 47.53
CA LEU D 417 17.24 7.88 48.16
C LEU D 417 17.59 9.29 47.72
N PHE D 418 18.88 9.60 47.60
CA PHE D 418 19.31 10.90 47.13
C PHE D 418 18.82 11.15 45.70
N THR D 419 18.97 10.15 44.84
CA THR D 419 18.48 10.29 43.47
C THR D 419 16.97 10.43 43.45
N GLY D 420 16.27 9.76 44.35
CA GLY D 420 14.83 9.87 44.45
C GLY D 420 14.36 11.25 44.83
N VAL D 421 15.00 11.85 45.83
CA VAL D 421 14.62 13.21 46.24
C VAL D 421 15.01 14.22 45.18
N LEU D 422 16.18 14.02 44.55
CA LEU D 422 16.56 14.86 43.41
C LEU D 422 15.54 14.76 42.30
N PHE D 423 15.03 13.56 42.04
CA PHE D 423 14.01 13.37 41.03
C PHE D 423 12.72 14.07 41.41
N PHE D 424 12.35 13.99 42.69
CA PHE D 424 11.21 14.74 43.19
C PHE D 424 11.34 16.22 42.86
N PHE D 425 12.48 16.81 43.23
CA PHE D 425 12.69 18.24 42.96
C PHE D 425 12.62 18.53 41.46
N THR D 426 13.33 17.74 40.65
CA THR D 426 13.33 17.97 39.22
C THR D 426 11.95 17.81 38.60
N SER D 427 11.05 17.06 39.27
CA SER D 427 9.70 16.85 38.76
C SER D 427 8.70 17.89 39.22
N ILE D 428 8.90 18.50 40.39
CA ILE D 428 7.99 19.52 40.91
C ILE D 428 8.58 20.92 40.74
N LYS D 429 9.89 21.05 40.92
CA LYS D 429 10.53 22.36 40.75
C LYS D 429 10.34 22.87 39.33
N ASP D 430 10.26 21.97 38.36
CA ASP D 430 10.06 22.36 36.96
C ASP D 430 8.59 22.32 36.59
N PHE D 448 6.76 11.04 29.96
CA PHE D 448 7.28 10.28 31.09
C PHE D 448 7.61 11.21 32.25
N GLN D 449 6.60 11.92 32.73
CA GLN D 449 6.73 12.82 33.88
C GLN D 449 5.87 12.40 35.06
N LEU D 450 4.65 11.92 34.80
CA LEU D 450 3.82 11.43 35.89
C LEU D 450 4.35 10.11 36.44
N LEU D 451 4.72 9.18 35.55
CA LEU D 451 5.37 7.95 36.01
C LEU D 451 6.63 8.27 36.80
N TYR D 452 7.33 9.33 36.43
CA TYR D 452 8.52 9.79 37.13
C TYR D 452 8.22 10.32 38.53
N PHE D 453 7.17 11.13 38.68
CA PHE D 453 6.76 11.55 40.02
C PHE D 453 6.34 10.35 40.86
N ILE D 454 5.67 9.38 40.22
CA ILE D 454 5.28 8.16 40.94
C ILE D 454 6.52 7.42 41.44
N TYR D 455 7.52 7.26 40.57
CA TYR D 455 8.76 6.62 41.01
C TYR D 455 9.36 7.35 42.20
N SER D 456 9.46 8.68 42.11
CA SER D 456 10.10 9.42 43.19
C SER D 456 9.34 9.28 44.49
N VAL D 457 8.02 9.41 44.45
CA VAL D 457 7.23 9.32 45.69
C VAL D 457 7.29 7.91 46.25
N LEU D 458 7.31 6.90 45.38
CA LEU D 458 7.38 5.52 45.86
C LEU D 458 8.72 5.24 46.54
N VAL D 459 9.82 5.72 45.95
CA VAL D 459 11.12 5.51 46.59
C VAL D 459 11.18 6.27 47.91
N VAL D 460 10.57 7.46 47.97
CA VAL D 460 10.56 8.21 49.23
C VAL D 460 9.79 7.44 50.29
N VAL D 461 8.62 6.90 49.93
CA VAL D 461 7.83 6.12 50.88
C VAL D 461 8.63 4.91 51.35
N SER D 462 9.31 4.24 50.41
CA SER D 462 10.09 3.06 50.78
C SER D 462 11.21 3.42 51.74
N ALA D 463 11.91 4.52 51.49
CA ALA D 463 12.96 4.93 52.41
C ALA D 463 12.41 5.27 53.78
N ALA D 464 11.26 5.96 53.82
CA ALA D 464 10.66 6.31 55.11
C ALA D 464 10.28 5.05 55.89
N LEU D 465 9.63 4.09 55.21
CA LEU D 465 9.24 2.86 55.87
C LEU D 465 10.46 2.07 56.34
N TYR D 466 11.52 2.05 55.54
CA TYR D 466 12.74 1.38 55.95
C TYR D 466 13.32 2.02 57.20
N LEU D 467 13.34 3.36 57.25
CA LEU D 467 13.79 4.04 58.46
C LEU D 467 12.87 3.72 59.63
N ALA D 468 11.60 3.43 59.36
CA ALA D 468 10.69 2.96 60.39
C ALA D 468 10.86 1.47 60.70
N GLY D 469 11.59 0.74 59.86
CA GLY D 469 11.85 -0.66 60.11
C GLY D 469 10.60 -1.52 60.16
N ILE D 470 9.70 -1.33 59.21
CA ILE D 470 8.41 -2.02 59.19
C ILE D 470 8.48 -3.20 58.23
N GLU D 471 7.99 -4.35 58.68
CA GLU D 471 8.09 -5.58 57.91
C GLU D 471 7.19 -5.54 56.69
N ALA D 472 7.55 -6.36 55.69
CA ALA D 472 6.75 -6.55 54.48
C ALA D 472 6.34 -5.23 53.85
N TYR D 473 7.10 -4.16 54.11
CA TYR D 473 6.86 -2.86 53.51
C TYR D 473 8.00 -2.38 52.65
N LEU D 474 9.13 -3.09 52.62
CA LEU D 474 10.12 -2.91 51.58
C LEU D 474 9.69 -3.74 50.37
N ALA D 475 8.43 -3.58 49.96
CA ALA D 475 7.88 -4.21 48.78
C ALA D 475 7.29 -3.21 47.80
N VAL D 476 7.02 -1.98 48.24
CA VAL D 476 6.84 -0.90 47.29
C VAL D 476 8.19 -0.37 46.80
N MET D 477 9.27 -0.66 47.54
CA MET D 477 10.60 -0.32 47.03
C MET D 477 10.94 -1.11 45.79
N VAL D 478 10.63 -2.41 45.78
CA VAL D 478 10.86 -3.20 44.58
C VAL D 478 9.93 -2.77 43.46
N PHE D 479 8.71 -2.32 43.79
CA PHE D 479 7.83 -1.80 42.75
C PHE D 479 8.39 -0.52 42.16
N ALA D 480 8.95 0.36 43.00
CA ALA D 480 9.64 1.53 42.49
C ALA D 480 10.84 1.14 41.63
N LEU D 481 11.52 0.06 41.99
CA LEU D 481 12.64 -0.43 41.19
C LEU D 481 12.16 -0.84 39.80
N VAL D 482 11.12 -1.66 39.74
CA VAL D 482 10.63 -2.12 38.44
C VAL D 482 10.07 -0.96 37.64
N LEU D 483 9.47 0.01 38.31
CA LEU D 483 9.05 1.24 37.63
C LEU D 483 10.24 1.98 37.05
N GLY D 484 11.28 2.19 37.85
CA GLY D 484 12.50 2.79 37.36
C GLY D 484 13.13 2.03 36.21
N TRP D 485 12.85 0.74 36.12
CA TRP D 485 13.29 -0.04 34.97
C TRP D 485 12.38 0.10 33.76
N MET D 486 11.08 0.35 33.94
CA MET D 486 10.25 0.83 32.84
C MET D 486 10.27 2.34 32.73
N ASN D 487 10.88 3.04 33.68
CA ASN D 487 11.07 4.48 33.61
C ASN D 487 12.27 4.85 32.74
N ALA D 488 13.18 3.91 32.49
CA ALA D 488 14.34 4.17 31.66
C ALA D 488 14.01 4.12 30.18
N LEU D 489 12.74 4.04 29.82
CA LEU D 489 12.32 4.11 28.43
C LEU D 489 12.25 5.55 27.92
N TYR D 490 12.31 6.53 28.82
CA TYR D 490 12.43 7.92 28.38
C TYR D 490 13.66 8.10 27.49
N PHE D 491 14.80 7.60 27.96
CA PHE D 491 16.03 7.73 27.17
C PHE D 491 15.92 6.99 25.84
N THR D 492 15.40 5.78 25.85
CA THR D 492 15.42 4.92 24.66
C THR D 492 14.36 5.38 23.65
N ARG D 493 14.59 6.60 23.15
CA ARG D 493 13.79 7.17 22.07
C ARG D 493 14.66 7.78 20.98
N GLY D 494 15.98 7.67 21.10
CA GLY D 494 16.90 8.23 20.13
C GLY D 494 17.53 7.16 19.25
N LEU D 495 18.75 6.77 19.58
CA LEU D 495 19.49 5.81 18.75
C LEU D 495 18.69 4.54 18.55
N LYS D 496 18.93 3.90 17.40
CA LYS D 496 18.27 2.66 16.99
C LYS D 496 16.80 2.86 16.65
N LEU D 497 16.30 4.10 16.67
CA LEU D 497 14.90 4.38 16.38
C LEU D 497 13.98 3.56 17.27
N THR D 498 14.42 3.29 18.50
CA THR D 498 13.63 2.53 19.45
C THR D 498 12.70 3.47 20.22
N GLY D 499 11.93 2.90 21.15
CA GLY D 499 11.01 3.64 21.97
C GLY D 499 9.55 3.51 21.55
N THR D 500 9.29 3.04 20.33
CA THR D 500 7.91 2.80 19.93
C THR D 500 7.24 1.76 20.82
N TYR D 501 8.03 0.91 21.49
CA TYR D 501 7.49 0.11 22.58
C TYR D 501 6.76 1.01 23.57
N SER D 502 7.33 2.18 23.83
CA SER D 502 6.68 3.15 24.70
C SER D 502 5.32 3.58 24.15
N ILE D 503 5.24 3.82 22.83
CA ILE D 503 3.98 4.25 22.23
C ILE D 503 2.92 3.15 22.37
N MET D 504 3.29 1.92 22.03
CA MET D 504 2.32 0.84 22.09
C MET D 504 1.87 0.57 23.53
N ILE D 505 2.81 0.56 24.49
CA ILE D 505 2.42 0.34 25.87
C ILE D 505 1.61 1.53 26.39
N GLN D 506 1.87 2.74 25.87
CA GLN D 506 1.05 3.90 26.20
C GLN D 506 -0.38 3.68 25.75
N LYS D 507 -0.56 3.16 24.54
CA LYS D 507 -1.90 2.79 24.10
C LYS D 507 -2.50 1.73 25.00
N ILE D 508 -1.69 0.76 25.43
CA ILE D 508 -2.18 -0.35 26.24
C ILE D 508 -2.75 0.16 27.56
N LEU D 509 -1.87 0.70 28.42
CA LEU D 509 -2.20 1.12 29.78
C LEU D 509 -3.51 0.59 30.37
N PHE D 510 -4.04 1.33 31.35
CA PHE D 510 -5.30 0.98 31.98
C PHE D 510 -6.35 0.52 30.98
N LYS D 511 -6.45 1.21 29.84
CA LYS D 511 -7.50 0.86 28.88
C LYS D 511 -7.56 -0.66 28.70
N ASP D 512 -6.50 -1.24 28.14
CA ASP D 512 -6.49 -2.68 27.91
C ASP D 512 -6.42 -3.45 29.21
N LEU D 513 -5.65 -2.96 30.19
CA LEU D 513 -5.49 -3.72 31.43
C LEU D 513 -6.83 -3.99 32.09
N PHE D 514 -7.62 -2.94 32.33
CA PHE D 514 -8.90 -3.11 32.98
C PHE D 514 -9.97 -3.64 32.02
N ARG D 515 -9.82 -3.47 30.70
CA ARG D 515 -10.74 -4.15 29.81
C ARG D 515 -10.62 -5.67 30.00
N PHE D 516 -9.39 -6.18 29.95
CA PHE D 516 -9.16 -7.60 30.19
C PHE D 516 -9.60 -7.98 31.60
N LEU D 517 -9.26 -7.15 32.59
CA LEU D 517 -9.59 -7.50 33.97
C LEU D 517 -11.10 -7.59 34.17
N LEU D 518 -11.86 -6.67 33.57
CA LEU D 518 -13.30 -6.69 33.75
C LEU D 518 -13.95 -7.84 32.99
N VAL D 519 -13.49 -8.15 31.78
CA VAL D 519 -14.04 -9.34 31.12
C VAL D 519 -13.67 -10.59 31.89
N TYR D 520 -12.50 -10.60 32.53
CA TYR D 520 -12.06 -11.79 33.25
C TYR D 520 -12.81 -11.96 34.57
N LEU D 521 -13.12 -10.85 35.25
CA LEU D 521 -14.05 -10.92 36.38
C LEU D 521 -15.44 -11.34 35.93
N LEU D 522 -15.87 -10.83 34.77
CA LEU D 522 -17.14 -11.25 34.19
C LEU D 522 -17.20 -12.77 34.08
N PHE D 523 -16.16 -13.36 33.51
CA PHE D 523 -16.19 -14.80 33.30
C PHE D 523 -15.99 -15.57 34.60
N MET D 524 -15.15 -15.07 35.50
CA MET D 524 -15.01 -15.69 36.82
C MET D 524 -16.35 -15.73 37.54
N ILE D 525 -17.07 -14.61 37.55
CA ILE D 525 -18.32 -14.54 38.30
C ILE D 525 -19.38 -15.42 37.64
N GLY D 526 -19.47 -15.38 36.31
CA GLY D 526 -20.39 -16.27 35.62
C GLY D 526 -20.09 -17.74 35.88
N TYR D 527 -18.79 -18.08 35.96
CA TYR D 527 -18.40 -19.47 36.12
C TYR D 527 -18.66 -19.96 37.55
N ALA D 528 -18.38 -19.12 38.54
CA ALA D 528 -18.76 -19.46 39.91
C ALA D 528 -20.27 -19.59 40.03
N SER D 529 -21.02 -18.75 39.31
CA SER D 529 -22.47 -18.90 39.27
C SER D 529 -22.87 -20.24 38.69
N ALA D 530 -22.20 -20.66 37.62
CA ALA D 530 -22.51 -21.95 37.01
C ALA D 530 -22.26 -23.09 38.00
N LEU D 531 -21.15 -23.02 38.72
CA LEU D 531 -20.88 -24.05 39.74
C LEU D 531 -21.95 -24.07 40.81
N VAL D 532 -22.31 -22.89 41.33
CA VAL D 532 -23.23 -22.87 42.47
C VAL D 532 -24.66 -23.17 42.03
N THR D 533 -24.96 -23.06 40.74
CA THR D 533 -26.32 -23.26 40.27
C THR D 533 -26.53 -24.64 39.65
N LEU D 534 -25.48 -25.30 39.18
CA LEU D 534 -25.59 -26.64 38.61
C LEU D 534 -25.14 -27.73 39.57
N LEU D 535 -24.21 -27.43 40.48
CA LEU D 535 -23.61 -28.47 41.30
C LEU D 535 -24.29 -28.59 42.66
N ASN D 536 -25.06 -27.56 43.05
CA ASN D 536 -25.69 -27.56 44.37
C ASN D 536 -26.78 -28.62 44.52
N PRO D 537 -27.42 -29.09 43.44
CA PRO D 537 -28.46 -30.10 43.73
C PRO D 537 -28.21 -31.40 44.52
N GLN D 548 -19.04 -36.37 52.11
CA GLN D 548 -19.02 -35.13 52.87
C GLN D 548 -18.49 -33.98 52.01
N SER D 549 -17.97 -34.31 50.84
CA SER D 549 -17.47 -33.31 49.89
C SER D 549 -16.23 -32.63 50.43
N ASN D 550 -16.38 -31.87 51.52
CA ASN D 550 -15.29 -31.16 52.19
C ASN D 550 -14.75 -30.00 51.36
N CYS D 551 -15.50 -29.52 50.36
CA CYS D 551 -15.17 -28.30 49.64
C CYS D 551 -14.01 -28.51 48.67
N THR D 552 -14.13 -27.93 47.48
CA THR D 552 -13.04 -27.88 46.52
C THR D 552 -12.42 -26.48 46.57
N VAL D 553 -11.10 -26.41 46.35
CA VAL D 553 -10.40 -25.15 46.53
C VAL D 553 -10.97 -24.04 45.66
N PRO D 554 -11.18 -24.22 44.35
CA PRO D 554 -11.70 -23.11 43.53
C PRO D 554 -13.22 -22.97 43.56
N THR D 555 -13.74 -22.56 44.72
CA THR D 555 -15.17 -22.30 44.89
C THR D 555 -15.98 -23.58 44.73
N TYR D 556 -17.16 -23.64 45.35
CA TYR D 556 -17.87 -24.89 45.49
C TYR D 556 -19.36 -24.60 45.63
N PRO D 557 -20.23 -25.62 45.59
CA PRO D 557 -21.66 -25.36 45.79
C PRO D 557 -21.96 -24.69 47.13
N ALA D 558 -23.24 -24.54 47.46
CA ALA D 558 -23.67 -23.55 48.44
C ALA D 558 -23.98 -24.15 49.81
N CYS D 559 -24.74 -25.23 49.87
CA CYS D 559 -25.08 -25.84 51.15
C CYS D 559 -24.01 -26.89 51.51
N ARG D 560 -24.04 -27.30 52.79
CA ARG D 560 -23.01 -28.06 53.49
C ARG D 560 -21.95 -27.11 54.04
N ASP D 561 -22.25 -25.81 54.06
CA ASP D 561 -21.30 -24.78 54.47
C ASP D 561 -20.20 -24.64 53.42
N SER D 562 -20.59 -24.70 52.15
CA SER D 562 -19.67 -24.65 51.02
C SER D 562 -19.60 -23.26 50.38
N GLU D 563 -19.75 -22.20 51.18
CA GLU D 563 -19.69 -20.85 50.63
C GLU D 563 -18.39 -20.62 49.87
N THR D 564 -17.26 -20.99 50.47
CA THR D 564 -15.96 -20.85 49.83
C THR D 564 -15.70 -19.40 49.44
N PHE D 565 -14.71 -19.18 48.59
CA PHE D 565 -14.38 -17.84 48.12
C PHE D 565 -14.17 -17.86 46.61
N SER D 566 -14.41 -16.71 45.99
CA SER D 566 -14.23 -16.61 44.54
C SER D 566 -12.75 -16.49 44.16
N ALA D 567 -11.93 -15.87 45.00
CA ALA D 567 -10.56 -15.53 44.61
C ALA D 567 -9.77 -16.75 44.14
N PHE D 568 -10.07 -17.92 44.71
CA PHE D 568 -9.35 -19.12 44.31
C PHE D 568 -9.65 -19.47 42.86
N LEU D 569 -10.94 -19.55 42.50
CA LEU D 569 -11.28 -19.76 41.10
C LEU D 569 -10.83 -18.59 40.25
N LEU D 570 -10.72 -17.40 40.84
CA LEU D 570 -10.27 -16.23 40.11
C LEU D 570 -8.85 -16.42 39.62
N ASP D 571 -7.93 -16.77 40.53
CA ASP D 571 -6.56 -17.00 40.11
C ASP D 571 -6.43 -18.26 39.28
N LEU D 572 -7.28 -19.26 39.53
CA LEU D 572 -7.27 -20.46 38.70
C LEU D 572 -7.59 -20.13 37.25
N PHE D 573 -8.64 -19.33 37.03
CA PHE D 573 -8.98 -18.93 35.68
C PHE D 573 -7.91 -18.03 35.09
N LYS D 574 -7.32 -17.16 35.91
CA LYS D 574 -6.23 -16.32 35.41
C LYS D 574 -5.11 -17.17 34.83
N LEU D 575 -4.49 -18.00 35.69
CA LEU D 575 -3.33 -18.76 35.24
C LEU D 575 -3.70 -19.78 34.17
N THR D 576 -4.86 -20.44 34.31
CA THR D 576 -5.30 -21.52 33.35
C THR D 576 -5.50 -20.92 31.97
N ILE D 577 -6.11 -19.74 31.86
CA ILE D 577 -6.25 -19.04 30.56
C ILE D 577 -5.22 -17.91 30.58
N GLY D 578 -4.14 -18.09 31.35
CA GLY D 578 -3.02 -17.13 31.38
C GLY D 578 -1.89 -17.81 30.65
N MET D 579 -2.18 -18.90 29.93
CA MET D 579 -1.16 -19.70 29.18
C MET D 579 -1.06 -21.09 29.80
N GLY D 580 -2.19 -21.76 29.99
CA GLY D 580 -2.16 -23.18 30.44
C GLY D 580 -1.78 -23.32 31.87
N ASP D 581 -0.70 -24.07 32.15
CA ASP D 581 -0.24 -24.35 33.54
C ASP D 581 -1.49 -24.53 34.41
N LEU D 582 -2.42 -25.39 34.02
CA LEU D 582 -3.72 -25.55 34.73
C LEU D 582 -4.06 -27.00 35.03
N GLU D 583 -5.20 -27.24 35.70
CA GLU D 583 -5.70 -28.62 36.00
C GLU D 583 -7.05 -28.80 35.30
N MET D 584 -7.64 -27.73 34.77
CA MET D 584 -8.92 -27.77 34.03
C MET D 584 -10.00 -28.39 34.94
N LEU D 585 -10.27 -27.77 36.09
CA LEU D 585 -11.34 -28.23 37.03
C LEU D 585 -12.36 -29.10 36.31
N SER D 586 -12.48 -30.38 36.65
CA SER D 586 -13.49 -31.27 36.08
C SER D 586 -14.81 -31.11 36.84
N SER D 587 -15.42 -29.95 36.66
CA SER D 587 -16.69 -29.65 37.32
C SER D 587 -16.54 -29.74 38.84
N ILE D 595 -21.56 -29.36 32.51
CA ILE D 595 -20.39 -29.67 31.69
C ILE D 595 -20.57 -29.06 30.31
N LEU D 596 -21.73 -29.29 29.69
CA LEU D 596 -22.00 -28.73 28.38
C LEU D 596 -21.95 -27.20 28.41
N LEU D 597 -22.76 -26.59 29.29
CA LEU D 597 -22.71 -25.14 29.45
C LEU D 597 -21.32 -24.69 29.87
N LEU D 598 -20.72 -25.38 30.84
CA LEU D 598 -19.43 -24.95 31.35
C LEU D 598 -18.34 -25.05 30.29
N VAL D 599 -18.33 -26.14 29.53
CA VAL D 599 -17.28 -26.31 28.52
C VAL D 599 -17.48 -25.32 27.38
N THR D 600 -18.73 -25.15 26.92
CA THR D 600 -18.99 -24.14 25.89
C THR D 600 -18.62 -22.76 26.39
N TYR D 601 -18.78 -22.52 27.69
CA TYR D 601 -18.48 -21.21 28.27
C TYR D 601 -16.98 -20.97 28.31
N ILE D 602 -16.21 -22.00 28.66
CA ILE D 602 -14.76 -21.91 28.63
C ILE D 602 -14.27 -21.71 27.19
N ILE D 603 -14.87 -22.41 26.24
CA ILE D 603 -14.53 -22.21 24.84
C ILE D 603 -14.85 -20.78 24.42
N LEU D 604 -15.96 -20.25 24.90
CA LEU D 604 -16.36 -18.89 24.56
C LEU D 604 -15.34 -17.88 25.07
N THR D 605 -14.85 -18.07 26.31
CA THR D 605 -13.83 -17.17 26.80
C THR D 605 -12.51 -17.34 26.04
N PHE D 606 -12.19 -18.58 25.62
CA PHE D 606 -11.04 -18.75 24.73
C PHE D 606 -11.16 -17.86 23.51
N VAL D 607 -12.31 -17.95 22.81
CA VAL D 607 -12.48 -17.17 21.60
C VAL D 607 -12.42 -15.68 21.91
N LEU D 608 -13.08 -15.26 23.00
CA LEU D 608 -13.14 -13.85 23.31
C LEU D 608 -11.76 -13.28 23.63
N LEU D 609 -10.96 -14.00 24.41
CA LEU D 609 -9.64 -13.49 24.78
C LEU D 609 -8.69 -13.55 23.60
N LEU D 610 -8.76 -14.61 22.78
CA LEU D 610 -7.95 -14.65 21.57
C LEU D 610 -8.29 -13.47 20.67
N ASN D 611 -9.58 -13.19 20.51
CA ASN D 611 -9.98 -12.01 19.76
C ASN D 611 -9.30 -10.81 20.39
N MET D 612 -9.67 -10.48 21.62
CA MET D 612 -9.09 -9.31 22.30
C MET D 612 -7.60 -9.15 21.98
N LEU D 613 -6.81 -10.20 22.23
CA LEU D 613 -5.35 -10.08 22.12
C LEU D 613 -4.93 -9.82 20.67
N ILE D 614 -5.35 -10.68 19.74
CA ILE D 614 -4.87 -10.51 18.36
C ILE D 614 -5.45 -9.26 17.72
N ALA D 615 -6.70 -8.91 18.05
CA ALA D 615 -7.27 -7.66 17.56
C ALA D 615 -6.45 -6.46 18.05
N LEU D 616 -6.08 -6.46 19.34
CA LEU D 616 -5.26 -5.38 19.88
C LEU D 616 -3.92 -5.32 19.16
N MET D 617 -3.30 -6.47 18.94
CA MET D 617 -2.09 -6.50 18.12
C MET D 617 -2.36 -5.91 16.74
N GLY D 618 -3.57 -6.15 16.21
CA GLY D 618 -3.92 -5.62 14.90
C GLY D 618 -3.97 -4.10 14.88
N GLU D 619 -4.60 -3.50 15.88
CA GLU D 619 -4.58 -2.04 15.92
C GLU D 619 -3.17 -1.51 16.14
N THR D 620 -2.39 -2.16 17.01
CA THR D 620 -1.05 -1.66 17.28
C THR D 620 -0.19 -1.69 16.03
N VAL D 621 -0.21 -2.79 15.28
CA VAL D 621 0.58 -2.89 14.07
C VAL D 621 0.02 -1.98 12.98
N GLY D 622 -1.31 -1.92 12.86
CA GLY D 622 -1.91 -1.07 11.84
C GLY D 622 -1.55 0.39 12.01
N GLN D 623 -1.50 0.85 13.25
CA GLN D 623 -1.03 2.21 13.54
C GLN D 623 0.49 2.21 13.48
N VAL D 624 1.12 3.28 13.95
CA VAL D 624 2.57 3.48 13.94
C VAL D 624 3.12 3.36 12.51
N SER D 625 2.77 2.30 11.79
CA SER D 625 3.11 2.16 10.38
C SER D 625 4.62 2.23 10.17
N LYS D 626 5.29 1.20 10.72
CA LYS D 626 6.74 1.10 10.73
C LYS D 626 7.39 2.20 11.58
N GLU D 627 6.65 2.69 12.58
CA GLU D 627 7.16 3.65 13.56
C GLU D 627 7.29 5.06 12.99
N SER D 628 7.11 5.21 11.68
CA SER D 628 7.11 6.53 11.05
C SER D 628 8.43 7.26 11.29
N LYS D 629 8.64 8.36 10.58
CA LYS D 629 9.82 9.20 10.77
C LYS D 629 9.52 10.45 11.56
N HIS D 630 8.33 11.03 11.38
CA HIS D 630 7.89 12.15 12.21
C HIS D 630 8.02 11.82 13.70
N ILE D 631 7.64 10.60 14.08
CA ILE D 631 7.70 10.19 15.48
C ILE D 631 9.12 10.33 16.00
N TRP D 632 10.05 9.55 15.41
CA TRP D 632 11.43 9.55 15.88
C TRP D 632 12.00 10.97 15.89
N LYS D 633 11.71 11.75 14.84
CA LYS D 633 12.19 13.13 14.84
C LYS D 633 11.66 13.91 16.03
N LEU D 634 10.37 13.72 16.35
CA LEU D 634 9.76 14.49 17.44
C LEU D 634 10.35 14.11 18.79
N GLN D 635 10.45 12.82 19.09
CA GLN D 635 11.08 12.46 20.36
C GLN D 635 12.56 12.84 20.41
N TRP D 636 13.26 12.77 19.29
CA TRP D 636 14.66 13.20 19.31
C TRP D 636 14.77 14.68 19.65
N ALA D 637 13.90 15.51 19.06
CA ALA D 637 13.87 16.93 19.38
C ALA D 637 13.50 17.15 20.84
N THR D 638 12.53 16.38 21.34
CA THR D 638 12.12 16.53 22.73
C THR D 638 13.27 16.22 23.68
N THR D 639 14.01 15.14 23.39
CA THR D 639 15.16 14.81 24.22
C THR D 639 16.21 15.92 24.17
N ILE D 640 16.48 16.45 22.96
CA ILE D 640 17.40 17.58 22.87
C ILE D 640 16.97 18.70 23.80
N LEU D 641 15.76 19.22 23.56
CA LEU D 641 15.32 20.40 24.28
C LEU D 641 15.24 20.16 25.79
N ASP D 642 14.87 18.94 26.20
CA ASP D 642 14.92 18.63 27.62
C ASP D 642 16.35 18.71 28.13
N ILE D 643 17.31 18.20 27.36
CA ILE D 643 18.70 18.29 27.77
C ILE D 643 19.10 19.75 27.97
N GLU D 644 18.81 20.61 26.99
CA GLU D 644 19.22 22.01 27.13
C GLU D 644 18.51 22.68 28.30
N ARG D 645 17.20 22.45 28.45
CA ARG D 645 16.50 23.03 29.59
C ARG D 645 17.00 22.46 30.91
N SER D 646 17.72 21.35 30.88
CA SER D 646 18.27 20.78 32.10
C SER D 646 19.20 21.75 32.79
N PHE D 647 20.18 22.28 32.07
CA PHE D 647 21.20 23.16 32.60
C PHE D 647 21.05 24.56 32.03
N PRO D 648 21.66 25.57 32.65
CA PRO D 648 21.55 26.94 32.11
C PRO D 648 22.16 27.04 30.72
N VAL D 649 21.31 27.29 29.71
CA VAL D 649 21.77 27.30 28.33
C VAL D 649 22.49 28.61 28.02
N PHE D 650 22.12 29.70 28.68
CA PHE D 650 22.69 31.02 28.40
C PHE D 650 24.21 31.00 28.48
N LEU D 651 24.79 29.96 29.06
CA LEU D 651 26.23 29.81 29.08
C LEU D 651 26.77 29.69 27.66
N ARG D 652 28.10 29.55 27.55
CA ARG D 652 28.77 29.56 26.26
C ARG D 652 28.51 28.26 25.51
N LYS D 653 27.25 27.93 25.28
CA LYS D 653 26.87 26.72 24.57
C LYS D 653 25.69 26.97 23.64
N ALA D 654 25.54 28.19 23.15
CA ALA D 654 24.36 28.60 22.41
C ALA D 654 24.60 28.49 20.90
N PHE D 655 23.58 28.89 20.14
CA PHE D 655 23.66 28.83 18.69
C PHE D 655 24.60 29.91 18.14
N ARG D 656 25.12 29.66 16.95
CA ARG D 656 26.17 30.51 16.39
C ARG D 656 25.67 31.93 16.19
N SER D 657 26.59 32.89 16.35
CA SER D 657 26.28 34.29 16.15
C SER D 657 26.71 34.71 14.74
N GLY D 658 26.64 35.99 14.44
CA GLY D 658 26.90 36.48 13.10
C GLY D 658 27.34 37.93 13.05
N GLU D 659 26.89 38.63 12.01
CA GLU D 659 27.40 39.97 11.72
C GLU D 659 27.04 40.94 12.85
N MET D 660 27.90 41.93 13.06
CA MET D 660 27.76 42.83 14.19
C MET D 660 26.69 43.89 13.95
N VAL D 661 26.89 44.74 12.95
CA VAL D 661 26.07 45.92 12.73
C VAL D 661 25.71 46.01 11.26
N THR D 662 24.79 46.93 10.95
CA THR D 662 24.28 47.13 9.60
C THR D 662 23.40 45.95 9.20
N VAL D 663 24.03 44.80 8.94
CA VAL D 663 23.25 43.57 8.73
C VAL D 663 22.55 43.16 10.01
N GLY D 664 23.25 43.28 11.14
CA GLY D 664 22.68 42.93 12.44
C GLY D 664 22.32 44.16 13.25
N ARG D 673 23.62 42.00 17.60
CA ARG D 673 24.46 41.27 16.66
C ARG D 673 23.63 40.34 15.78
N ARG D 674 22.35 40.18 16.11
CA ARG D 674 21.44 39.38 15.31
C ARG D 674 22.01 37.98 15.08
N TRP D 675 22.14 37.22 16.17
CA TRP D 675 22.69 35.88 16.10
C TRP D 675 22.05 35.11 14.95
N CYS D 676 22.90 34.57 14.08
CA CYS D 676 22.45 33.92 12.86
C CYS D 676 22.94 32.48 12.81
N PHE D 677 22.17 31.65 12.13
CA PHE D 677 22.50 30.25 11.91
C PHE D 677 22.74 30.02 10.42
N ARG D 678 23.93 29.55 10.08
CA ARG D 678 24.37 29.44 8.70
C ARG D 678 24.11 28.03 8.19
N VAL D 679 23.30 27.91 7.14
CA VAL D 679 23.01 26.63 6.50
C VAL D 679 23.54 26.69 5.08
N ASP D 680 24.30 25.67 4.70
CA ASP D 680 24.92 25.60 3.37
C ASP D 680 24.11 24.65 2.50
N GLU D 681 23.57 25.17 1.40
CA GLU D 681 22.83 24.38 0.43
C GLU D 681 23.47 24.55 -0.94
N VAL D 682 23.58 23.45 -1.67
CA VAL D 682 24.22 23.44 -2.99
C VAL D 682 23.14 23.37 -4.06
N ASN D 683 23.19 24.30 -5.01
CA ASN D 683 22.25 24.36 -6.11
C ASN D 683 23.02 24.52 -7.41
N TRP D 684 22.42 24.06 -8.50
CA TRP D 684 23.04 24.07 -9.82
C TRP D 684 22.35 25.09 -10.74
N SER D 685 21.98 26.23 -10.19
CA SER D 685 21.38 27.31 -10.97
C SER D 685 22.42 27.95 -11.89
C10 XQ3 E . 34.56 -27.70 1.39
C13 XQ3 E . 32.80 -29.41 2.69
C15 XQ3 E . 33.19 -27.79 1.02
C20 XQ3 E . 32.86 -20.06 -2.30
C21 XQ3 E . 32.79 -19.60 -0.85
C24 XQ3 E . 35.13 -20.99 -1.84
C26 XQ3 E . 33.17 -19.39 2.10
CL34 XQ3 E . 32.60 -23.90 1.42
CL37 XQ3 E . 27.37 -24.86 0.18
C01 XQ3 E . 34.82 -24.91 -6.86
C02 XQ3 E . 35.16 -24.08 -5.64
C03 XQ3 E . 36.54 -24.49 -5.13
C04 XQ3 E . 34.09 -24.32 -4.57
C05 XQ3 E . 34.34 -23.56 -3.27
N06 XQ3 E . 34.01 -24.47 -2.20
C07 XQ3 E . 34.98 -25.37 -1.61
C08 XQ3 E . 34.50 -26.29 -0.50
C09 XQ3 E . 35.29 -26.74 0.58
C11 XQ3 E . 35.02 -28.50 2.43
C12 XQ3 E . 34.13 -29.35 3.07
C14 XQ3 E . 32.33 -28.64 1.67
S16 XQ3 E . 32.80 -26.69 -0.31
O17 XQ3 E . 36.11 -25.39 -1.99
C18 XQ3 E . 33.40 -22.37 -3.12
N19 XQ3 E . 33.81 -21.16 -2.42
N22 XQ3 E . 34.13 -19.53 -0.29
C23 XQ3 E . 35.25 -19.61 -1.20
C25 XQ3 E . 34.35 -19.42 1.15
C27 XQ3 E . 33.61 -18.93 3.49
O28 XQ3 E . 32.56 -18.20 4.09
N29 XQ3 E . 32.76 -20.79 2.09
S30 XQ3 E . 31.76 -21.50 3.26
O31 XQ3 E . 32.53 -22.42 4.09
C32 XQ3 E . 30.48 -22.45 2.39
C33 XQ3 E . 30.87 -23.51 1.58
C35 XQ3 E . 29.91 -24.23 0.91
C36 XQ3 E . 28.58 -23.91 1.06
C38 XQ3 E . 28.18 -22.87 1.85
C39 XQ3 E . 29.13 -22.13 2.53
O40 XQ3 E . 31.21 -20.55 4.23
O41 XQ3 E . 35.46 -19.39 1.56
O42 XQ3 E . 32.30 -22.43 -3.56
N01 R2R F . 2.83 -28.17 28.93
N03 R2R F . 0.26 -25.89 31.11
N04 R2R F . -0.04 -28.03 29.20
N05 R2R F . 3.12 -26.02 30.84
O06 R2R F . 1.61 -28.25 31.39
N08 R2R F . 1.76 -30.85 34.27
N09 R2R F . 0.10 -30.48 31.94
N10 R2R F . 3.26 -28.50 33.58
N11 R2R F . 2.97 -30.63 31.67
N12 R2R F . 0.39 -28.35 33.84
O13 R2R F . 1.48 -25.81 28.66
N15 R2R F . 1.33 -23.21 25.78
N16 R2R F . 2.99 -23.58 28.11
N17 R2R F . -0.17 -25.56 26.47
N18 R2R F . 2.69 -25.71 26.20
N19 R2R F . 0.12 -23.42 28.38
RU2 R2R F . 1.55 -27.03 30.02
RU3 R2R F . 1.68 -29.49 32.76
RU1 R2R F . 1.41 -24.58 27.29
C10 XQ3 G . -18.84 -39.56 -6.55
C13 XQ3 G . -19.17 -39.58 -3.79
C15 XQ3 G . -19.16 -38.40 -5.83
C20 XQ3 G . -15.94 -33.16 -11.58
C21 XQ3 G . -14.59 -33.57 -10.98
C24 XQ3 G . -16.29 -35.54 -12.29
C26 XQ3 G . -12.39 -35.13 -9.71
CL34 XQ3 G . -16.11 -36.38 -7.31
CL37 XQ3 G . -17.66 -32.22 -4.13
C01 XQ3 G . -22.59 -34.75 -12.75
C02 XQ3 G . -21.14 -35.20 -12.75
C03 XQ3 G . -21.07 -36.67 -13.14
C04 XQ3 G . -20.58 -34.97 -11.35
C05 XQ3 G . -19.12 -35.42 -11.19
N06 XQ3 G . -19.03 -36.07 -9.90
C07 XQ3 G . -19.26 -37.48 -9.73
C08 XQ3 G . -19.14 -38.03 -8.31
C09 XQ3 G . -18.72 -39.33 -7.98
C11 XQ3 G . -18.69 -40.76 -5.85
C12 XQ3 G . -18.86 -40.75 -4.46
C14 XQ3 G . -19.32 -38.41 -4.46
S16 XQ3 G . -19.31 -36.98 -6.90
O17 XQ3 G . -19.53 -38.18 -10.64
C18 XQ3 G . -18.16 -34.24 -11.15
N19 XQ3 G . -16.80 -34.32 -11.67
N22 XQ3 G . -14.16 -34.82 -11.57
C23 XQ3 G . -14.85 -35.30 -12.74
C25 XQ3 G . -13.08 -35.60 -10.98
C27 XQ3 G . -11.09 -35.88 -9.47
O28 XQ3 G . -10.16 -35.02 -8.86
N29 XQ3 G . -13.40 -35.42 -8.72
S30 XQ3 G . -13.10 -35.51 -7.03
O31 XQ3 G . -13.18 -36.89 -6.58
C32 XQ3 G . -14.38 -34.55 -6.20
C33 XQ3 G . -15.71 -34.95 -6.33
C35 XQ3 G . -16.70 -34.24 -5.69
C36 XQ3 G . -16.37 -33.13 -4.94
C38 XQ3 G . -15.07 -32.73 -4.79
C39 XQ3 G . -14.06 -33.43 -5.42
O40 XQ3 G . -11.74 -35.12 -6.67
O41 XQ3 G . -12.76 -36.64 -11.47
O42 XQ3 G . -18.52 -33.22 -10.66
C10 XQ3 H . -32.96 -0.22 29.61
C13 XQ3 H . -31.05 -1.25 31.36
C15 XQ3 H . -31.61 0.22 29.59
C20 XQ3 H . -31.87 2.73 21.55
C21 XQ3 H . -31.74 1.24 21.24
C24 XQ3 H . -34.07 2.25 22.65
C26 XQ3 H . -31.96 -1.74 21.36
CL34 XQ3 H . -31.20 -0.54 25.74
CL37 XQ3 H . -26.01 1.04 26.27
C01 XQ3 H . -33.84 7.66 26.02
C02 XQ3 H . -34.16 6.34 25.33
C03 XQ3 H . -35.49 5.81 25.86
C04 XQ3 H . -33.02 5.37 25.62
C05 XQ3 H . -33.23 3.98 25.01
N06 XQ3 H . -32.78 3.03 26.02
C07 XQ3 H . -33.68 2.48 27.02
C08 XQ3 H . -33.09 1.50 28.02
C09 XQ3 H . -33.79 0.45 28.62
C11 XQ3 H . -33.32 -1.19 30.54
C12 XQ3 H . -32.36 -1.69 31.40
C14 XQ3 H . -30.68 -0.29 30.45
S16 XQ3 H . -31.35 1.45 28.35
O17 XQ3 H . -34.82 2.81 27.07
C18 XQ3 H . -32.35 3.75 23.79
N19 XQ3 H . -32.77 2.91 22.68
N22 XQ3 H . -33.05 0.61 21.31
C23 XQ3 H . -34.21 1.46 21.37
C25 XQ3 H . -33.20 -0.84 21.36
C27 XQ3 H . -32.34 -3.18 21.06
O28 XQ3 H . -31.31 -3.80 20.35
N29 XQ3 H . -31.49 -1.55 22.71
S30 XQ3 H . -30.38 -2.59 23.50
O31 XQ3 H . -31.06 -3.36 24.54
C32 XQ3 H . -29.11 -1.57 24.28
C33 XQ3 H . -29.49 -0.66 25.26
C35 XQ3 H . -28.53 0.12 25.86
C36 XQ3 H . -27.22 0.02 25.48
C38 XQ3 H . -26.83 -0.87 24.51
C39 XQ3 H . -27.77 -1.66 23.89
O40 XQ3 H . -29.83 -3.63 22.62
O41 XQ3 H . -34.28 -1.32 21.44
O42 XQ3 H . -31.27 4.25 23.75
C10 XQ3 I . 20.43 11.65 37.56
C13 XQ3 I . 20.92 8.92 37.84
C15 XQ3 I . 20.73 10.83 36.44
C20 XQ3 I . 16.93 15.83 30.84
C21 XQ3 I . 15.65 15.20 31.38
C24 XQ3 I . 17.35 16.79 33.11
C26 XQ3 I . 13.59 13.99 33.18
CL34 XQ3 I . 17.50 11.92 34.47
CL37 XQ3 I . 19.02 8.41 30.58
C01 XQ3 I . 23.58 17.49 31.92
C02 XQ3 I . 22.15 17.47 32.45
C03 XQ3 I . 22.14 18.00 33.88
C04 XQ3 I . 21.66 16.02 32.40
C05 XQ3 I . 20.24 15.83 32.95
N06 XQ3 I . 20.25 14.62 33.72
C07 XQ3 I . 20.56 14.60 35.14
C08 XQ3 I . 20.56 13.25 35.83
C09 XQ3 I . 20.22 13.04 37.18
C11 XQ3 I . 20.38 11.07 38.82
C12 XQ3 I . 20.63 9.70 38.95
C14 XQ3 I . 20.97 9.48 36.59
S16 XQ3 I . 20.75 11.74 34.93
O17 XQ3 I . 20.82 15.60 35.72
C18 XQ3 I . 19.23 15.62 31.83
N19 XQ3 I . 17.85 16.08 31.93
N22 XQ3 I . 15.24 15.89 32.59
C23 XQ3 I . 15.89 17.14 32.91
C25 XQ3 I . 14.23 15.34 33.49
C27 XQ3 I . 12.36 13.77 34.03
O28 XQ3 I . 11.42 13.02 33.30
N29 XQ3 I . 14.67 13.09 33.52
S30 XQ3 I . 14.48 11.41 33.80
O31 XQ3 I . 14.65 11.11 35.22
C32 XQ3 I . 15.75 10.54 32.87
C33 XQ3 I . 17.09 10.77 33.17
C35 XQ3 I . 18.07 10.12 32.47
C36 XQ3 I . 17.73 9.25 31.48
C38 XQ3 I . 16.42 8.99 31.15
C39 XQ3 I . 15.42 9.63 31.86
O40 XQ3 I . 13.12 10.93 33.52
O41 XQ3 I . 13.94 15.92 34.48
O42 XQ3 I . 19.56 15.03 30.85
#